data_7BSQ
#
_entry.id   7BSQ
#
_cell.length_a   1.00
_cell.length_b   1.00
_cell.length_c   1.00
_cell.angle_alpha   90.00
_cell.angle_beta   90.00
_cell.angle_gamma   90.00
#
_symmetry.space_group_name_H-M   'P 1'
#
loop_
_entity.id
_entity.type
_entity.pdbx_description
1 polymer ATP11C
2 polymer CDC50A
3 branched alpha-D-mannopyranose-(1-3)-2-acetamido-2-deoxy-beta-D-glucopyranose-(1-4)-2-acetamido-2-deoxy-beta-D-glucopyranose
4 non-polymer 'TETRAFLUOROALUMINATE ION'
5 non-polymer "ADENOSINE-5'-DIPHOSPHATE"
6 non-polymer 'MAGNESIUM ION'
7 non-polymer 2-acetamido-2-deoxy-beta-D-glucopyranose
#
loop_
_entity_poly.entity_id
_entity_poly.type
_entity_poly.pdbx_seq_one_letter_code
_entity_poly.pdbx_strand_id
1 'polypeptide(L)'
;RFCAGEEKRVGTRTVFVGNHPVSETEAYIAQRFCDNRIVSSKYTLWNFLPKNLFEQFRRIANFYFLIIFLVQVTVDTPTS
PVTSGLPLFFVITVTAIKQGYEDWLRHRADNEVNKSTVYIIENAKRVRKESEKIKVGDVVEVQADETFPCDLILLSSCTT
DGTCYVTTASLDGESNCKTHYAVRDTIALCTAESIDTLRAAIECEQPQPDLYKFVGRINIYSNSLEAVARSLGPENLLLK
GATLKNTEKIYGVAVYTGMETKMALNYQGKSQKRSAVEKSINAFLIVYLFILLTKAAVCTTLKYVWQSTPYNDEPWYNQK
TQKERETLKVLKMFTDFLSFMVLFNFIIPVSMYVTVEMQKFLGSFFISWDKDFYDEEINEGALVNTSDLNEELGQVDYVF
TDKTGTLTENSMEFIECCIDGHKYKGVTQEVDGLSQTDGTLTYFDKVDKNREELFLRALCLCHTVEIKTNDAVDGATESA
ELTYISSSPDEIALVKGAKRYGFTFLGNRNGYMRVENQRKEIEEYELLHTLNFDAVRRRMSVIVKTQEGDILLFCKGADS
AVFPRVQNHEIELTKVHVERNAMDGYRTLCVAFKEIAPDDYERINRQLIEAKMALQDREEKMEKVFDDIETNMNLIGATA
VEDKLQDQAAETIEALHAAGLKVWVLTGDKMETAKSTCYACRLFQTNTELLELTTKTIEESERKEDRLHELLIEYRKKLL
HEFPKSTRSFKKAWTEHQEYGLIIDGSTLSLILNSSQDSSSNNYKSIFLQICMKCTAVLCCRMAPLQKAQIVRMVKNLKG
SPITLSIGDGANDVSMILESHVGIGIKGKEGRQAARNSDYSVPKFKHLKKLLLAHGHLYYVRIAHLVQYFFYKNLCFILP
QFLYQFFCGFSQQPLYDAAYLTMYNICFTSLPILAYSLLEQHINIDTLTSDPRLYMKISGNAMLQLGPFLYWTFLAAFEG
TVFFFGTYFLFQTASLEENGKVYGNWTFGTIVFTVLVFTVTLKLALDTRFWTWINHFVIWGSLAFYVFFSFFWGGIIWPF
LKQQRMYFVFAQMLSSVSTWLAIILLIFISLFPEILLIVLKNVR
;
A
2 'polypeptide(L)'
;MAMNYNAKDEVDGGPPCAPGGTAKTRRPDNTAFKQQRLPAWQPILTAGTVLPIFFIIGLIFIPIGIGIFVTSNNIREIEI
DYTGTEPSSPCNKCLSPDVTPCFCTINFTLEKSFEGNVFMYYGLSNFYQNHRRYVKSRDDSQLNGDSSALLNPSKECEPY
RRNEDKPIAPCGAIMNSMFNDTLELFLIGQDSYPIPIALKKKGIAWWTDKNVKFRNPPGGDNLEERFKGTTKPVNWLKPV
YMLDSDPDNNGFINEDFIVWMRTAALPTFRKLYRLIERKSDLHPTLPAGRYWLNVTYNYPVHYFDGRKRMILSTISWMGG
KNPFLGIAYIAVGSISFLLGVVLLVINHKYRNSSNTADITI
;
C
#
loop_
_chem_comp.id
_chem_comp.type
_chem_comp.name
_chem_comp.formula
ADP non-polymer ADENOSINE-5'-DIPHOSPHATE 'C10 H15 N5 O10 P2'
ALF non-polymer 'TETRAFLUOROALUMINATE ION' 'Al F4 -1'
MAN D-saccharide, alpha linking alpha-D-mannopyranose 'C6 H12 O6'
MG non-polymer 'MAGNESIUM ION' 'Mg 2'
NAG D-saccharide, beta linking 2-acetamido-2-deoxy-beta-D-glucopyranose 'C8 H15 N O6'
#
# COMPACT_ATOMS: atom_id res chain seq x y z
N THR A 12 17.53 35.41 -16.19
CA THR A 12 18.66 36.29 -15.90
C THR A 12 18.21 37.52 -15.12
N ARG A 13 18.20 37.40 -13.80
CA ARG A 13 17.73 38.48 -12.94
C ARG A 13 18.88 39.41 -12.60
N THR A 14 18.57 40.68 -12.41
CA THR A 14 19.57 41.71 -12.16
C THR A 14 19.22 42.45 -10.88
N VAL A 15 19.85 42.08 -9.78
CA VAL A 15 19.62 42.68 -8.48
C VAL A 15 20.59 43.82 -8.29
N PHE A 16 20.21 44.81 -7.48
CA PHE A 16 21.09 45.91 -7.12
C PHE A 16 21.26 45.93 -5.62
N VAL A 17 22.52 45.96 -5.16
CA VAL A 17 22.84 45.52 -3.80
C VAL A 17 21.94 46.20 -2.79
N GLY A 18 22.11 47.50 -2.61
CA GLY A 18 21.33 48.09 -1.56
C GLY A 18 19.92 48.44 -1.91
N ASN A 19 19.47 48.07 -3.12
CA ASN A 19 18.20 48.52 -3.65
C ASN A 19 18.20 50.00 -3.98
N HIS A 20 19.39 50.59 -4.08
CA HIS A 20 19.66 51.93 -4.58
C HIS A 20 20.24 51.87 -5.98
N PRO A 21 19.82 52.76 -6.87
CA PRO A 21 20.10 52.59 -8.30
C PRO A 21 21.59 52.71 -8.59
N VAL A 22 21.94 52.37 -9.83
CA VAL A 22 23.31 52.50 -10.30
C VAL A 22 23.55 53.91 -10.81
N GLN A 31 11.60 44.78 -7.40
CA GLN A 31 10.15 44.87 -7.36
C GLN A 31 9.54 43.71 -8.13
N ARG A 32 10.21 43.32 -9.21
CA ARG A 32 9.73 42.21 -10.03
C ARG A 32 9.79 40.87 -9.31
N PHE A 33 10.28 40.85 -8.07
CA PHE A 33 10.74 39.62 -7.43
C PHE A 33 9.83 39.18 -6.30
N CYS A 34 9.91 37.90 -5.97
CA CYS A 34 9.06 37.28 -4.97
C CYS A 34 9.31 37.87 -3.59
N ASP A 35 8.59 37.38 -2.59
CA ASP A 35 8.75 37.83 -1.23
C ASP A 35 9.18 36.67 -0.35
N ASN A 36 10.00 36.98 0.66
CA ASN A 36 10.65 35.93 1.43
C ASN A 36 9.65 35.22 2.34
N ARG A 37 8.75 34.44 1.74
CA ARG A 37 7.82 33.62 2.52
C ARG A 37 7.72 32.25 1.86
N ILE A 38 8.16 31.23 2.56
CA ILE A 38 8.05 29.86 2.06
C ILE A 38 6.72 29.29 2.53
N VAL A 39 6.07 28.54 1.64
CA VAL A 39 4.86 27.80 1.97
C VAL A 39 5.10 26.36 1.53
N SER A 40 5.38 25.49 2.48
CA SER A 40 5.61 24.09 2.16
C SER A 40 4.34 23.25 2.18
N SER A 41 3.27 23.76 2.80
CA SER A 41 2.01 23.04 2.89
C SER A 41 1.37 22.91 1.53
N LYS A 42 0.22 22.24 1.49
CA LYS A 42 -0.59 22.04 0.29
C LYS A 42 -1.87 22.84 0.32
N TYR A 43 -2.56 22.83 1.46
CA TYR A 43 -3.90 23.37 1.60
C TYR A 43 -3.85 24.74 2.24
N THR A 44 -5.00 25.24 2.62
CA THR A 44 -5.15 26.49 3.35
C THR A 44 -6.27 26.27 4.35
N LEU A 45 -6.63 27.30 5.09
CA LEU A 45 -7.78 27.12 5.96
C LEU A 45 -9.10 27.28 5.21
N TRP A 46 -9.07 27.77 3.97
CA TRP A 46 -10.28 28.00 3.21
C TRP A 46 -10.42 27.12 2.00
N ASN A 47 -9.41 26.35 1.62
CA ASN A 47 -9.60 25.37 0.56
C ASN A 47 -9.05 24.02 0.98
N PHE A 48 -9.34 23.62 2.22
CA PHE A 48 -8.99 22.27 2.66
C PHE A 48 -10.00 21.26 2.13
N LEU A 49 -11.27 21.46 2.43
CA LEU A 49 -12.26 20.54 1.94
C LEU A 49 -12.28 20.60 0.41
N PRO A 50 -12.71 21.69 -0.18
CA PRO A 50 -12.79 21.75 -1.65
C PRO A 50 -11.59 21.17 -2.37
N LYS A 51 -10.48 21.00 -1.68
CA LYS A 51 -9.26 20.52 -2.31
C LYS A 51 -8.89 19.12 -1.86
N ASN A 52 -9.29 18.71 -0.66
CA ASN A 52 -9.04 17.35 -0.25
C ASN A 52 -10.11 16.40 -0.79
N LEU A 53 -11.37 16.79 -0.67
CA LEU A 53 -12.44 15.97 -1.19
C LEU A 53 -12.27 15.72 -2.68
N PHE A 54 -12.00 16.78 -3.45
CA PHE A 54 -11.86 16.57 -4.87
C PHE A 54 -10.77 15.57 -5.19
N GLU A 55 -9.72 15.53 -4.39
CA GLU A 55 -8.59 14.67 -4.70
C GLU A 55 -8.77 13.27 -4.16
N GLN A 56 -9.65 13.09 -3.19
CA GLN A 56 -10.06 11.75 -2.77
C GLN A 56 -11.04 11.16 -3.77
N PHE A 57 -12.17 11.82 -3.97
CA PHE A 57 -13.26 11.36 -4.83
C PHE A 57 -12.87 11.26 -6.21
N ARG A 58 -11.61 11.38 -6.53
CA ARG A 58 -11.13 11.16 -7.87
C ARG A 58 -10.64 9.75 -8.07
N ARG A 59 -10.74 8.90 -7.05
CA ARG A 59 -10.25 7.54 -7.11
C ARG A 59 -11.36 6.56 -7.44
N ILE A 60 -11.04 5.54 -8.22
CA ILE A 60 -12.01 4.63 -8.81
C ILE A 60 -13.09 4.18 -7.85
N ALA A 61 -12.76 4.02 -6.56
CA ALA A 61 -13.73 3.51 -5.61
C ALA A 61 -14.41 4.59 -4.79
N ASN A 62 -13.73 5.69 -4.51
CA ASN A 62 -14.39 6.81 -3.85
C ASN A 62 -15.47 7.39 -4.75
N PHE A 63 -15.19 7.50 -6.05
CA PHE A 63 -16.19 7.99 -6.98
C PHE A 63 -17.33 7.01 -7.13
N TYR A 64 -17.02 5.72 -7.16
CA TYR A 64 -18.05 4.69 -7.24
C TYR A 64 -19.00 4.78 -6.05
N PHE A 65 -18.47 4.92 -4.84
CA PHE A 65 -19.37 4.98 -3.69
C PHE A 65 -20.08 6.31 -3.59
N LEU A 66 -19.52 7.39 -4.12
CA LEU A 66 -20.30 8.62 -4.17
C LEU A 66 -21.46 8.50 -5.15
N ILE A 67 -21.21 7.89 -6.31
CA ILE A 67 -22.28 7.61 -7.26
C ILE A 67 -23.37 6.78 -6.60
N ILE A 68 -22.98 5.72 -5.90
CA ILE A 68 -23.97 4.87 -5.24
C ILE A 68 -24.76 5.67 -4.20
N PHE A 69 -24.09 6.51 -3.44
CA PHE A 69 -24.81 7.27 -2.42
C PHE A 69 -25.81 8.21 -3.06
N LEU A 70 -25.47 8.81 -4.20
CA LEU A 70 -26.40 9.73 -4.83
C LEU A 70 -27.58 9.00 -5.44
N VAL A 71 -27.31 7.86 -6.10
CA VAL A 71 -28.38 7.00 -6.59
C VAL A 71 -29.28 6.53 -5.47
N GLN A 72 -28.74 6.34 -4.28
CA GLN A 72 -29.57 5.95 -3.14
C GLN A 72 -30.42 7.10 -2.65
N VAL A 73 -29.89 8.31 -2.69
CA VAL A 73 -30.61 9.45 -2.13
C VAL A 73 -31.69 9.95 -3.08
N THR A 74 -31.52 9.77 -4.39
CA THR A 74 -32.51 10.26 -5.34
C THR A 74 -33.59 9.23 -5.65
N VAL A 75 -33.18 8.03 -6.02
CA VAL A 75 -34.07 6.91 -6.33
C VAL A 75 -34.57 6.28 -5.04
N ASP A 76 -35.51 5.34 -5.15
CA ASP A 76 -35.89 4.47 -4.05
C ASP A 76 -35.24 3.10 -4.27
N THR A 77 -34.50 2.64 -3.27
CA THR A 77 -33.60 1.52 -3.40
C THR A 77 -33.82 0.51 -2.27
N PRO A 78 -33.20 -0.66 -2.37
CA PRO A 78 -33.42 -1.70 -1.36
C PRO A 78 -32.87 -1.34 0.00
N THR A 79 -31.63 -0.85 -0.01
CA THR A 79 -30.82 -0.60 1.17
C THR A 79 -30.82 0.88 1.50
N SER A 80 -30.98 1.22 2.78
CA SER A 80 -31.07 2.58 3.27
C SER A 80 -29.89 3.40 2.77
N PRO A 81 -29.97 4.75 2.79
CA PRO A 81 -28.83 5.55 2.33
C PRO A 81 -27.69 5.60 3.31
N VAL A 82 -27.95 5.35 4.60
CA VAL A 82 -26.88 5.33 5.58
C VAL A 82 -25.90 4.21 5.30
N THR A 83 -26.37 3.06 4.84
CA THR A 83 -25.46 1.94 4.67
C THR A 83 -24.40 2.19 3.62
N SER A 84 -24.50 3.25 2.83
CA SER A 84 -23.48 3.54 1.84
C SER A 84 -22.80 4.89 2.04
N GLY A 85 -23.33 5.72 2.91
CA GLY A 85 -22.79 7.03 3.12
C GLY A 85 -22.30 7.23 4.53
N LEU A 86 -22.50 6.25 5.39
CA LEU A 86 -21.84 6.25 6.68
C LEU A 86 -20.48 5.57 6.55
N PRO A 87 -20.40 4.44 5.88
CA PRO A 87 -19.09 3.87 5.57
C PRO A 87 -18.23 4.74 4.68
N LEU A 88 -18.76 5.76 4.04
CA LEU A 88 -17.98 6.65 3.20
C LEU A 88 -17.68 7.98 3.86
N PHE A 89 -18.64 8.59 4.54
CA PHE A 89 -18.33 9.77 5.33
C PHE A 89 -17.27 9.48 6.37
N PHE A 90 -16.98 8.22 6.64
CA PHE A 90 -15.96 7.84 7.61
C PHE A 90 -14.62 7.59 6.94
N VAL A 91 -14.58 6.69 5.96
CA VAL A 91 -13.38 6.47 5.19
C VAL A 91 -12.86 7.76 4.59
N ILE A 92 -13.71 8.76 4.43
CA ILE A 92 -13.31 10.04 3.83
C ILE A 92 -12.87 11.03 4.89
N THR A 93 -13.53 11.06 6.04
CA THR A 93 -13.16 11.94 7.13
C THR A 93 -11.99 11.43 7.93
N VAL A 94 -11.62 10.17 7.78
CA VAL A 94 -10.40 9.66 8.41
C VAL A 94 -9.18 10.05 7.59
N THR A 95 -9.24 9.88 6.27
CA THR A 95 -8.16 10.34 5.42
C THR A 95 -8.06 11.87 5.45
N ALA A 96 -9.18 12.57 5.52
CA ALA A 96 -9.10 14.01 5.59
C ALA A 96 -8.46 14.46 6.87
N ILE A 97 -8.78 13.82 7.99
CA ILE A 97 -8.12 14.20 9.24
C ILE A 97 -6.63 13.89 9.17
N LYS A 98 -6.29 12.71 8.68
CA LYS A 98 -4.88 12.35 8.56
C LYS A 98 -4.12 13.40 7.76
N GLN A 99 -4.60 13.72 6.55
CA GLN A 99 -3.86 14.62 5.68
C GLN A 99 -3.93 16.07 6.17
N GLY A 100 -5.05 16.48 6.72
CA GLY A 100 -5.14 17.83 7.25
C GLY A 100 -4.23 18.07 8.43
N TYR A 101 -4.02 17.05 9.27
CA TYR A 101 -3.05 17.22 10.35
C TYR A 101 -1.63 17.14 9.82
N GLU A 102 -1.34 16.11 9.04
CA GLU A 102 -0.05 15.99 8.41
C GLU A 102 0.29 17.19 7.55
N ASP A 103 -0.63 18.14 7.38
CA ASP A 103 -0.32 19.42 6.76
C ASP A 103 -0.39 20.61 7.71
N TRP A 104 -1.17 20.53 8.79
CA TRP A 104 -1.02 21.53 9.83
C TRP A 104 0.38 21.52 10.38
N LEU A 105 1.03 20.36 10.32
CA LEU A 105 2.44 20.30 10.68
C LEU A 105 3.27 21.17 9.76
N ARG A 106 3.05 21.08 8.45
CA ARG A 106 3.82 21.91 7.52
C ARG A 106 3.54 23.38 7.73
N HIS A 107 2.29 23.74 8.01
CA HIS A 107 1.97 25.13 8.30
C HIS A 107 2.75 25.62 9.52
N ARG A 108 2.72 24.84 10.60
CA ARG A 108 3.46 25.17 11.81
C ARG A 108 4.95 25.36 11.52
N ALA A 109 5.53 24.44 10.74
CA ALA A 109 6.96 24.50 10.45
C ALA A 109 7.31 25.71 9.60
N ASP A 110 6.55 25.95 8.53
CA ASP A 110 6.80 27.14 7.72
C ASP A 110 6.72 28.39 8.57
N ASN A 111 5.77 28.43 9.51
CA ASN A 111 5.64 29.60 10.34
C ASN A 111 6.88 29.81 11.19
N GLU A 112 7.38 28.73 11.80
CA GLU A 112 8.60 28.84 12.59
C GLU A 112 9.77 29.29 11.75
N VAL A 113 9.89 28.75 10.53
CA VAL A 113 11.05 29.09 9.69
C VAL A 113 11.02 30.55 9.29
N ASN A 114 9.90 31.02 8.75
CA ASN A 114 9.84 32.36 8.19
C ASN A 114 9.09 33.32 9.11
N LYS A 115 9.19 33.10 10.41
CA LYS A 115 8.79 34.13 11.36
C LYS A 115 9.88 34.33 12.40
N SER A 116 11.14 34.24 11.97
CA SER A 116 12.29 34.43 12.83
C SER A 116 13.00 35.70 12.44
N THR A 117 13.43 36.48 13.43
CA THR A 117 13.98 37.80 13.16
C THR A 117 15.27 37.71 12.38
N VAL A 118 15.51 38.70 11.51
CA VAL A 118 16.76 38.75 10.75
C VAL A 118 17.12 40.20 10.45
N TYR A 119 18.25 40.66 11.00
CA TYR A 119 18.61 42.06 10.91
C TYR A 119 19.04 42.43 9.49
N ILE A 120 18.63 43.63 9.06
CA ILE A 120 18.91 44.13 7.73
C ILE A 120 19.53 45.51 7.83
N ILE A 121 20.56 45.75 7.04
CA ILE A 121 21.26 47.04 7.02
C ILE A 121 20.52 47.90 6.00
N GLU A 122 19.50 48.62 6.46
CA GLU A 122 18.65 49.35 5.52
C GLU A 122 19.38 50.57 4.97
N ASN A 123 19.67 51.55 5.83
CA ASN A 123 20.49 52.69 5.43
C ASN A 123 21.22 53.15 6.69
N ALA A 124 22.43 52.61 6.89
CA ALA A 124 23.17 52.85 8.12
C ALA A 124 22.32 52.55 9.34
N LYS A 125 21.34 51.67 9.19
CA LYS A 125 20.40 51.35 10.26
C LYS A 125 20.19 49.85 10.29
N ARG A 126 20.50 49.23 11.43
CA ARG A 126 20.43 47.78 11.56
C ARG A 126 19.02 47.39 12.04
N VAL A 127 18.06 47.49 11.11
CA VAL A 127 16.69 47.16 11.46
C VAL A 127 16.60 45.66 11.76
N ARG A 128 15.56 45.28 12.50
CA ARG A 128 15.31 43.87 12.81
C ARG A 128 13.94 43.48 12.27
N LYS A 129 13.91 43.13 10.99
CA LYS A 129 12.67 42.67 10.37
C LYS A 129 12.48 41.18 10.66
N GLU A 130 11.47 40.59 10.06
CA GLU A 130 11.22 39.17 10.13
C GLU A 130 11.58 38.53 8.80
N SER A 131 12.02 37.28 8.85
CA SER A 131 12.53 36.64 7.65
C SER A 131 11.53 36.67 6.51
N GLU A 132 10.26 36.93 6.79
CA GLU A 132 9.23 36.99 5.77
C GLU A 132 9.17 38.33 5.06
N LYS A 133 9.91 39.33 5.54
CA LYS A 133 9.85 40.67 4.99
C LYS A 133 11.15 41.06 4.29
N ILE A 134 11.97 40.08 3.95
CA ILE A 134 13.22 40.30 3.23
C ILE A 134 12.94 40.26 1.74
N LYS A 135 13.55 41.16 1.00
CA LYS A 135 13.32 41.25 -0.43
C LYS A 135 14.66 41.22 -1.16
N VAL A 136 14.65 40.64 -2.36
CA VAL A 136 15.86 40.48 -3.16
C VAL A 136 16.65 41.77 -3.20
N GLY A 137 17.90 41.70 -2.78
CA GLY A 137 18.80 42.84 -2.87
C GLY A 137 18.80 43.73 -1.65
N ASP A 138 19.01 43.16 -0.47
CA ASP A 138 19.14 43.97 0.73
C ASP A 138 20.08 43.28 1.70
N VAL A 139 20.99 44.05 2.28
CA VAL A 139 22.12 43.48 3.01
C VAL A 139 21.62 42.86 4.31
N VAL A 140 21.52 41.56 4.33
CA VAL A 140 21.19 40.81 5.53
C VAL A 140 22.44 40.66 6.38
N GLU A 141 22.27 40.66 7.70
CA GLU A 141 23.41 40.49 8.61
C GLU A 141 23.16 39.28 9.49
N VAL A 142 23.92 38.22 9.27
CA VAL A 142 23.72 36.96 9.98
C VAL A 142 24.81 36.81 11.04
N GLN A 143 24.39 36.57 12.28
CA GLN A 143 25.29 36.31 13.38
C GLN A 143 25.69 34.84 13.35
N ALA A 144 26.41 34.38 14.37
CA ALA A 144 26.92 33.03 14.40
C ALA A 144 25.87 32.03 14.88
N ASP A 145 25.95 30.83 14.33
CA ASP A 145 25.00 29.74 14.58
C ASP A 145 23.59 30.08 14.12
N GLU A 146 23.44 31.13 13.31
CA GLU A 146 22.14 31.57 12.82
C GLU A 146 21.99 31.10 11.39
N THR A 147 20.96 30.32 11.11
CA THR A 147 20.75 29.86 9.75
C THR A 147 20.55 31.05 8.83
N PHE A 148 20.63 30.80 7.54
CA PHE A 148 20.54 31.87 6.55
C PHE A 148 19.09 32.16 6.21
N PRO A 149 18.65 33.41 6.27
CA PRO A 149 17.24 33.67 5.98
C PRO A 149 16.86 33.40 4.53
N CYS A 150 17.78 33.62 3.60
CA CYS A 150 17.51 33.42 2.18
C CYS A 150 18.83 33.17 1.47
N ASP A 151 18.75 32.83 0.18
CA ASP A 151 19.97 32.57 -0.53
C ASP A 151 20.80 33.85 -0.56
N LEU A 152 21.83 33.94 0.26
CA LEU A 152 22.62 35.14 0.27
C LEU A 152 23.66 35.10 -0.83
N ILE A 153 24.54 36.10 -0.82
CA ILE A 153 25.79 36.06 -1.54
C ILE A 153 26.79 36.80 -0.66
N LEU A 154 27.70 36.05 -0.04
CA LEU A 154 28.50 36.59 1.04
C LEU A 154 29.32 37.74 0.51
N LEU A 155 28.91 38.96 0.85
CA LEU A 155 29.58 40.15 0.37
C LEU A 155 30.70 40.58 1.29
N SER A 156 30.79 40.00 2.49
CA SER A 156 31.81 40.41 3.44
C SER A 156 31.70 39.53 4.67
N SER A 157 32.68 39.68 5.55
CA SER A 157 32.59 39.09 6.88
C SER A 157 33.21 40.05 7.87
N CYS A 158 33.34 39.63 9.12
CA CYS A 158 34.14 40.42 10.04
C CYS A 158 35.62 40.16 9.83
N THR A 159 36.05 38.92 10.07
CA THR A 159 37.43 38.55 9.86
C THR A 159 37.84 38.78 8.41
N THR A 160 39.12 39.07 8.21
CA THR A 160 39.65 39.17 6.87
C THR A 160 39.68 37.79 6.24
N ASP A 161 40.28 37.70 5.05
CA ASP A 161 40.37 36.42 4.36
C ASP A 161 39.00 36.05 3.78
N GLY A 162 37.98 36.85 4.10
CA GLY A 162 36.67 36.71 3.49
C GLY A 162 36.19 35.28 3.31
N THR A 163 35.99 34.56 4.41
CA THR A 163 35.47 33.20 4.33
C THR A 163 34.56 32.94 5.50
N CYS A 164 33.62 32.02 5.29
CA CYS A 164 32.68 31.65 6.34
C CYS A 164 32.44 30.14 6.25
N TYR A 165 32.11 29.53 7.38
CA TYR A 165 31.93 28.09 7.43
C TYR A 165 30.44 27.79 7.55
N VAL A 166 29.90 27.09 6.56
CA VAL A 166 28.49 26.76 6.48
C VAL A 166 28.33 25.26 6.55
N THR A 167 27.30 24.80 7.25
CA THR A 167 27.09 23.37 7.45
C THR A 167 25.65 23.05 7.12
N THR A 168 25.41 22.53 5.92
CA THR A 168 24.06 22.25 5.46
C THR A 168 23.50 21.00 6.14
N ALA A 169 23.53 21.01 7.46
CA ALA A 169 23.07 19.85 8.21
C ALA A 169 21.63 19.49 7.92
N SER A 170 20.91 20.31 7.17
CA SER A 170 19.50 20.05 6.91
C SER A 170 19.17 19.93 5.44
N LEU A 171 19.82 20.71 4.58
CA LEU A 171 19.48 20.69 3.15
C LEU A 171 19.69 19.31 2.55
N ASP A 172 20.94 18.85 2.53
CA ASP A 172 21.28 17.57 1.93
C ASP A 172 21.82 16.57 2.94
N GLY A 173 21.59 16.82 4.23
CA GLY A 173 21.96 15.89 5.27
C GLY A 173 23.39 15.97 5.76
N GLU A 174 24.30 16.55 4.97
CA GLU A 174 25.71 16.52 5.31
C GLU A 174 25.95 17.16 6.67
N SER A 175 27.14 16.89 7.23
CA SER A 175 27.49 17.46 8.52
C SER A 175 28.95 17.91 8.59
N ASN A 176 29.57 18.22 7.45
CA ASN A 176 30.90 18.78 7.43
C ASN A 176 30.82 20.28 7.20
N CYS A 177 31.76 21.03 7.78
CA CYS A 177 31.75 22.47 7.71
C CYS A 177 32.37 22.92 6.39
N LYS A 178 31.57 23.02 5.35
CA LYS A 178 32.10 23.51 4.09
C LYS A 178 32.44 24.99 4.23
N THR A 179 33.33 25.47 3.37
CA THR A 179 33.83 26.84 3.49
C THR A 179 33.47 27.62 2.23
N HIS A 180 32.85 28.79 2.42
CA HIS A 180 32.40 29.64 1.34
C HIS A 180 33.17 30.96 1.37
N TYR A 181 33.30 31.56 0.20
CA TYR A 181 34.18 32.69 -0.03
C TYR A 181 33.40 33.95 -0.32
N ALA A 182 33.93 35.07 0.15
CA ALA A 182 33.27 36.36 -0.01
C ALA A 182 33.48 36.84 -1.45
N VAL A 183 33.14 38.09 -1.70
CA VAL A 183 33.50 38.79 -2.93
C VAL A 183 34.62 39.75 -2.57
N ARG A 184 35.76 39.62 -3.26
CA ARG A 184 36.98 40.28 -2.82
C ARG A 184 36.77 41.78 -2.65
N ASP A 185 36.35 42.45 -3.72
CA ASP A 185 36.25 43.91 -3.68
C ASP A 185 35.38 44.41 -2.53
N THR A 186 34.68 43.51 -1.85
CA THR A 186 33.71 43.91 -0.83
C THR A 186 34.18 43.67 0.60
N ILE A 187 35.14 42.76 0.82
CA ILE A 187 35.58 42.48 2.18
C ILE A 187 36.12 43.71 2.86
N ALA A 188 36.51 44.73 2.08
CA ALA A 188 36.87 46.01 2.66
C ALA A 188 35.70 46.67 3.35
N LEU A 189 34.47 46.29 3.00
CA LEU A 189 33.27 46.79 3.66
C LEU A 189 32.98 45.91 4.86
N CYS A 190 32.88 46.52 6.04
CA CYS A 190 32.69 45.76 7.26
C CYS A 190 31.95 46.64 8.26
N THR A 191 30.65 46.42 8.39
CA THR A 191 29.85 46.92 9.51
C THR A 191 29.69 48.43 9.55
N ALA A 192 30.40 49.16 8.68
CA ALA A 192 30.37 50.61 8.75
C ALA A 192 30.26 51.18 7.34
N GLU A 193 29.17 51.88 7.08
CA GLU A 193 28.89 52.45 5.76
C GLU A 193 29.04 51.42 4.64
N SER A 194 28.89 50.13 4.96
CA SER A 194 28.65 49.15 3.91
C SER A 194 27.42 49.51 3.11
N ILE A 195 26.60 50.43 3.63
CA ILE A 195 25.42 50.92 2.94
C ILE A 195 25.83 52.15 2.14
N ASP A 196 27.14 52.39 2.04
CA ASP A 196 27.60 53.55 1.30
C ASP A 196 27.42 53.32 -0.18
N THR A 197 26.17 53.23 -0.62
CA THR A 197 25.82 53.03 -2.02
C THR A 197 26.89 52.20 -2.73
N LEU A 198 27.13 51.02 -2.17
CA LEU A 198 28.05 50.09 -2.80
C LEU A 198 27.41 49.64 -4.11
N ARG A 199 27.69 50.36 -5.18
CA ARG A 199 27.00 50.10 -6.44
C ARG A 199 27.34 48.71 -6.96
N ALA A 200 26.31 47.91 -7.21
CA ALA A 200 26.51 46.57 -7.72
C ALA A 200 25.35 46.20 -8.64
N ALA A 201 25.53 45.13 -9.39
CA ALA A 201 24.49 44.63 -10.27
C ALA A 201 24.70 43.13 -10.42
N ILE A 202 24.03 42.36 -9.57
CA ILE A 202 24.33 40.94 -9.43
C ILE A 202 23.46 40.20 -10.43
N GLU A 203 23.96 40.09 -11.65
CA GLU A 203 23.26 39.34 -12.69
C GLU A 203 23.39 37.85 -12.41
N CYS A 204 22.27 37.19 -12.16
CA CYS A 204 22.28 35.79 -11.76
C CYS A 204 21.32 35.00 -12.63
N GLU A 205 21.64 33.73 -12.86
CA GLU A 205 20.76 32.87 -13.63
C GLU A 205 19.42 32.73 -12.90
N GLN A 206 18.43 32.24 -13.63
CA GLN A 206 17.11 32.07 -13.05
C GLN A 206 17.09 30.88 -12.09
N PRO A 207 16.32 30.97 -11.01
CA PRO A 207 16.38 29.94 -9.97
C PRO A 207 16.20 28.52 -10.49
N GLN A 208 17.17 27.67 -10.18
CA GLN A 208 17.23 26.25 -10.50
C GLN A 208 17.36 25.46 -9.21
N PRO A 209 16.72 24.31 -9.09
CA PRO A 209 16.76 23.58 -7.82
C PRO A 209 18.03 22.76 -7.65
N ASP A 210 19.05 23.08 -8.45
CA ASP A 210 20.20 22.21 -8.55
C ASP A 210 20.87 21.98 -7.20
N LEU A 211 20.85 22.97 -6.32
CA LEU A 211 21.33 22.90 -4.94
C LEU A 211 22.85 22.90 -4.88
N TYR A 212 23.54 22.78 -6.01
CA TYR A 212 25.00 22.80 -6.05
C TYR A 212 25.57 23.70 -7.12
N LYS A 213 24.80 24.06 -8.15
CA LYS A 213 25.26 24.92 -9.22
C LYS A 213 24.68 26.32 -9.06
N PHE A 214 25.38 27.29 -9.61
CA PHE A 214 24.94 28.69 -9.57
C PHE A 214 25.80 29.52 -10.50
N VAL A 215 25.16 30.30 -11.36
CA VAL A 215 25.84 31.07 -12.40
C VAL A 215 25.48 32.54 -12.19
N GLY A 216 26.48 33.38 -12.01
CA GLY A 216 26.22 34.78 -11.74
C GLY A 216 27.32 35.71 -12.22
N ARG A 217 27.27 36.96 -11.78
CA ARG A 217 28.29 37.93 -12.13
C ARG A 217 27.99 39.22 -11.40
N ILE A 218 29.04 39.87 -10.89
CA ILE A 218 28.89 41.12 -10.14
C ILE A 218 29.46 42.26 -10.95
N ASN A 219 29.02 43.46 -10.63
CA ASN A 219 29.45 44.67 -11.36
C ASN A 219 29.77 45.79 -10.39
N ILE A 220 30.57 45.49 -9.37
CA ILE A 220 30.92 46.51 -8.38
C ILE A 220 31.43 47.74 -9.10
N TYR A 221 30.85 48.89 -8.77
CA TYR A 221 31.25 50.17 -9.34
C TYR A 221 32.11 50.93 -8.34
N SER A 222 33.06 51.70 -8.86
CA SER A 222 33.89 52.55 -8.02
C SER A 222 33.22 53.90 -7.82
N ASN A 223 33.97 54.87 -7.30
CA ASN A 223 33.45 56.22 -7.19
C ASN A 223 33.31 56.87 -8.55
N SER A 224 34.31 56.67 -9.42
CA SER A 224 34.32 57.27 -10.75
C SER A 224 33.90 56.29 -11.82
N LEU A 225 34.62 55.17 -11.96
CA LEU A 225 34.30 54.18 -12.98
C LEU A 225 35.01 52.88 -12.65
N GLU A 226 34.25 51.80 -12.56
CA GLU A 226 34.79 50.48 -12.28
C GLU A 226 33.74 49.45 -12.65
N ALA A 227 34.20 48.29 -13.08
CA ALA A 227 33.29 47.19 -13.40
C ALA A 227 33.84 45.85 -12.97
N VAL A 228 34.84 45.90 -12.08
CA VAL A 228 35.53 44.68 -11.56
C VAL A 228 34.44 43.70 -11.09
N ALA A 229 34.03 42.80 -11.98
CA ALA A 229 32.97 41.83 -11.60
C ALA A 229 33.60 40.47 -11.35
N ARG A 230 33.44 39.95 -10.13
CA ARG A 230 33.98 38.62 -9.79
C ARG A 230 32.89 37.60 -10.09
N SER A 231 33.07 36.80 -11.14
CA SER A 231 32.04 35.79 -11.53
C SER A 231 31.74 34.91 -10.32
N LEU A 232 30.47 34.87 -9.89
CA LEU A 232 30.05 34.02 -8.79
C LEU A 232 29.91 32.56 -9.19
N GLY A 233 29.61 31.73 -8.19
CA GLY A 233 29.37 30.32 -8.41
C GLY A 233 28.70 29.75 -7.18
N PRO A 234 28.80 28.43 -6.98
CA PRO A 234 28.34 27.85 -5.73
C PRO A 234 29.31 28.05 -4.58
N GLU A 235 30.40 28.79 -4.81
CA GLU A 235 31.34 29.12 -3.75
C GLU A 235 30.90 30.31 -2.93
N ASN A 236 30.06 31.19 -3.48
CA ASN A 236 29.58 32.34 -2.74
C ASN A 236 28.18 32.15 -2.20
N LEU A 237 27.31 31.50 -2.93
CA LEU A 237 25.91 31.45 -2.56
C LEU A 237 25.75 30.62 -1.29
N LEU A 238 25.56 31.29 -0.16
CA LEU A 238 25.20 30.62 1.07
C LEU A 238 23.73 30.25 0.99
N LEU A 239 23.45 28.98 0.77
CA LEU A 239 22.08 28.55 0.54
C LEU A 239 21.20 28.96 1.71
N LYS A 240 19.89 28.83 1.49
CA LYS A 240 18.90 29.19 2.49
C LYS A 240 18.67 28.02 3.43
N GLY A 241 18.71 28.28 4.73
CA GLY A 241 18.55 27.23 5.70
C GLY A 241 19.78 26.39 5.94
N ALA A 242 20.96 26.93 5.66
CA ALA A 242 22.22 26.26 5.93
C ALA A 242 22.93 27.04 7.02
N THR A 243 23.03 26.44 8.21
CA THR A 243 23.57 27.12 9.37
C THR A 243 24.95 27.72 9.09
N LEU A 244 25.24 28.85 9.71
CA LEU A 244 26.57 29.44 9.67
C LEU A 244 27.32 29.07 10.95
N LYS A 245 28.51 28.49 10.79
CA LYS A 245 29.25 27.89 11.90
C LYS A 245 30.57 28.62 12.11
N ASN A 246 30.94 28.76 13.37
CA ASN A 246 32.27 29.21 13.78
C ASN A 246 32.76 30.38 12.94
N THR A 247 32.00 31.48 13.02
CA THR A 247 32.44 32.75 12.47
C THR A 247 31.85 33.86 13.33
N GLU A 248 32.18 35.10 12.99
CA GLU A 248 31.70 36.23 13.79
C GLU A 248 30.35 36.74 13.30
N LYS A 249 30.29 37.20 12.05
CA LYS A 249 29.05 37.67 11.46
C LYS A 249 29.31 38.00 10.01
N ILE A 250 28.30 37.80 9.18
CA ILE A 250 28.43 37.95 7.73
C ILE A 250 27.38 38.93 7.22
N TYR A 251 27.71 39.58 6.12
CA TYR A 251 26.78 40.41 5.38
C TYR A 251 26.53 39.77 4.03
N GLY A 252 25.26 39.64 3.66
CA GLY A 252 24.91 39.08 2.38
C GLY A 252 23.95 40.01 1.65
N VAL A 253 23.83 39.79 0.34
CA VAL A 253 22.86 40.52 -0.47
C VAL A 253 21.91 39.49 -1.06
N ALA A 254 20.81 39.23 -0.36
CA ALA A 254 19.85 38.23 -0.79
C ALA A 254 19.65 38.27 -2.29
N VAL A 255 19.62 37.11 -2.91
CA VAL A 255 19.49 36.99 -4.36
C VAL A 255 18.21 36.26 -4.75
N TYR A 256 17.93 35.14 -4.10
CA TYR A 256 16.66 34.45 -4.23
C TYR A 256 15.95 34.51 -2.89
N THR A 257 14.63 34.71 -2.90
CA THR A 257 13.93 35.16 -1.71
C THR A 257 12.77 34.26 -1.33
N GLY A 258 12.96 32.95 -1.32
CA GLY A 258 11.96 32.11 -0.70
C GLY A 258 10.83 31.72 -1.65
N MET A 259 10.68 30.42 -1.88
CA MET A 259 9.90 29.82 -2.95
C MET A 259 10.64 29.92 -4.28
N GLU A 260 11.75 30.64 -4.35
CA GLU A 260 12.65 30.56 -5.48
C GLU A 260 14.02 30.06 -5.09
N THR A 261 14.39 30.18 -3.82
CA THR A 261 15.67 29.66 -3.36
C THR A 261 15.67 28.15 -3.36
N LYS A 262 16.79 27.55 -3.73
CA LYS A 262 16.84 26.11 -3.95
C LYS A 262 16.26 25.32 -2.78
N MET A 263 16.60 25.72 -1.56
CA MET A 263 16.06 25.01 -0.39
C MET A 263 14.54 24.92 -0.48
N ALA A 264 13.89 25.93 -1.03
CA ALA A 264 12.45 25.93 -1.17
C ALA A 264 11.96 25.45 -2.53
N LEU A 265 12.84 25.35 -3.52
CA LEU A 265 12.46 24.83 -4.81
C LEU A 265 12.56 23.32 -4.88
N ASN A 266 13.23 22.70 -3.91
CA ASN A 266 13.33 21.25 -3.84
C ASN A 266 12.19 20.61 -3.08
N TYR A 267 11.01 21.23 -3.10
CA TYR A 267 9.84 20.63 -2.46
C TYR A 267 9.13 19.63 -3.36
N GLN A 268 9.56 19.48 -4.60
CA GLN A 268 8.92 18.58 -5.56
C GLN A 268 9.80 17.33 -5.69
N GLY A 269 9.43 16.27 -5.00
CA GLY A 269 10.22 15.05 -5.02
C GLY A 269 9.47 13.74 -4.98
N LYS A 270 8.27 13.68 -5.56
CA LYS A 270 7.37 12.55 -5.37
C LYS A 270 7.34 11.57 -6.54
N SER A 271 7.44 12.04 -7.78
CA SER A 271 6.92 11.31 -8.93
C SER A 271 7.79 10.13 -9.35
N GLN A 272 7.98 9.20 -8.42
CA GLN A 272 8.52 7.89 -8.79
C GLN A 272 7.70 6.80 -8.13
N LYS A 273 7.12 7.14 -6.99
CA LYS A 273 6.43 6.18 -6.13
C LYS A 273 5.17 5.70 -6.85
N ARG A 274 5.36 4.69 -7.69
CA ARG A 274 4.24 4.02 -8.37
C ARG A 274 4.62 2.55 -8.54
N SER A 275 4.11 1.71 -7.67
CA SER A 275 4.46 0.30 -7.63
C SER A 275 3.53 -0.51 -8.52
N ALA A 276 3.88 -1.78 -8.72
CA ALA A 276 3.07 -2.72 -9.48
C ALA A 276 2.00 -3.38 -8.64
N VAL A 277 1.93 -3.07 -7.35
CA VAL A 277 0.86 -3.48 -6.47
C VAL A 277 -0.14 -2.36 -6.24
N GLU A 278 -0.04 -1.27 -7.01
CA GLU A 278 -1.07 -0.27 -7.06
C GLU A 278 -1.81 -0.29 -8.37
N LYS A 279 -1.34 -1.06 -9.34
CA LYS A 279 -2.06 -1.33 -10.58
C LYS A 279 -2.80 -2.65 -10.54
N SER A 280 -2.33 -3.60 -9.73
CA SER A 280 -3.13 -4.79 -9.52
C SER A 280 -4.36 -4.49 -8.69
N ILE A 281 -4.29 -3.53 -7.76
CA ILE A 281 -5.52 -3.13 -7.10
C ILE A 281 -6.54 -2.66 -8.11
N ASN A 282 -6.11 -1.96 -9.16
CA ASN A 282 -7.06 -1.46 -10.14
C ASN A 282 -7.53 -2.55 -11.09
N ALA A 283 -6.68 -3.52 -11.43
CA ALA A 283 -7.17 -4.66 -12.20
C ALA A 283 -8.21 -5.45 -11.41
N PHE A 284 -7.99 -5.64 -10.11
CA PHE A 284 -8.96 -6.32 -9.28
C PHE A 284 -10.23 -5.50 -9.15
N LEU A 285 -10.12 -4.18 -9.07
CA LEU A 285 -11.30 -3.34 -9.01
C LEU A 285 -12.11 -3.41 -10.28
N ILE A 286 -11.44 -3.43 -11.44
CA ILE A 286 -12.14 -3.55 -12.70
C ILE A 286 -12.86 -4.89 -12.80
N VAL A 287 -12.19 -5.96 -12.38
CA VAL A 287 -12.84 -7.27 -12.43
C VAL A 287 -14.04 -7.31 -11.51
N TYR A 288 -13.95 -6.72 -10.32
CA TYR A 288 -15.10 -6.76 -9.43
C TYR A 288 -16.21 -5.86 -9.90
N LEU A 289 -15.90 -4.82 -10.68
CA LEU A 289 -16.98 -4.04 -11.29
C LEU A 289 -17.67 -4.83 -12.39
N PHE A 290 -16.92 -5.58 -13.19
CA PHE A 290 -17.59 -6.40 -14.18
C PHE A 290 -18.20 -7.67 -13.61
N ILE A 291 -17.90 -8.01 -12.36
CA ILE A 291 -18.66 -9.02 -11.64
C ILE A 291 -19.94 -8.41 -11.10
N LEU A 292 -19.88 -7.19 -10.60
CA LEU A 292 -21.07 -6.53 -10.07
C LEU A 292 -22.09 -6.31 -11.16
N LEU A 293 -21.64 -5.88 -12.34
CA LEU A 293 -22.57 -5.65 -13.43
C LEU A 293 -23.19 -6.94 -13.93
N THR A 294 -22.44 -8.04 -13.92
CA THR A 294 -23.02 -9.31 -14.32
C THR A 294 -24.02 -9.82 -13.30
N LYS A 295 -23.74 -9.67 -12.02
CA LYS A 295 -24.75 -9.99 -11.01
C LYS A 295 -26.02 -9.20 -11.26
N ALA A 296 -25.91 -7.87 -11.42
CA ALA A 296 -27.11 -7.06 -11.58
C ALA A 296 -27.85 -7.37 -12.88
N ALA A 297 -27.12 -7.61 -13.98
CA ALA A 297 -27.76 -7.88 -15.26
C ALA A 297 -28.42 -9.24 -15.28
N VAL A 298 -27.77 -10.27 -14.73
CA VAL A 298 -28.39 -11.57 -14.60
C VAL A 298 -29.63 -11.49 -13.73
N CYS A 299 -29.55 -10.79 -12.61
CA CYS A 299 -30.70 -10.73 -11.73
C CYS A 299 -31.86 -9.95 -12.35
N THR A 300 -31.59 -8.94 -13.18
CA THR A 300 -32.72 -8.28 -13.84
C THR A 300 -33.28 -9.11 -14.98
N THR A 301 -32.43 -9.66 -15.85
CA THR A 301 -32.89 -10.60 -16.85
C THR A 301 -33.77 -11.69 -16.27
N LEU A 302 -33.47 -12.14 -15.05
CA LEU A 302 -34.27 -13.17 -14.45
C LEU A 302 -35.39 -12.62 -13.59
N LYS A 303 -35.36 -11.34 -13.25
CA LYS A 303 -36.50 -10.74 -12.56
C LYS A 303 -37.63 -10.45 -13.50
N TYR A 304 -37.34 -10.32 -14.79
CA TYR A 304 -38.40 -10.12 -15.76
C TYR A 304 -38.77 -11.37 -16.52
N VAL A 305 -37.97 -12.43 -16.48
CA VAL A 305 -38.41 -13.75 -16.89
C VAL A 305 -39.12 -14.50 -15.78
N TRP A 306 -39.17 -13.96 -14.58
CA TRP A 306 -39.95 -14.49 -13.48
C TRP A 306 -41.27 -13.77 -13.31
N GLN A 307 -41.25 -12.44 -13.43
CA GLN A 307 -42.46 -11.63 -13.33
C GLN A 307 -43.36 -11.79 -14.53
N SER A 308 -42.92 -12.46 -15.60
CA SER A 308 -43.79 -12.74 -16.72
C SER A 308 -45.13 -13.29 -16.26
N THR A 309 -45.09 -14.36 -15.47
CA THR A 309 -46.32 -15.00 -15.03
C THR A 309 -47.19 -13.98 -14.30
N PRO A 310 -48.45 -13.84 -14.65
CA PRO A 310 -49.27 -12.77 -14.06
C PRO A 310 -49.36 -12.79 -12.55
N TYR A 311 -49.17 -13.94 -11.92
CA TYR A 311 -49.26 -14.05 -10.47
C TYR A 311 -47.92 -14.03 -9.78
N ASN A 312 -46.85 -13.73 -10.51
CA ASN A 312 -45.56 -13.50 -9.90
C ASN A 312 -45.30 -12.03 -9.66
N ASP A 313 -46.22 -11.16 -10.05
CA ASP A 313 -46.22 -9.77 -9.63
C ASP A 313 -47.61 -9.47 -9.09
N GLU A 314 -47.66 -8.87 -7.92
CA GLU A 314 -48.93 -8.63 -7.24
C GLU A 314 -49.83 -9.86 -7.30
N PRO A 315 -49.61 -10.84 -6.43
CA PRO A 315 -50.44 -12.05 -6.41
C PRO A 315 -51.67 -12.02 -5.53
N TRP A 316 -52.08 -10.86 -5.02
CA TRP A 316 -53.13 -10.60 -4.04
C TRP A 316 -52.68 -10.60 -2.60
N TYR A 317 -51.49 -11.06 -2.27
CA TYR A 317 -51.11 -10.87 -0.88
C TYR A 317 -50.26 -9.64 -0.71
N ASN A 318 -49.33 -9.40 -1.62
CA ASN A 318 -48.73 -8.08 -1.77
C ASN A 318 -49.13 -7.54 -3.13
N GLN A 319 -49.78 -6.38 -3.12
CA GLN A 319 -50.34 -5.77 -4.30
C GLN A 319 -49.70 -4.41 -4.48
N LYS A 320 -49.29 -4.10 -5.71
CA LYS A 320 -48.60 -2.85 -5.96
C LYS A 320 -49.46 -1.66 -5.58
N THR A 321 -48.83 -0.51 -5.52
CA THR A 321 -49.53 0.74 -5.26
C THR A 321 -49.85 1.38 -6.60
N GLN A 322 -51.00 2.07 -6.65
CA GLN A 322 -51.46 2.68 -7.90
C GLN A 322 -50.32 3.28 -8.70
N LYS A 323 -49.56 4.17 -8.08
CA LYS A 323 -48.40 4.76 -8.75
C LYS A 323 -47.46 3.69 -9.28
N GLU A 324 -47.01 2.80 -8.38
CA GLU A 324 -46.06 1.77 -8.78
C GLU A 324 -46.61 0.89 -9.89
N ARG A 325 -47.92 0.82 -10.01
CA ARG A 325 -48.54 0.00 -11.05
C ARG A 325 -48.57 0.72 -12.39
N GLU A 326 -48.82 2.03 -12.38
CA GLU A 326 -48.94 2.81 -13.61
C GLU A 326 -47.65 3.55 -13.96
N THR A 327 -46.51 2.94 -13.72
CA THR A 327 -45.22 3.51 -14.09
C THR A 327 -44.75 2.91 -15.41
N LEU A 328 -44.12 3.74 -16.24
CA LEU A 328 -43.61 3.26 -17.51
C LEU A 328 -42.79 2.00 -17.30
N LYS A 329 -42.76 1.13 -18.31
CA LYS A 329 -42.06 -0.13 -18.09
C LYS A 329 -40.55 0.06 -18.15
N VAL A 330 -40.04 0.54 -19.28
CA VAL A 330 -38.58 0.66 -19.45
C VAL A 330 -37.98 1.40 -18.28
N LEU A 331 -38.68 2.40 -17.76
CA LEU A 331 -38.21 3.08 -16.56
C LEU A 331 -38.05 2.09 -15.42
N LYS A 332 -38.93 1.10 -15.34
CA LYS A 332 -38.81 0.10 -14.29
C LYS A 332 -37.61 -0.81 -14.51
N MET A 333 -37.33 -1.18 -15.76
CA MET A 333 -36.13 -1.98 -16.00
C MET A 333 -34.88 -1.21 -15.59
N PHE A 334 -34.83 0.08 -15.87
CA PHE A 334 -33.68 0.88 -15.46
C PHE A 334 -33.59 0.98 -13.95
N THR A 335 -34.70 1.28 -13.29
CA THR A 335 -34.66 1.44 -11.85
C THR A 335 -34.36 0.13 -11.15
N ASP A 336 -34.74 -1.01 -11.72
CA ASP A 336 -34.42 -2.28 -11.11
C ASP A 336 -32.96 -2.65 -11.31
N PHE A 337 -32.40 -2.39 -12.49
CA PHE A 337 -30.96 -2.53 -12.62
C PHE A 337 -30.24 -1.68 -11.57
N LEU A 338 -30.72 -0.45 -11.36
CA LEU A 338 -30.07 0.41 -10.37
C LEU A 338 -30.21 -0.15 -8.96
N SER A 339 -31.37 -0.71 -8.63
CA SER A 339 -31.56 -1.28 -7.30
C SER A 339 -30.73 -2.54 -7.11
N PHE A 340 -30.41 -3.27 -8.17
CA PHE A 340 -29.52 -4.40 -8.00
C PHE A 340 -28.06 -3.97 -7.88
N MET A 341 -27.66 -2.91 -8.57
CA MET A 341 -26.32 -2.37 -8.33
C MET A 341 -26.20 -1.77 -6.95
N VAL A 342 -27.28 -1.23 -6.41
CA VAL A 342 -27.28 -0.66 -5.06
C VAL A 342 -27.54 -1.69 -3.98
N LEU A 343 -27.91 -2.90 -4.35
CA LEU A 343 -27.98 -4.02 -3.41
C LEU A 343 -26.66 -4.76 -3.35
N PHE A 344 -26.11 -5.13 -4.51
CA PHE A 344 -24.83 -5.82 -4.60
C PHE A 344 -23.67 -4.87 -4.60
N ASN A 345 -23.83 -3.67 -4.04
CA ASN A 345 -22.86 -2.62 -4.24
C ASN A 345 -21.66 -2.73 -3.33
N PHE A 346 -21.68 -3.64 -2.37
CA PHE A 346 -20.60 -3.82 -1.41
C PHE A 346 -19.56 -4.81 -1.90
N ILE A 347 -19.62 -5.26 -3.14
CA ILE A 347 -18.70 -6.26 -3.61
C ILE A 347 -17.36 -5.60 -3.84
N ILE A 348 -17.30 -4.29 -3.61
CA ILE A 348 -16.14 -3.46 -3.85
C ILE A 348 -15.76 -2.81 -2.52
N PRO A 349 -14.52 -2.96 -2.05
CA PRO A 349 -14.20 -2.61 -0.67
C PRO A 349 -14.20 -1.12 -0.42
N VAL A 350 -14.96 -0.70 0.59
CA VAL A 350 -15.04 0.72 0.92
C VAL A 350 -13.83 1.16 1.72
N SER A 351 -13.29 0.29 2.56
CA SER A 351 -12.21 0.66 3.46
C SER A 351 -10.85 0.15 3.02
N MET A 352 -10.69 -0.13 1.72
CA MET A 352 -9.40 -0.60 1.26
C MET A 352 -8.40 0.53 1.17
N TYR A 353 -8.85 1.71 0.78
CA TYR A 353 -7.95 2.82 0.53
C TYR A 353 -7.37 3.37 1.83
N VAL A 354 -8.23 3.61 2.82
CA VAL A 354 -7.76 4.13 4.09
C VAL A 354 -6.89 3.12 4.82
N THR A 355 -7.16 1.83 4.66
CA THR A 355 -6.33 0.84 5.32
C THR A 355 -4.98 0.71 4.63
N VAL A 356 -4.95 0.69 3.30
CA VAL A 356 -3.67 0.62 2.60
C VAL A 356 -2.89 1.91 2.71
N GLU A 357 -3.51 2.99 3.15
CA GLU A 357 -2.75 4.20 3.41
C GLU A 357 -2.26 4.29 4.84
N MET A 358 -3.09 3.92 5.81
CA MET A 358 -2.65 3.88 7.19
C MET A 358 -1.59 2.80 7.39
N GLN A 359 -1.66 1.72 6.63
CA GLN A 359 -0.61 0.71 6.72
C GLN A 359 0.70 1.25 6.19
N LYS A 360 0.69 1.91 5.05
CA LYS A 360 1.95 2.43 4.51
C LYS A 360 2.52 3.52 5.40
N PHE A 361 1.65 4.38 5.92
CA PHE A 361 2.10 5.35 6.91
C PHE A 361 2.78 4.67 8.09
N LEU A 362 2.03 3.90 8.87
CA LEU A 362 2.55 3.33 10.10
C LEU A 362 3.64 2.30 9.88
N GLY A 363 3.86 1.83 8.67
CA GLY A 363 4.89 0.85 8.46
C GLY A 363 6.06 1.35 7.63
N SER A 364 6.03 2.62 7.24
CA SER A 364 7.22 3.21 6.63
C SER A 364 8.39 3.28 7.58
N PHE A 365 8.14 3.22 8.88
CA PHE A 365 9.19 3.47 9.86
C PHE A 365 10.12 2.28 10.01
N PHE A 366 9.59 1.07 10.04
CA PHE A 366 10.39 -0.10 10.34
C PHE A 366 11.70 -0.13 9.57
N ILE A 367 11.78 0.56 8.44
CA ILE A 367 12.97 0.50 7.59
C ILE A 367 13.89 1.70 7.84
N SER A 368 13.64 2.45 8.90
CA SER A 368 14.54 3.48 9.39
C SER A 368 14.72 3.43 10.89
N TRP A 369 13.77 2.85 11.63
CA TRP A 369 13.99 2.49 13.03
C TRP A 369 14.98 1.36 13.20
N ASP A 370 15.25 0.61 12.14
CA ASP A 370 16.06 -0.58 12.27
C ASP A 370 17.46 -0.22 12.74
N LYS A 371 17.95 -0.97 13.70
CA LYS A 371 19.29 -0.78 14.22
C LYS A 371 20.31 -1.68 13.56
N ASP A 372 19.93 -2.37 12.49
CA ASP A 372 20.89 -3.06 11.66
C ASP A 372 21.36 -2.20 10.51
N PHE A 373 20.66 -1.11 10.22
CA PHE A 373 21.18 -0.03 9.39
C PHE A 373 21.60 1.05 10.38
N TYR A 374 22.79 0.92 10.91
CA TYR A 374 23.32 1.96 11.78
C TYR A 374 24.84 1.86 11.71
N ASP A 375 25.47 2.86 11.09
CA ASP A 375 26.91 2.88 10.92
C ASP A 375 27.53 3.62 12.10
N GLU A 376 28.39 2.94 12.83
CA GLU A 376 28.94 3.54 14.04
C GLU A 376 29.80 4.75 13.72
N GLU A 377 30.34 4.82 12.50
CA GLU A 377 31.19 5.94 12.11
C GLU A 377 30.36 7.15 11.71
N ILE A 378 29.62 7.03 10.61
CA ILE A 378 28.73 8.08 10.17
C ILE A 378 27.72 8.46 11.24
N ASN A 379 27.53 7.61 12.23
CA ASN A 379 26.58 7.85 13.31
C ASN A 379 25.19 8.17 12.76
N GLU A 380 24.76 7.38 11.78
CA GLU A 380 23.44 7.52 11.18
C GLU A 380 22.95 6.14 10.79
N GLY A 381 21.69 6.06 10.41
CA GLY A 381 21.09 4.81 10.02
C GLY A 381 20.64 4.77 8.59
N ALA A 382 19.44 4.30 8.35
CA ALA A 382 18.83 4.37 7.03
C ALA A 382 17.86 5.53 6.99
N LEU A 383 17.42 5.85 5.79
CA LEU A 383 16.58 7.02 5.59
C LEU A 383 15.61 6.71 4.46
N VAL A 384 14.34 6.93 4.71
CA VAL A 384 13.28 6.52 3.77
C VAL A 384 12.68 7.78 3.17
N ASN A 385 13.11 8.14 1.96
CA ASN A 385 12.63 9.35 1.33
C ASN A 385 11.34 9.16 0.55
N THR A 386 10.89 7.93 0.34
CA THR A 386 9.63 7.68 -0.37
C THR A 386 9.02 6.41 0.21
N SER A 387 7.94 6.54 0.96
CA SER A 387 7.31 5.39 1.59
C SER A 387 6.29 4.71 0.68
N ASP A 388 6.42 4.87 -0.63
CA ASP A 388 5.52 4.21 -1.55
C ASP A 388 6.15 3.05 -2.29
N LEU A 389 7.46 3.04 -2.46
CA LEU A 389 8.11 1.92 -3.07
C LEU A 389 8.37 0.79 -2.10
N ASN A 390 8.08 1.00 -0.81
CA ASN A 390 8.33 0.04 0.24
C ASN A 390 8.12 -1.39 -0.23
N GLU A 391 7.10 -1.63 -1.03
CA GLU A 391 6.80 -2.96 -1.53
C GLU A 391 7.36 -3.20 -2.90
N GLU A 392 8.22 -2.30 -3.39
CA GLU A 392 8.95 -2.53 -4.63
C GLU A 392 10.36 -2.99 -4.39
N LEU A 393 10.78 -3.06 -3.14
CA LEU A 393 12.04 -3.66 -2.79
C LEU A 393 11.96 -5.17 -2.81
N GLY A 394 10.81 -5.73 -2.45
CA GLY A 394 10.66 -7.16 -2.44
C GLY A 394 10.32 -7.71 -3.80
N GLN A 395 10.55 -6.93 -4.83
CA GLN A 395 10.24 -7.34 -6.19
C GLN A 395 11.39 -7.16 -7.17
N VAL A 396 12.49 -6.55 -6.77
CA VAL A 396 13.59 -6.18 -7.63
C VAL A 396 14.02 -7.34 -8.54
N ASP A 397 14.46 -7.03 -9.74
CA ASP A 397 14.91 -8.02 -10.69
C ASP A 397 16.30 -7.78 -11.20
N TYR A 398 16.74 -6.54 -11.28
CA TYR A 398 18.11 -6.16 -11.62
C TYR A 398 18.64 -5.25 -10.54
N VAL A 399 19.94 -5.21 -10.38
CA VAL A 399 20.58 -4.31 -9.42
C VAL A 399 21.79 -3.70 -10.10
N PHE A 400 21.82 -2.37 -10.22
CA PHE A 400 22.90 -1.65 -10.89
C PHE A 400 23.71 -0.92 -9.84
N THR A 401 24.97 -1.30 -9.69
CA THR A 401 25.80 -0.78 -8.63
C THR A 401 26.87 0.14 -9.20
N ASP A 402 27.55 0.87 -8.31
CA ASP A 402 28.70 1.67 -8.64
C ASP A 402 29.91 1.08 -7.93
N LYS A 403 31.01 0.92 -8.64
CA LYS A 403 32.13 0.19 -8.07
C LYS A 403 32.75 0.93 -6.90
N THR A 404 33.37 2.07 -7.13
CA THR A 404 34.14 2.77 -6.11
C THR A 404 33.24 3.67 -5.29
N GLY A 405 33.16 3.39 -4.00
CA GLY A 405 32.28 4.14 -3.14
C GLY A 405 31.24 3.25 -2.51
N THR A 406 30.67 2.34 -3.30
CA THR A 406 29.73 1.37 -2.77
C THR A 406 30.38 0.00 -2.59
N LEU A 407 30.90 -0.60 -3.66
CA LEU A 407 31.55 -1.89 -3.50
C LEU A 407 32.87 -1.76 -2.76
N THR A 408 33.51 -0.61 -2.86
CA THR A 408 34.83 -0.38 -2.27
C THR A 408 34.84 1.02 -1.68
N GLU A 409 34.91 1.13 -0.36
CA GLU A 409 34.87 2.44 0.27
C GLU A 409 36.15 3.21 -0.04
N ASN A 410 36.04 4.53 -0.04
CA ASN A 410 37.15 5.38 -0.46
C ASN A 410 38.16 5.53 0.67
N SER A 411 38.82 4.42 0.99
CA SER A 411 39.99 4.43 1.84
C SER A 411 41.17 4.14 0.92
N MET A 412 41.70 5.19 0.31
CA MET A 412 42.75 5.05 -0.67
C MET A 412 44.10 5.01 0.05
N GLU A 413 44.89 4.01 -0.25
CA GLU A 413 46.24 3.89 0.27
C GLU A 413 47.21 3.98 -0.91
N PHE A 414 47.97 5.08 -0.97
CA PHE A 414 48.87 5.30 -2.09
C PHE A 414 49.96 4.25 -2.11
N ILE A 415 50.22 3.65 -3.27
CA ILE A 415 51.29 2.66 -3.40
C ILE A 415 51.89 2.79 -4.79
N GLU A 416 53.22 2.76 -4.87
CA GLU A 416 53.93 2.55 -6.12
C GLU A 416 53.62 3.63 -7.17
N CYS A 417 54.09 4.83 -6.88
CA CYS A 417 54.22 5.82 -7.93
C CYS A 417 55.14 5.28 -9.04
N CYS A 418 55.16 5.98 -10.17
CA CYS A 418 55.96 5.52 -11.31
C CYS A 418 56.42 6.75 -12.10
N ILE A 419 57.63 7.19 -11.83
CA ILE A 419 58.20 8.37 -12.48
C ILE A 419 58.94 7.93 -13.74
N ASP A 420 58.60 8.56 -14.86
CA ASP A 420 59.26 8.33 -16.14
C ASP A 420 59.49 6.83 -16.40
N GLY A 421 58.46 6.05 -16.12
CA GLY A 421 58.53 4.62 -16.34
C GLY A 421 59.70 3.96 -15.63
N HIS A 422 60.05 4.45 -14.45
CA HIS A 422 61.17 3.92 -13.70
C HIS A 422 60.77 3.22 -12.41
N LYS A 423 59.53 3.34 -11.97
CA LYS A 423 59.12 2.83 -10.67
C LYS A 423 60.01 3.38 -9.58
N TYR A 424 59.94 4.69 -9.42
CA TYR A 424 60.73 5.39 -8.42
C TYR A 424 60.44 4.86 -7.02
N LYS A 425 61.48 4.46 -6.32
CA LYS A 425 61.34 3.95 -4.96
C LYS A 425 62.64 4.13 -4.17
N VAL A 447 66.56 9.40 -13.84
CA VAL A 447 65.54 9.98 -12.99
C VAL A 447 66.17 10.49 -11.70
N ASP A 448 67.50 10.57 -11.70
CA ASP A 448 68.24 10.84 -10.47
C ASP A 448 67.77 12.13 -9.80
N LYS A 449 67.95 13.26 -10.47
CA LYS A 449 67.53 14.54 -9.90
C LYS A 449 67.00 15.49 -10.97
N ASN A 450 66.33 14.97 -11.98
CA ASN A 450 65.85 15.78 -13.09
C ASN A 450 64.33 15.97 -13.09
N ARG A 451 63.57 14.91 -12.84
CA ARG A 451 62.13 14.96 -12.98
C ARG A 451 61.36 14.39 -11.79
N GLU A 452 61.99 13.60 -10.92
CA GLU A 452 61.31 13.15 -9.72
C GLU A 452 60.77 14.32 -8.92
N GLU A 453 61.61 15.35 -8.75
CA GLU A 453 61.17 16.55 -8.04
C GLU A 453 59.91 17.13 -8.66
N LEU A 454 59.86 17.17 -9.99
CA LEU A 454 58.68 17.70 -10.67
C LEU A 454 57.47 16.81 -10.43
N PHE A 455 57.67 15.49 -10.44
CA PHE A 455 56.55 14.58 -10.19
C PHE A 455 55.98 14.79 -8.79
N LEU A 456 56.86 14.97 -7.81
CA LEU A 456 56.38 15.13 -6.44
C LEU A 456 55.70 16.48 -6.25
N ARG A 457 56.22 17.54 -6.85
CA ARG A 457 55.51 18.80 -6.84
C ARG A 457 54.13 18.65 -7.47
N ALA A 458 54.06 17.94 -8.60
CA ALA A 458 52.78 17.69 -9.24
C ALA A 458 51.81 17.03 -8.27
N LEU A 459 52.24 15.96 -7.63
CA LEU A 459 51.37 15.29 -6.67
C LEU A 459 50.91 16.25 -5.58
N CYS A 460 51.79 17.15 -5.15
CA CYS A 460 51.42 18.05 -4.06
C CYS A 460 50.53 19.20 -4.51
N LEU A 461 50.69 19.67 -5.74
CA LEU A 461 49.79 20.63 -6.33
C LEU A 461 48.77 19.88 -7.17
N CYS A 462 47.98 20.59 -7.95
CA CYS A 462 46.97 19.97 -8.80
C CYS A 462 46.01 19.12 -7.97
N HIS A 463 45.46 19.73 -6.92
CA HIS A 463 44.40 19.13 -6.15
C HIS A 463 43.63 20.24 -5.46
N THR A 464 42.78 19.87 -4.50
CA THR A 464 42.08 20.82 -3.66
C THR A 464 41.99 20.31 -2.23
N VAL A 465 43.12 19.82 -1.70
CA VAL A 465 43.08 19.09 -0.43
C VAL A 465 42.56 19.98 0.69
N GLU A 466 43.17 21.14 0.91
CA GLU A 466 42.70 22.06 1.93
C GLU A 466 42.79 21.45 3.33
N ILE A 467 44.04 21.27 3.78
CA ILE A 467 44.28 20.82 5.15
C ILE A 467 43.43 21.62 6.11
N LYS A 468 42.97 20.97 7.17
CA LYS A 468 42.28 21.69 8.24
C LYS A 468 43.21 22.72 8.84
N THR A 469 42.77 23.98 8.82
CA THR A 469 43.64 25.09 9.20
C THR A 469 44.34 24.84 10.52
N ASN A 470 43.55 24.69 11.58
CA ASN A 470 44.13 24.47 12.91
C ASN A 470 44.63 23.03 13.04
N ASP A 471 45.72 22.88 13.80
CA ASP A 471 46.34 21.59 14.02
C ASP A 471 46.44 21.32 15.51
N ALA A 472 46.17 20.08 15.90
CA ALA A 472 46.17 19.71 17.31
C ALA A 472 47.59 19.73 17.86
N VAL A 473 47.73 19.36 19.13
CA VAL A 473 49.03 19.33 19.77
C VAL A 473 49.97 18.41 19.00
N ASP A 474 51.13 18.93 18.63
CA ASP A 474 52.07 18.20 17.78
C ASP A 474 53.09 17.46 18.63
N GLY A 475 53.32 16.18 18.30
CA GLY A 475 54.28 15.38 19.04
C GLY A 475 53.86 13.94 19.23
N ALA A 476 52.56 13.67 19.18
CA ALA A 476 52.04 12.31 19.24
C ALA A 476 51.90 11.67 17.87
N THR A 477 51.79 12.47 16.82
CA THR A 477 51.70 11.98 15.45
C THR A 477 53.08 12.01 14.80
N GLU A 478 53.11 11.77 13.49
CA GLU A 478 54.35 11.70 12.74
C GLU A 478 54.89 13.08 12.38
N SER A 479 54.04 13.92 11.78
CA SER A 479 54.39 15.30 11.48
C SER A 479 53.57 16.28 12.32
N ALA A 480 52.25 16.17 12.26
CA ALA A 480 51.33 16.97 13.05
C ALA A 480 49.94 16.41 12.80
N GLU A 481 48.92 17.10 13.33
CA GLU A 481 47.55 16.74 13.01
C GLU A 481 47.33 16.80 11.50
N LEU A 482 47.48 17.99 10.92
CA LEU A 482 47.48 18.18 9.47
C LEU A 482 46.44 17.26 8.80
N THR A 483 45.24 17.29 9.32
CA THR A 483 44.18 16.44 8.80
C THR A 483 43.75 16.98 7.44
N TYR A 484 44.24 16.35 6.37
CA TYR A 484 43.85 16.76 5.03
C TYR A 484 42.36 16.54 4.81
N ILE A 485 41.59 17.61 4.75
CA ILE A 485 40.16 17.48 4.56
C ILE A 485 39.79 17.91 3.15
N SER A 486 39.76 16.95 2.24
CA SER A 486 39.31 17.18 0.88
C SER A 486 38.02 16.43 0.62
N SER A 487 37.43 16.70 -0.55
CA SER A 487 36.21 16.02 -0.96
C SER A 487 36.49 14.81 -1.85
N SER A 488 37.67 14.72 -2.45
CA SER A 488 38.00 13.60 -3.32
C SER A 488 39.08 12.75 -2.68
N PRO A 489 38.75 11.58 -2.13
CA PRO A 489 39.76 10.76 -1.46
C PRO A 489 40.87 10.25 -2.37
N ASP A 490 40.86 10.60 -3.66
CA ASP A 490 41.99 10.25 -4.52
C ASP A 490 43.10 11.27 -4.39
N GLU A 491 42.76 12.52 -4.08
CA GLU A 491 43.77 13.54 -3.85
C GLU A 491 44.41 13.38 -2.48
N ILE A 492 43.60 13.12 -1.45
CA ILE A 492 44.16 12.93 -0.12
C ILE A 492 45.23 11.86 -0.14
N ALA A 493 44.96 10.76 -0.85
CA ALA A 493 45.90 9.67 -0.92
C ALA A 493 47.19 10.09 -1.60
N LEU A 494 47.10 10.90 -2.65
CA LEU A 494 48.31 11.30 -3.35
C LEU A 494 49.15 12.27 -2.52
N VAL A 495 48.50 13.16 -1.76
CA VAL A 495 49.26 14.05 -0.89
C VAL A 495 49.91 13.25 0.24
N LYS A 496 49.22 12.26 0.78
CA LYS A 496 49.83 11.43 1.80
C LYS A 496 50.95 10.56 1.24
N GLY A 497 50.86 10.18 -0.04
CA GLY A 497 51.91 9.41 -0.65
C GLY A 497 53.11 10.22 -1.10
N ALA A 498 52.91 11.51 -1.36
CA ALA A 498 54.05 12.40 -1.53
C ALA A 498 54.71 12.68 -0.19
N LYS A 499 53.91 12.89 0.85
CA LYS A 499 54.47 13.08 2.18
C LYS A 499 55.31 11.90 2.61
N ARG A 500 54.94 10.68 2.21
CA ARG A 500 55.79 9.52 2.50
C ARG A 500 57.21 9.76 2.01
N TYR A 501 57.35 10.43 0.89
CA TYR A 501 58.65 10.87 0.41
C TYR A 501 58.91 12.29 0.92
N GLY A 502 59.86 12.98 0.33
CA GLY A 502 60.20 14.30 0.80
C GLY A 502 59.03 15.27 0.91
N PHE A 503 58.42 15.58 -0.23
CA PHE A 503 57.49 16.71 -0.29
C PHE A 503 56.38 16.58 0.74
N THR A 504 55.88 17.74 1.19
CA THR A 504 54.83 17.78 2.20
C THR A 504 54.01 19.03 1.95
N PHE A 505 52.74 18.86 1.59
CA PHE A 505 51.89 20.00 1.26
C PHE A 505 51.30 20.58 2.53
N LEU A 506 51.43 21.90 2.70
CA LEU A 506 50.91 22.56 3.88
C LEU A 506 50.31 23.93 3.56
N GLY A 507 50.12 24.26 2.29
CA GLY A 507 49.88 25.62 1.91
C GLY A 507 48.44 26.09 1.87
N ASN A 508 48.10 26.82 0.80
CA ASN A 508 46.82 27.53 0.70
C ASN A 508 46.80 28.73 1.66
N ARG A 509 47.88 29.51 1.65
CA ARG A 509 48.01 30.67 2.53
C ARG A 509 47.45 31.90 1.83
N ASN A 510 46.13 31.87 1.62
CA ASN A 510 45.41 32.99 1.01
C ASN A 510 46.01 33.35 -0.35
N GLY A 511 45.86 32.44 -1.30
CA GLY A 511 46.32 32.64 -2.65
C GLY A 511 47.61 31.93 -2.98
N TYR A 512 48.31 31.43 -1.98
CA TYR A 512 49.57 30.74 -2.18
C TYR A 512 49.44 29.27 -1.82
N MET A 513 50.49 28.52 -2.10
CA MET A 513 50.56 27.10 -1.79
C MET A 513 51.99 26.81 -1.34
N ARG A 514 52.12 26.09 -0.23
CA ARG A 514 53.43 25.83 0.37
C ARG A 514 53.69 24.34 0.44
N VAL A 515 54.94 23.95 0.19
CA VAL A 515 55.32 22.54 0.21
C VAL A 515 56.77 22.43 0.66
N GLU A 516 57.04 21.45 1.51
CA GLU A 516 58.40 21.10 1.89
C GLU A 516 58.98 20.14 0.85
N ASN A 517 60.04 20.58 0.18
CA ASN A 517 60.62 19.83 -0.94
C ASN A 517 61.84 19.03 -0.50
N GLN A 518 61.59 18.02 0.33
CA GLN A 518 62.63 17.14 0.86
C GLN A 518 63.60 17.90 1.75
N ARG A 519 63.48 19.23 1.82
CA ARG A 519 64.21 20.05 2.76
C ARG A 519 63.24 21.10 3.25
N LYS A 520 63.46 21.59 4.46
CA LYS A 520 62.47 22.45 5.06
C LYS A 520 62.45 23.80 4.34
N GLU A 521 61.96 23.80 3.10
CA GLU A 521 61.92 24.98 2.26
C GLU A 521 60.48 25.16 1.78
N ILE A 522 59.75 26.06 2.44
CA ILE A 522 58.31 26.17 2.22
C ILE A 522 58.00 26.36 0.74
N GLU A 523 58.74 27.22 0.05
CA GLU A 523 58.68 27.31 -1.40
C GLU A 523 57.26 27.65 -1.88
N GLU A 524 56.86 28.88 -1.58
CA GLU A 524 55.53 29.34 -1.95
C GLU A 524 55.27 29.17 -3.44
N TYR A 525 54.02 28.83 -3.77
CA TYR A 525 53.48 28.82 -5.12
C TYR A 525 52.30 29.78 -5.17
N GLU A 526 51.57 29.78 -6.28
CA GLU A 526 50.46 30.73 -6.43
C GLU A 526 49.42 30.11 -7.36
N LEU A 527 48.26 29.79 -6.83
CA LEU A 527 47.22 29.15 -7.62
C LEU A 527 46.54 30.20 -8.49
N LEU A 528 46.71 30.08 -9.80
CA LEU A 528 46.09 31.03 -10.71
C LEU A 528 44.77 30.52 -11.27
N HIS A 529 44.66 29.22 -11.51
CA HIS A 529 43.44 28.66 -12.06
C HIS A 529 43.35 27.20 -11.64
N THR A 530 42.13 26.74 -11.37
CA THR A 530 41.87 25.36 -10.95
C THR A 530 40.88 24.76 -11.93
N LEU A 531 41.39 24.13 -12.99
CA LEU A 531 40.52 23.52 -13.97
C LEU A 531 39.92 22.28 -13.35
N ASN A 532 38.83 22.44 -12.62
CA ASN A 532 38.34 21.38 -11.76
C ASN A 532 37.99 20.13 -12.54
N PHE A 533 37.75 19.05 -11.80
CA PHE A 533 37.50 17.73 -12.36
C PHE A 533 36.01 17.55 -12.63
N ASP A 534 35.69 16.90 -13.74
CA ASP A 534 34.31 16.52 -14.02
C ASP A 534 34.29 15.10 -14.57
N ALA A 535 33.32 14.32 -14.11
CA ALA A 535 33.30 12.89 -14.37
C ALA A 535 33.46 12.58 -15.85
N VAL A 536 32.99 13.48 -16.72
CA VAL A 536 32.96 13.20 -18.15
C VAL A 536 34.33 13.35 -18.78
N ARG A 537 35.09 14.36 -18.34
CA ARG A 537 36.40 14.61 -18.92
C ARG A 537 37.48 13.76 -18.26
N ARG A 538 37.42 13.60 -16.95
CA ARG A 538 38.36 12.74 -16.20
C ARG A 538 39.73 13.37 -16.05
N ARG A 539 39.81 14.68 -15.97
CA ARG A 539 41.09 15.33 -15.75
C ARG A 539 40.90 16.53 -14.87
N MET A 540 41.63 16.57 -13.77
CA MET A 540 41.73 17.76 -12.95
C MET A 540 43.03 18.45 -13.32
N SER A 541 43.04 19.78 -13.26
CA SER A 541 44.22 20.51 -13.66
C SER A 541 44.36 21.76 -12.82
N VAL A 542 45.56 22.32 -12.85
CA VAL A 542 45.88 23.50 -12.05
C VAL A 542 46.94 24.29 -12.81
N ILE A 543 46.87 25.61 -12.72
CA ILE A 543 47.79 26.48 -13.45
C ILE A 543 48.52 27.31 -12.41
N VAL A 544 49.63 26.80 -11.91
CA VAL A 544 50.34 27.51 -10.87
C VAL A 544 51.41 28.39 -11.50
N LYS A 545 51.92 29.32 -10.71
CA LYS A 545 53.00 30.20 -11.12
C LYS A 545 54.16 29.98 -10.17
N THR A 546 55.29 29.57 -10.72
CA THR A 546 56.45 29.30 -9.87
C THR A 546 56.79 30.55 -9.06
N GLN A 547 57.47 30.32 -7.94
CA GLN A 547 57.79 31.42 -7.04
C GLN A 547 58.59 32.50 -7.75
N GLU A 548 59.55 32.10 -8.58
CA GLU A 548 60.46 33.06 -9.18
C GLU A 548 60.55 32.89 -10.68
N GLY A 549 59.41 32.81 -11.37
CA GLY A 549 59.48 32.64 -12.80
C GLY A 549 58.20 32.29 -13.52
N ASP A 550 58.25 31.20 -14.27
CA ASP A 550 57.27 30.88 -15.30
C ASP A 550 55.99 30.30 -14.69
N ILE A 551 55.14 29.78 -15.57
CA ILE A 551 53.88 29.16 -15.20
C ILE A 551 54.00 27.68 -15.48
N LEU A 552 53.11 26.90 -14.87
CA LEU A 552 53.11 25.45 -15.04
C LEU A 552 51.70 24.94 -14.91
N LEU A 553 51.24 24.22 -15.93
CA LEU A 553 49.92 23.60 -15.92
C LEU A 553 50.10 22.13 -15.57
N PHE A 554 49.73 21.77 -14.34
CA PHE A 554 49.72 20.39 -13.93
C PHE A 554 48.36 19.80 -14.24
N CYS A 555 48.35 18.52 -14.62
CA CYS A 555 47.11 17.86 -15.02
C CYS A 555 47.20 16.41 -14.58
N LYS A 556 46.33 16.01 -13.68
CA LYS A 556 46.24 14.61 -13.28
C LYS A 556 44.91 14.07 -13.76
N GLY A 557 44.94 12.93 -14.44
CA GLY A 557 43.70 12.39 -14.93
C GLY A 557 43.72 10.89 -15.09
N ALA A 558 42.70 10.32 -15.72
CA ALA A 558 42.73 8.91 -16.05
C ALA A 558 43.67 8.70 -17.23
N ASP A 559 44.11 7.45 -17.39
CA ASP A 559 45.01 7.17 -18.51
C ASP A 559 44.30 7.31 -19.85
N SER A 560 43.05 6.88 -19.92
CA SER A 560 42.31 6.99 -21.17
C SER A 560 42.16 8.43 -21.60
N ALA A 561 42.06 9.35 -20.63
CA ALA A 561 41.80 10.75 -20.92
C ALA A 561 43.04 11.62 -20.77
N VAL A 562 44.20 11.01 -20.50
CA VAL A 562 45.45 11.75 -20.48
C VAL A 562 46.47 11.25 -21.49
N PHE A 563 46.37 10.03 -21.96
CA PHE A 563 47.29 9.57 -23.01
C PHE A 563 46.91 10.18 -24.36
N PRO A 564 45.62 10.36 -24.65
CA PRO A 564 45.26 11.01 -25.93
C PRO A 564 46.01 12.29 -26.21
N ARG A 565 46.31 13.10 -25.19
CA ARG A 565 47.01 14.35 -25.39
C ARG A 565 48.26 14.37 -24.52
N VAL A 566 49.32 13.74 -25.02
CA VAL A 566 50.65 13.82 -24.41
C VAL A 566 51.70 13.64 -25.49
N GLN A 567 52.97 13.76 -25.12
CA GLN A 567 54.05 13.39 -26.03
C GLN A 567 54.08 11.88 -26.18
N ASN A 568 53.59 11.41 -27.34
CA ASN A 568 53.31 9.99 -27.52
C ASN A 568 54.47 9.07 -27.20
N HIS A 569 55.70 9.58 -27.15
CA HIS A 569 56.85 8.70 -26.97
C HIS A 569 56.88 8.05 -25.60
N GLU A 570 56.28 8.68 -24.59
CA GLU A 570 56.30 8.15 -23.23
C GLU A 570 55.08 7.29 -22.90
N ILE A 571 54.05 7.32 -23.73
CA ILE A 571 52.88 6.48 -23.50
C ILE A 571 53.27 5.01 -23.54
N GLU A 572 54.04 4.62 -24.56
CA GLU A 572 54.40 3.22 -24.71
C GLU A 572 55.25 2.72 -23.57
N LEU A 573 55.90 3.61 -22.82
CA LEU A 573 56.72 3.19 -21.70
C LEU A 573 55.96 3.18 -20.38
N THR A 574 55.09 4.17 -20.16
CA THR A 574 54.34 4.20 -18.91
C THR A 574 53.11 3.32 -18.92
N LYS A 575 52.60 2.95 -20.11
CA LYS A 575 51.37 2.17 -20.16
C LYS A 575 51.58 0.77 -19.64
N VAL A 576 52.80 0.23 -19.70
CA VAL A 576 53.02 -1.12 -19.19
C VAL A 576 52.90 -1.15 -17.68
N HIS A 577 53.48 -0.15 -17.00
CA HIS A 577 53.29 -0.05 -15.56
C HIS A 577 51.84 0.25 -15.22
N VAL A 578 51.20 1.14 -15.99
CA VAL A 578 49.79 1.38 -15.76
C VAL A 578 49.01 0.08 -15.86
N GLU A 579 49.38 -0.77 -16.80
CA GLU A 579 48.62 -2.00 -17.03
C GLU A 579 48.86 -3.03 -15.95
N ARG A 580 50.10 -3.16 -15.48
CA ARG A 580 50.34 -4.01 -14.32
C ARG A 580 49.54 -3.52 -13.11
N ASN A 581 49.71 -2.24 -12.77
CA ASN A 581 49.01 -1.69 -11.62
C ASN A 581 47.50 -1.88 -11.74
N ALA A 582 46.98 -1.79 -12.97
CA ALA A 582 45.55 -1.99 -13.17
C ALA A 582 45.18 -3.44 -12.94
N MET A 583 45.91 -4.36 -13.58
CA MET A 583 45.59 -5.77 -13.48
C MET A 583 45.72 -6.31 -12.07
N ASP A 584 46.47 -5.64 -11.20
CA ASP A 584 46.56 -6.06 -9.81
C ASP A 584 45.47 -5.47 -8.94
N GLY A 585 44.62 -4.61 -9.49
CA GLY A 585 43.51 -4.06 -8.75
C GLY A 585 43.70 -2.68 -8.17
N TYR A 586 44.57 -1.86 -8.76
CA TYR A 586 44.87 -0.53 -8.26
C TYR A 586 44.28 0.54 -9.17
N ARG A 587 43.91 1.66 -8.59
CA ARG A 587 43.47 2.81 -9.38
C ARG A 587 44.67 3.58 -9.87
N THR A 588 44.72 3.85 -11.18
CA THR A 588 45.88 4.48 -11.78
C THR A 588 45.52 5.85 -12.31
N LEU A 589 46.29 6.86 -11.91
CA LEU A 589 46.14 8.22 -12.41
C LEU A 589 47.44 8.66 -13.06
N CYS A 590 47.33 9.22 -14.26
CA CYS A 590 48.51 9.73 -14.96
C CYS A 590 48.69 11.21 -14.67
N VAL A 591 49.93 11.60 -14.41
CA VAL A 591 50.31 12.95 -14.03
C VAL A 591 51.15 13.53 -15.15
N ALA A 592 50.70 14.65 -15.71
CA ALA A 592 51.36 15.34 -16.80
C ALA A 592 51.47 16.82 -16.47
N PHE A 593 52.34 17.52 -17.19
CA PHE A 593 52.57 18.93 -16.95
C PHE A 593 52.86 19.64 -18.27
N LYS A 594 52.77 20.96 -18.24
CA LYS A 594 53.10 21.75 -19.41
C LYS A 594 53.66 23.10 -18.98
N GLU A 595 54.73 23.52 -19.63
CA GLU A 595 55.30 24.85 -19.43
C GLU A 595 54.54 25.84 -20.29
N ILE A 596 53.95 26.86 -19.67
CA ILE A 596 53.15 27.86 -20.39
C ILE A 596 53.97 29.13 -20.53
N ALA A 597 53.87 29.75 -21.70
CA ALA A 597 54.57 30.98 -22.01
C ALA A 597 53.75 32.19 -21.58
N PRO A 598 54.33 33.37 -21.58
CA PRO A 598 53.60 34.54 -21.09
C PRO A 598 52.43 34.90 -21.99
N ASP A 599 52.71 35.08 -23.28
CA ASP A 599 51.65 35.48 -24.20
C ASP A 599 50.60 34.40 -24.34
N ASP A 600 51.02 33.14 -24.43
CA ASP A 600 50.03 32.07 -24.42
C ASP A 600 49.26 32.05 -23.12
N TYR A 601 49.94 32.33 -22.01
CA TYR A 601 49.23 32.39 -20.73
C TYR A 601 48.32 33.61 -20.68
N GLU A 602 48.74 34.73 -21.26
CA GLU A 602 47.86 35.89 -21.30
C GLU A 602 46.66 35.64 -22.19
N ARG A 603 46.78 34.75 -23.17
CA ARG A 603 45.63 34.36 -23.98
C ARG A 603 44.70 33.45 -23.21
N ILE A 604 45.26 32.45 -22.51
CA ILE A 604 44.45 31.58 -21.69
C ILE A 604 43.77 32.37 -20.58
N ASN A 605 44.38 33.47 -20.15
CA ASN A 605 43.75 34.30 -19.13
C ASN A 605 42.37 34.76 -19.58
N ARG A 606 42.31 35.40 -20.74
CA ARG A 606 41.03 35.80 -21.29
C ARG A 606 40.16 34.58 -21.58
N GLN A 607 40.72 33.58 -22.25
CA GLN A 607 39.92 32.42 -22.62
C GLN A 607 39.26 31.77 -21.41
N LEU A 608 39.82 31.95 -20.22
CA LEU A 608 39.29 31.35 -19.01
C LEU A 608 38.41 32.26 -18.18
N ILE A 609 38.70 33.58 -18.15
CA ILE A 609 37.83 34.44 -17.37
C ILE A 609 36.58 34.80 -18.15
N GLU A 610 36.65 34.83 -19.48
CA GLU A 610 35.44 35.02 -20.27
C GLU A 610 34.53 33.80 -20.27
N ALA A 611 35.01 32.65 -19.82
CA ALA A 611 34.14 31.50 -19.67
C ALA A 611 33.34 31.55 -18.38
N LYS A 612 33.88 32.21 -17.35
CA LYS A 612 33.18 32.36 -16.08
C LYS A 612 32.35 33.63 -16.01
N MET A 613 32.77 34.69 -16.69
CA MET A 613 31.99 35.92 -16.72
C MET A 613 30.77 35.82 -17.60
N ALA A 614 30.52 34.68 -18.23
CA ALA A 614 29.41 34.52 -19.16
C ALA A 614 28.26 33.80 -18.46
N LEU A 615 27.09 34.43 -18.45
CA LEU A 615 25.96 33.88 -17.69
C LEU A 615 25.38 32.65 -18.36
N GLN A 616 25.55 32.51 -19.66
CA GLN A 616 24.87 31.46 -20.43
C GLN A 616 25.75 30.23 -20.54
N ASP A 617 25.27 29.12 -20.01
CA ASP A 617 25.94 27.82 -20.04
C ASP A 617 27.45 27.96 -19.83
N ARG A 618 27.81 28.50 -18.67
CA ARG A 618 29.23 28.69 -18.39
C ARG A 618 29.93 27.38 -18.14
N GLU A 619 29.24 26.39 -17.57
CA GLU A 619 29.89 25.10 -17.37
C GLU A 619 30.32 24.49 -18.69
N GLU A 620 29.47 24.59 -19.71
CA GLU A 620 29.80 24.05 -21.02
C GLU A 620 30.83 24.93 -21.74
N LYS A 621 30.62 26.25 -21.72
CA LYS A 621 31.58 27.15 -22.34
C LYS A 621 32.94 27.12 -21.68
N MET A 622 33.03 26.55 -20.48
CA MET A 622 34.29 26.39 -19.77
C MET A 622 34.90 25.01 -19.96
N GLU A 623 34.06 23.98 -20.05
CA GLU A 623 34.57 22.69 -20.47
C GLU A 623 35.25 22.82 -21.82
N LYS A 624 34.59 23.48 -22.77
CA LYS A 624 35.15 23.61 -24.10
C LYS A 624 36.38 24.49 -24.15
N VAL A 625 36.74 25.17 -23.07
CA VAL A 625 37.94 26.01 -23.06
C VAL A 625 39.10 25.31 -22.36
N PHE A 626 38.90 24.82 -21.15
CA PHE A 626 40.03 24.07 -20.61
C PHE A 626 40.05 22.62 -21.07
N ASP A 627 39.30 22.31 -22.12
CA ASP A 627 39.51 21.08 -22.88
C ASP A 627 40.42 21.30 -24.07
N ASP A 628 40.68 22.55 -24.44
CA ASP A 628 41.78 22.85 -25.36
C ASP A 628 42.94 23.55 -24.67
N ILE A 629 42.81 23.89 -23.38
CA ILE A 629 43.99 24.25 -22.62
C ILE A 629 44.88 23.05 -22.35
N GLU A 630 44.32 21.84 -22.38
CA GLU A 630 45.04 20.59 -22.11
C GLU A 630 45.22 19.86 -23.44
N THR A 631 46.30 20.19 -24.16
CA THR A 631 46.48 19.72 -25.53
C THR A 631 47.70 18.82 -25.69
N ASN A 632 48.89 19.30 -25.37
CA ASN A 632 50.11 18.50 -25.55
C ASN A 632 50.97 18.71 -24.31
N MET A 633 50.80 17.80 -23.34
CA MET A 633 51.43 17.91 -22.05
C MET A 633 52.45 16.78 -21.87
N ASN A 634 53.64 17.15 -21.42
CA ASN A 634 54.70 16.16 -21.23
C ASN A 634 54.34 15.24 -20.09
N LEU A 635 54.08 13.97 -20.39
CA LEU A 635 53.73 13.01 -19.36
C LEU A 635 54.88 12.86 -18.37
N ILE A 636 54.58 13.08 -17.09
CA ILE A 636 55.56 12.94 -16.03
C ILE A 636 55.58 11.52 -15.48
N GLY A 637 54.42 10.98 -15.13
CA GLY A 637 54.42 9.65 -14.55
C GLY A 637 53.01 9.17 -14.27
N ALA A 638 52.91 8.17 -13.40
CA ALA A 638 51.64 7.59 -13.03
C ALA A 638 51.68 7.23 -11.56
N THR A 639 50.50 7.07 -10.97
CA THR A 639 50.40 6.74 -9.55
C THR A 639 49.28 5.74 -9.33
N ALA A 640 49.54 4.71 -8.55
CA ALA A 640 48.55 3.69 -8.22
C ALA A 640 48.12 3.82 -6.77
N VAL A 641 46.82 3.66 -6.55
CA VAL A 641 46.21 3.80 -5.23
C VAL A 641 45.38 2.56 -4.99
N GLU A 642 45.66 1.85 -3.89
CA GLU A 642 44.92 0.64 -3.57
C GLU A 642 43.70 0.97 -2.74
N ASP A 643 42.61 0.29 -3.03
CA ASP A 643 41.35 0.49 -2.33
C ASP A 643 40.75 -0.87 -1.95
N LYS A 644 40.04 -0.91 -0.84
CA LYS A 644 39.55 -2.15 -0.27
C LYS A 644 38.04 -2.25 -0.38
N LEU A 645 37.54 -3.48 -0.38
CA LEU A 645 36.10 -3.71 -0.46
C LEU A 645 35.45 -3.42 0.89
N GLN A 646 34.16 -3.12 0.85
CA GLN A 646 33.47 -2.77 2.09
C GLN A 646 33.33 -4.02 2.95
N ASP A 647 32.64 -3.85 4.09
CA ASP A 647 32.57 -4.91 5.08
C ASP A 647 32.20 -6.25 4.46
N GLN A 648 31.00 -6.35 3.91
CA GLN A 648 30.50 -7.61 3.35
C GLN A 648 30.15 -7.46 1.88
N ALA A 649 30.98 -6.74 1.12
CA ALA A 649 30.65 -6.44 -0.26
C ALA A 649 30.76 -7.64 -1.17
N ALA A 650 31.15 -8.80 -0.66
CA ALA A 650 31.14 -10.02 -1.46
C ALA A 650 30.06 -10.99 -1.01
N GLU A 651 29.90 -11.12 0.30
CA GLU A 651 28.82 -11.90 0.87
C GLU A 651 27.46 -11.24 0.68
N THR A 652 27.41 -10.02 0.17
CA THR A 652 26.14 -9.43 -0.24
C THR A 652 25.85 -9.61 -1.71
N ILE A 653 26.87 -9.58 -2.57
CA ILE A 653 26.62 -9.89 -3.97
C ILE A 653 26.36 -11.37 -4.16
N GLU A 654 26.91 -12.22 -3.29
CA GLU A 654 26.48 -13.62 -3.32
C GLU A 654 25.04 -13.75 -2.85
N ALA A 655 24.66 -13.03 -1.80
CA ALA A 655 23.29 -13.08 -1.33
C ALA A 655 22.31 -12.49 -2.32
N LEU A 656 22.76 -11.63 -3.22
CA LEU A 656 21.91 -11.09 -4.26
C LEU A 656 21.89 -11.96 -5.50
N HIS A 657 22.98 -12.63 -5.82
CA HIS A 657 22.94 -13.58 -6.92
C HIS A 657 22.16 -14.82 -6.56
N ALA A 658 22.08 -15.14 -5.26
CA ALA A 658 21.32 -16.31 -4.83
C ALA A 658 19.84 -16.09 -4.97
N ALA A 659 19.35 -14.94 -4.55
CA ALA A 659 17.94 -14.59 -4.59
C ALA A 659 17.44 -14.25 -5.96
N GLY A 660 18.21 -14.57 -6.99
CA GLY A 660 17.76 -14.46 -8.35
C GLY A 660 18.18 -13.20 -9.09
N LEU A 661 18.46 -12.11 -8.38
CA LEU A 661 18.71 -10.84 -9.04
C LEU A 661 19.87 -10.96 -10.01
N LYS A 662 20.01 -9.96 -10.87
CA LYS A 662 21.10 -9.88 -11.82
C LYS A 662 21.88 -8.61 -11.52
N VAL A 663 23.04 -8.75 -10.89
CA VAL A 663 23.80 -7.62 -10.41
C VAL A 663 24.76 -7.17 -11.51
N TRP A 664 24.51 -5.99 -12.07
CA TRP A 664 25.40 -5.30 -12.99
C TRP A 664 26.19 -4.26 -12.23
N VAL A 665 27.44 -4.06 -12.64
CA VAL A 665 28.29 -3.07 -12.02
C VAL A 665 28.59 -2.01 -13.07
N LEU A 666 27.96 -0.85 -12.95
CA LEU A 666 28.18 0.27 -13.85
C LEU A 666 29.16 1.20 -13.18
N THR A 667 30.43 1.10 -13.54
CA THR A 667 31.45 1.88 -12.88
C THR A 667 32.01 2.93 -13.82
N GLY A 668 32.90 3.74 -13.30
CA GLY A 668 33.57 4.71 -14.14
C GLY A 668 35.06 4.46 -14.13
N ASP A 669 35.49 3.46 -13.38
CA ASP A 669 36.91 3.18 -13.24
C ASP A 669 37.39 2.32 -14.40
N LYS A 670 38.67 1.97 -14.36
CA LYS A 670 39.30 1.28 -15.47
C LYS A 670 38.67 -0.08 -15.67
N MET A 671 39.11 -0.80 -16.69
CA MET A 671 38.50 -2.09 -17.02
C MET A 671 39.13 -3.25 -16.28
N GLU A 672 40.43 -3.20 -16.01
CA GLU A 672 41.05 -4.25 -15.23
C GLU A 672 40.97 -3.99 -13.74
N THR A 673 40.95 -2.74 -13.33
CA THR A 673 40.66 -2.43 -11.93
C THR A 673 39.26 -2.86 -11.56
N ALA A 674 38.28 -2.46 -12.36
CA ALA A 674 36.90 -2.89 -12.14
C ALA A 674 36.79 -4.40 -12.20
N LYS A 675 37.50 -5.03 -13.13
CA LYS A 675 37.43 -6.48 -13.28
C LYS A 675 38.06 -7.20 -12.09
N SER A 676 39.15 -6.67 -11.54
CA SER A 676 39.72 -7.27 -10.34
C SER A 676 38.79 -7.11 -9.15
N THR A 677 38.19 -5.93 -8.98
CA THR A 677 37.24 -5.77 -7.90
C THR A 677 36.05 -6.70 -8.07
N CYS A 678 35.64 -6.94 -9.32
CA CYS A 678 34.51 -7.84 -9.56
C CYS A 678 34.87 -9.27 -9.26
N TYR A 679 36.08 -9.70 -9.60
CA TYR A 679 36.53 -11.04 -9.21
C TYR A 679 36.64 -11.17 -7.70
N ALA A 680 37.03 -10.10 -7.01
CA ALA A 680 37.07 -10.15 -5.54
C ALA A 680 35.67 -10.29 -4.96
N CYS A 681 34.74 -9.42 -5.40
CA CYS A 681 33.37 -9.47 -4.91
C CYS A 681 32.69 -10.79 -5.19
N ARG A 682 33.26 -11.63 -6.06
CA ARG A 682 32.60 -12.84 -6.51
C ARG A 682 31.46 -12.55 -7.48
N LEU A 683 31.53 -11.42 -8.18
CA LEU A 683 30.64 -11.23 -9.31
C LEU A 683 30.98 -12.20 -10.42
N PHE A 684 32.26 -12.27 -10.77
CA PHE A 684 32.78 -13.24 -11.72
C PHE A 684 33.40 -14.38 -10.96
N GLN A 685 32.88 -15.59 -11.15
CA GLN A 685 33.46 -16.74 -10.49
C GLN A 685 34.71 -17.21 -11.24
N THR A 686 35.38 -18.21 -10.65
CA THR A 686 36.68 -18.62 -11.17
C THR A 686 36.57 -19.18 -12.59
N ASN A 687 35.61 -20.06 -12.83
CA ASN A 687 35.43 -20.68 -14.15
C ASN A 687 34.30 -19.98 -14.92
N THR A 688 34.58 -18.73 -15.31
CA THR A 688 33.67 -17.92 -16.09
C THR A 688 34.34 -17.54 -17.39
N GLU A 689 33.63 -17.71 -18.49
CA GLU A 689 34.13 -17.28 -19.81
C GLU A 689 33.66 -15.86 -20.05
N LEU A 690 34.59 -14.93 -20.07
CA LEU A 690 34.24 -13.52 -20.16
C LEU A 690 34.13 -13.09 -21.61
N LEU A 691 33.12 -12.26 -21.88
CA LEU A 691 32.86 -11.71 -23.20
C LEU A 691 33.24 -10.23 -23.15
N GLU A 692 34.38 -9.90 -23.72
CA GLU A 692 34.93 -8.55 -23.64
C GLU A 692 34.50 -7.75 -24.86
N LEU A 693 33.60 -6.78 -24.66
CA LEU A 693 33.29 -5.78 -25.67
C LEU A 693 34.06 -4.49 -25.43
N THR A 694 35.20 -4.56 -24.77
CA THR A 694 35.96 -3.38 -24.40
C THR A 694 36.62 -2.80 -25.64
N THR A 695 37.53 -1.85 -25.44
CA THR A 695 38.33 -1.29 -26.52
C THR A 695 39.60 -2.09 -26.79
N LYS A 696 39.84 -3.16 -26.05
CA LYS A 696 40.98 -4.03 -26.31
C LYS A 696 40.70 -5.03 -27.42
N THR A 697 39.45 -5.19 -27.83
CA THR A 697 39.10 -6.15 -28.86
C THR A 697 38.12 -5.57 -29.88
N ILE A 698 37.86 -4.26 -29.86
CA ILE A 698 36.77 -3.69 -30.64
C ILE A 698 37.24 -2.42 -31.33
N GLU A 699 38.54 -2.29 -31.56
CA GLU A 699 39.03 -1.09 -32.22
C GLU A 699 38.72 -1.13 -33.72
N GLU A 700 37.44 -1.11 -34.07
CA GLU A 700 37.01 -0.94 -35.44
C GLU A 700 35.50 -0.76 -35.45
N SER A 701 35.02 0.20 -36.23
CA SER A 701 33.59 0.50 -36.21
C SER A 701 32.78 -0.73 -36.59
N GLU A 702 33.25 -1.50 -37.58
CA GLU A 702 32.56 -2.68 -38.05
C GLU A 702 33.01 -3.96 -37.37
N ARG A 703 34.28 -4.05 -36.95
CA ARG A 703 34.78 -5.24 -36.27
C ARG A 703 34.13 -5.46 -34.92
N LYS A 704 33.44 -4.46 -34.37
CA LYS A 704 32.68 -4.70 -33.15
C LYS A 704 31.50 -5.63 -33.44
N GLU A 705 30.70 -5.28 -34.45
CA GLU A 705 29.52 -6.08 -34.75
C GLU A 705 29.86 -7.54 -34.97
N ASP A 706 31.06 -7.82 -35.48
CA ASP A 706 31.49 -9.20 -35.64
C ASP A 706 31.26 -9.97 -34.36
N ARG A 707 31.92 -9.57 -33.28
CA ARG A 707 31.70 -10.23 -31.99
C ARG A 707 30.26 -10.04 -31.55
N LEU A 708 29.75 -8.81 -31.66
CA LEU A 708 28.44 -8.46 -31.15
C LEU A 708 27.44 -9.53 -31.52
N HIS A 709 27.52 -10.05 -32.74
CA HIS A 709 26.60 -11.09 -33.19
C HIS A 709 27.17 -12.50 -33.10
N GLU A 710 28.49 -12.66 -33.24
CA GLU A 710 29.07 -13.99 -33.22
C GLU A 710 29.01 -14.61 -31.84
N LEU A 711 29.33 -13.84 -30.80
CA LEU A 711 29.27 -14.35 -29.44
C LEU A 711 27.88 -14.23 -28.84
N LEU A 712 26.89 -13.75 -29.59
CA LEU A 712 25.51 -13.97 -29.15
C LEU A 712 24.80 -15.06 -29.92
N ILE A 713 24.51 -14.81 -31.20
CA ILE A 713 23.48 -15.59 -31.90
C ILE A 713 23.99 -16.96 -32.32
N GLU A 714 25.30 -17.13 -32.44
CA GLU A 714 25.89 -18.43 -32.73
C GLU A 714 26.59 -19.02 -31.52
N TYR A 715 26.66 -18.30 -30.41
CA TYR A 715 27.51 -18.66 -29.29
C TYR A 715 26.73 -18.90 -28.01
N ARG A 716 25.90 -17.95 -27.59
CA ARG A 716 25.20 -18.02 -26.31
C ARG A 716 23.74 -18.39 -26.46
N LYS A 717 23.27 -18.57 -27.69
CA LYS A 717 21.95 -19.13 -27.94
C LYS A 717 22.02 -20.55 -28.51
N LYS A 718 23.19 -20.99 -28.96
CA LYS A 718 23.38 -22.33 -29.49
C LYS A 718 24.06 -23.28 -28.51
N LEU A 719 24.97 -22.76 -27.69
CA LEU A 719 25.67 -23.58 -26.71
C LEU A 719 24.76 -24.56 -26.00
N GLU A 736 26.66 -22.22 -16.58
CA GLU A 736 26.39 -21.00 -17.35
C GLU A 736 26.45 -19.77 -16.44
N HIS A 737 25.71 -19.84 -15.33
CA HIS A 737 25.74 -18.76 -14.35
C HIS A 737 27.17 -18.41 -13.97
N GLN A 738 28.00 -19.42 -13.76
CA GLN A 738 29.40 -19.23 -13.46
C GLN A 738 30.26 -19.13 -14.72
N GLU A 739 29.68 -19.34 -15.90
CA GLU A 739 30.45 -19.45 -17.12
C GLU A 739 30.48 -18.17 -17.94
N TYR A 740 29.38 -17.43 -17.99
CA TYR A 740 29.28 -16.27 -18.87
C TYR A 740 29.12 -14.98 -18.08
N GLY A 741 29.92 -13.98 -18.45
CA GLY A 741 29.86 -12.65 -17.90
C GLY A 741 30.40 -11.66 -18.91
N LEU A 742 29.72 -10.52 -19.06
CA LEU A 742 30.02 -9.54 -20.09
C LEU A 742 30.82 -8.39 -19.51
N ILE A 743 31.65 -7.76 -20.34
CA ILE A 743 32.47 -6.63 -19.91
C ILE A 743 32.46 -5.59 -21.01
N ILE A 744 31.73 -4.49 -20.81
CA ILE A 744 31.58 -3.46 -21.83
C ILE A 744 32.34 -2.21 -21.42
N ASP A 745 32.34 -1.20 -22.28
CA ASP A 745 32.96 0.08 -22.01
C ASP A 745 31.94 1.21 -22.18
N GLY A 746 32.44 2.43 -22.21
CA GLY A 746 31.59 3.57 -22.45
C GLY A 746 31.57 3.95 -23.91
N SER A 747 32.75 4.05 -24.50
CA SER A 747 32.84 4.33 -25.93
C SER A 747 32.17 3.23 -26.75
N THR A 748 32.34 1.97 -26.34
CA THR A 748 31.72 0.86 -27.06
C THR A 748 30.20 0.86 -26.90
N LEU A 749 29.71 1.13 -25.70
CA LEU A 749 28.26 1.25 -25.54
C LEU A 749 27.71 2.40 -26.35
N SER A 750 28.46 3.49 -26.46
CA SER A 750 28.05 4.57 -27.34
C SER A 750 27.98 4.08 -28.78
N LEU A 751 29.05 3.45 -29.27
CA LEU A 751 29.03 2.91 -30.63
C LEU A 751 27.80 2.07 -30.87
N ILE A 752 27.42 1.25 -29.90
CA ILE A 752 26.27 0.37 -30.06
C ILE A 752 24.99 1.19 -30.12
N LEU A 753 24.70 1.97 -29.09
CA LEU A 753 23.41 2.64 -28.99
C LEU A 753 23.31 3.82 -29.93
N ASN A 754 24.22 4.78 -29.80
CA ASN A 754 24.08 6.06 -30.47
C ASN A 754 23.88 5.88 -31.97
N SER A 755 24.93 5.46 -32.68
CA SER A 755 24.91 5.43 -34.14
C SER A 755 24.56 4.07 -34.69
N SER A 756 23.66 3.34 -34.02
CA SER A 756 23.07 2.13 -34.57
C SER A 756 21.82 2.43 -35.38
N GLN A 757 21.77 3.58 -36.05
CA GLN A 757 20.64 3.99 -36.86
C GLN A 757 20.84 3.71 -38.34
N ASP A 758 21.86 2.93 -38.70
CA ASP A 758 22.14 2.66 -40.10
C ASP A 758 21.97 1.19 -40.46
N SER A 759 22.54 0.28 -39.68
CA SER A 759 22.51 -1.15 -39.99
C SER A 759 21.48 -1.84 -39.10
N SER A 760 20.37 -2.27 -39.71
CA SER A 760 19.25 -2.81 -38.94
C SER A 760 18.63 -4.03 -39.61
N SER A 761 19.42 -4.82 -40.34
CA SER A 761 18.96 -6.16 -40.70
C SER A 761 18.90 -7.05 -39.48
N ASN A 762 19.79 -6.81 -38.50
CA ASN A 762 19.78 -7.48 -37.21
C ASN A 762 20.22 -6.39 -36.22
N ASN A 763 19.24 -5.76 -35.56
CA ASN A 763 19.48 -4.53 -34.82
C ASN A 763 20.62 -4.66 -33.83
N TYR A 764 21.49 -3.65 -33.79
CA TYR A 764 22.62 -3.68 -32.87
C TYR A 764 22.16 -3.72 -31.42
N LYS A 765 21.42 -2.71 -31.00
CA LYS A 765 20.94 -2.65 -29.63
C LYS A 765 20.15 -3.89 -29.27
N SER A 766 19.41 -4.44 -30.23
CA SER A 766 18.60 -5.63 -29.94
C SER A 766 19.48 -6.85 -29.70
N ILE A 767 20.41 -7.13 -30.61
CA ILE A 767 21.29 -8.27 -30.42
C ILE A 767 22.06 -8.09 -29.13
N PHE A 768 22.40 -6.86 -28.76
CA PHE A 768 23.20 -6.65 -27.57
C PHE A 768 22.39 -6.89 -26.30
N LEU A 769 21.17 -6.37 -26.24
CA LEU A 769 20.30 -6.67 -25.11
C LEU A 769 20.06 -8.16 -25.00
N GLN A 770 20.00 -8.85 -26.14
CA GLN A 770 19.89 -10.30 -26.12
C GLN A 770 21.12 -10.95 -25.50
N ILE A 771 22.31 -10.48 -25.87
CA ILE A 771 23.54 -10.96 -25.24
C ILE A 771 23.47 -10.73 -23.73
N CYS A 772 22.96 -9.58 -23.32
CA CYS A 772 22.99 -9.21 -21.92
C CYS A 772 22.06 -10.09 -21.08
N MET A 773 20.83 -10.31 -21.56
CA MET A 773 19.85 -10.99 -20.71
C MET A 773 20.22 -12.44 -20.39
N LYS A 774 21.18 -13.03 -21.10
CA LYS A 774 21.64 -14.38 -20.80
C LYS A 774 22.85 -14.38 -19.88
N CYS A 775 23.20 -13.23 -19.32
CA CYS A 775 24.31 -13.09 -18.38
C CYS A 775 23.80 -12.43 -17.10
N THR A 776 24.06 -13.07 -15.97
CA THR A 776 23.80 -12.48 -14.66
C THR A 776 24.99 -11.66 -14.14
N ALA A 777 26.07 -11.61 -14.90
CA ALA A 777 27.22 -10.79 -14.57
C ALA A 777 27.54 -9.88 -15.73
N VAL A 778 27.52 -8.58 -15.48
CA VAL A 778 27.92 -7.60 -16.49
C VAL A 778 28.67 -6.49 -15.78
N LEU A 779 29.75 -6.06 -16.38
CA LEU A 779 30.61 -5.02 -15.82
C LEU A 779 30.79 -3.96 -16.88
N CYS A 780 30.27 -2.78 -16.65
CA CYS A 780 30.32 -1.68 -17.61
C CYS A 780 31.37 -0.71 -17.14
N CYS A 781 32.58 -0.83 -17.69
CA CYS A 781 33.68 0.02 -17.27
C CYS A 781 33.56 1.40 -17.88
N ARG A 782 34.44 2.29 -17.47
CA ARG A 782 34.59 3.62 -18.06
C ARG A 782 33.25 4.20 -18.48
N MET A 783 32.26 4.08 -17.60
CA MET A 783 30.90 4.53 -17.87
C MET A 783 30.73 5.92 -17.28
N ALA A 784 30.17 6.85 -18.05
CA ALA A 784 29.97 8.20 -17.58
C ALA A 784 28.64 8.32 -16.85
N PRO A 785 28.39 9.45 -16.18
CA PRO A 785 27.21 9.56 -15.33
C PRO A 785 25.91 9.54 -16.07
N LEU A 786 25.91 9.74 -17.40
CA LEU A 786 24.71 9.68 -18.20
C LEU A 786 24.53 8.35 -18.89
N GLN A 787 25.61 7.66 -19.23
CA GLN A 787 25.48 6.29 -19.71
C GLN A 787 25.04 5.37 -18.60
N LYS A 788 25.42 5.68 -17.36
CA LYS A 788 24.91 4.91 -16.23
C LYS A 788 23.39 4.91 -16.21
N ALA A 789 22.76 5.95 -16.74
CA ALA A 789 21.30 5.99 -16.82
C ALA A 789 20.77 5.48 -18.14
N GLN A 790 21.53 5.63 -19.22
CA GLN A 790 21.16 4.97 -20.47
C GLN A 790 20.98 3.49 -20.26
N ILE A 791 21.81 2.88 -19.41
CA ILE A 791 21.73 1.43 -19.21
C ILE A 791 20.46 1.04 -18.45
N VAL A 792 20.16 1.77 -17.38
CA VAL A 792 18.91 1.49 -16.67
C VAL A 792 17.73 1.73 -17.57
N ARG A 793 17.80 2.72 -18.47
CA ARG A 793 16.70 2.93 -19.40
C ARG A 793 16.56 1.76 -20.36
N MET A 794 17.66 1.34 -20.99
CA MET A 794 17.63 0.15 -21.83
C MET A 794 16.96 -1.00 -21.14
N VAL A 795 17.28 -1.21 -19.87
CA VAL A 795 16.77 -2.41 -19.20
C VAL A 795 15.33 -2.23 -18.73
N LYS A 796 14.91 -1.02 -18.40
CA LYS A 796 13.55 -0.88 -17.90
C LYS A 796 12.51 -1.27 -18.92
N ASN A 797 12.91 -1.55 -20.16
CA ASN A 797 11.98 -1.72 -21.27
C ASN A 797 11.86 -3.15 -21.77
N LEU A 798 12.93 -3.93 -21.72
CA LEU A 798 12.93 -5.24 -22.37
C LEU A 798 11.94 -6.24 -21.77
N LYS A 799 11.16 -6.87 -22.64
CA LYS A 799 10.48 -8.15 -22.39
C LYS A 799 9.75 -8.03 -21.05
N GLY A 800 9.09 -6.90 -20.86
CA GLY A 800 8.27 -6.71 -19.68
C GLY A 800 8.74 -5.53 -18.85
N SER A 801 8.68 -5.69 -17.54
CA SER A 801 9.07 -4.65 -16.60
C SER A 801 10.03 -5.29 -15.61
N PRO A 802 11.26 -5.52 -16.00
CA PRO A 802 12.24 -5.95 -15.02
C PRO A 802 12.42 -4.86 -14.00
N ILE A 803 11.99 -5.08 -12.77
CA ILE A 803 12.03 -4.03 -11.76
C ILE A 803 13.49 -3.79 -11.40
N THR A 804 14.02 -2.65 -11.78
CA THR A 804 15.43 -2.35 -11.57
C THR A 804 15.63 -1.64 -10.25
N LEU A 805 16.80 -1.83 -9.66
CA LEU A 805 17.26 -1.02 -8.55
C LEU A 805 18.62 -0.50 -8.92
N SER A 806 19.00 0.62 -8.32
CA SER A 806 20.28 1.24 -8.64
C SER A 806 20.80 1.91 -7.40
N ILE A 807 22.02 1.55 -7.02
CA ILE A 807 22.58 1.92 -5.73
C ILE A 807 23.89 2.65 -5.96
N GLY A 808 23.99 3.87 -5.46
CA GLY A 808 25.18 4.67 -5.72
C GLY A 808 25.51 5.55 -4.54
N ASP A 809 26.76 6.01 -4.50
CA ASP A 809 27.21 6.84 -3.39
C ASP A 809 27.86 8.14 -3.81
N GLY A 810 27.89 8.45 -5.10
CA GLY A 810 28.58 9.63 -5.54
C GLY A 810 27.69 10.62 -6.24
N ALA A 811 28.30 11.58 -6.94
CA ALA A 811 27.54 12.48 -7.79
C ALA A 811 27.34 11.93 -9.19
N ASN A 812 28.17 10.97 -9.60
CA ASN A 812 27.94 10.30 -10.87
C ASN A 812 26.66 9.49 -10.84
N ASP A 813 26.40 8.81 -9.73
CA ASP A 813 25.26 7.92 -9.60
C ASP A 813 24.00 8.65 -9.22
N VAL A 814 23.92 9.96 -9.43
CA VAL A 814 22.66 10.64 -9.15
C VAL A 814 21.69 10.56 -10.30
N SER A 815 22.11 9.99 -11.42
CA SER A 815 21.29 9.89 -12.62
C SER A 815 20.50 8.59 -12.67
N MET A 816 21.16 7.46 -12.40
CA MET A 816 20.43 6.20 -12.35
C MET A 816 19.61 6.08 -11.08
N ILE A 817 20.09 6.61 -9.96
CA ILE A 817 19.28 6.64 -8.75
C ILE A 817 17.97 7.38 -8.99
N LEU A 818 17.91 8.21 -10.02
CA LEU A 818 16.69 8.89 -10.42
C LEU A 818 15.94 8.18 -11.54
N GLU A 819 16.66 7.45 -12.37
CA GLU A 819 16.03 6.77 -13.50
C GLU A 819 15.30 5.50 -13.09
N SER A 820 15.91 4.71 -12.20
CA SER A 820 15.45 3.34 -11.97
C SER A 820 14.25 3.30 -11.03
N HIS A 821 13.62 2.12 -10.96
CA HIS A 821 12.36 2.00 -10.22
C HIS A 821 12.53 2.46 -8.79
N VAL A 822 13.53 1.94 -8.09
CA VAL A 822 13.78 2.28 -6.69
C VAL A 822 15.27 2.54 -6.57
N GLY A 823 15.63 3.72 -6.09
CA GLY A 823 17.03 4.11 -6.02
C GLY A 823 17.51 4.11 -4.58
N ILE A 824 18.73 3.63 -4.40
CA ILE A 824 19.36 3.56 -3.09
C ILE A 824 20.61 4.42 -3.12
N GLY A 825 20.75 5.29 -2.15
CA GLY A 825 21.93 6.12 -2.02
C GLY A 825 22.71 5.72 -0.78
N ILE A 826 23.96 5.59 -0.96
CA ILE A 826 24.88 5.34 0.14
C ILE A 826 25.40 6.67 0.63
N LYS A 827 25.70 6.75 1.91
CA LYS A 827 26.24 7.96 2.50
C LYS A 827 27.67 7.65 2.95
N GLY A 828 28.64 8.06 2.15
CA GLY A 828 30.01 7.66 2.33
C GLY A 828 30.97 8.84 2.35
N LYS A 829 32.16 8.60 1.81
CA LYS A 829 33.25 9.55 1.92
C LYS A 829 33.10 10.76 0.99
N GLU A 830 32.26 10.67 -0.04
CA GLU A 830 32.17 11.76 -1.00
C GLU A 830 31.24 12.86 -0.51
N GLY A 831 29.97 12.54 -0.34
CA GLY A 831 29.02 13.53 0.12
C GLY A 831 27.64 12.93 0.12
N ARG A 832 26.66 13.75 0.49
CA ARG A 832 25.27 13.32 0.57
C ARG A 832 24.46 13.79 -0.63
N GLN A 833 25.07 13.79 -1.80
CA GLN A 833 24.38 14.26 -2.99
C GLN A 833 23.41 13.23 -3.54
N ALA A 834 23.80 11.94 -3.52
CA ALA A 834 22.92 10.87 -3.99
C ALA A 834 21.95 10.41 -2.93
N ALA A 835 22.36 10.42 -1.67
CA ALA A 835 21.49 10.01 -0.58
C ALA A 835 20.21 10.83 -0.53
N ARG A 836 20.15 11.96 -1.20
CA ARG A 836 18.97 12.81 -1.17
C ARG A 836 18.17 12.79 -2.45
N ASN A 837 18.76 12.40 -3.57
CA ASN A 837 17.98 12.10 -4.76
C ASN A 837 17.39 10.71 -4.71
N SER A 838 17.88 9.85 -3.82
CA SER A 838 17.48 8.47 -3.74
C SER A 838 16.21 8.28 -2.94
N ASP A 839 15.54 7.15 -3.19
CA ASP A 839 14.34 6.78 -2.46
C ASP A 839 14.67 6.25 -1.07
N TYR A 840 15.68 5.39 -0.97
CA TYR A 840 16.17 4.97 0.33
C TYR A 840 17.64 5.33 0.41
N SER A 841 18.17 5.40 1.62
CA SER A 841 19.56 5.76 1.79
C SER A 841 20.12 4.97 2.95
N VAL A 842 21.13 4.16 2.68
CA VAL A 842 21.70 3.27 3.69
C VAL A 842 23.19 3.56 3.75
N PRO A 843 23.82 3.57 4.91
CA PRO A 843 25.23 3.94 4.96
C PRO A 843 26.19 2.81 4.67
N LYS A 844 25.88 1.92 3.75
CA LYS A 844 26.74 0.77 3.51
C LYS A 844 26.12 -0.05 2.41
N PHE A 845 26.94 -0.82 1.71
CA PHE A 845 26.40 -1.72 0.71
C PHE A 845 25.74 -2.92 1.38
N LYS A 846 26.42 -3.54 2.34
CA LYS A 846 25.92 -4.72 3.01
C LYS A 846 24.53 -4.54 3.58
N HIS A 847 24.03 -3.31 3.65
CA HIS A 847 22.68 -3.08 4.13
C HIS A 847 21.65 -3.30 3.04
N LEU A 848 22.09 -3.40 1.79
CA LEU A 848 21.19 -3.73 0.71
C LEU A 848 20.63 -5.14 0.86
N LYS A 849 21.42 -6.06 1.39
CA LYS A 849 20.93 -7.42 1.59
C LYS A 849 19.75 -7.42 2.54
N LYS A 850 19.93 -6.86 3.74
CA LYS A 850 18.82 -6.78 4.68
C LYS A 850 17.66 -6.03 4.07
N LEU A 851 17.91 -4.87 3.46
CA LEU A 851 16.83 -4.08 2.89
C LEU A 851 16.01 -4.92 1.93
N LEU A 852 16.57 -5.33 0.80
CA LEU A 852 15.80 -6.14 -0.13
C LEU A 852 15.26 -7.38 0.56
N LEU A 853 16.13 -8.30 0.94
CA LEU A 853 15.71 -9.64 1.30
C LEU A 853 14.74 -9.65 2.47
N ALA A 854 14.99 -8.91 3.53
CA ALA A 854 14.16 -9.05 4.70
C ALA A 854 13.27 -7.87 4.97
N HIS A 855 13.22 -6.86 4.11
CA HIS A 855 12.28 -5.76 4.24
C HIS A 855 11.38 -5.67 3.03
N GLY A 856 11.90 -5.80 1.82
CA GLY A 856 11.03 -5.87 0.69
C GLY A 856 10.19 -7.13 0.70
N HIS A 857 10.77 -8.25 1.10
CA HIS A 857 10.00 -9.48 1.19
C HIS A 857 8.78 -9.28 2.08
N LEU A 858 8.98 -8.79 3.30
CA LEU A 858 7.85 -8.62 4.21
C LEU A 858 6.94 -7.48 3.78
N TYR A 859 7.48 -6.37 3.32
CA TYR A 859 6.64 -5.27 2.87
C TYR A 859 5.79 -5.67 1.68
N TYR A 860 6.26 -6.59 0.86
CA TYR A 860 5.46 -6.99 -0.29
C TYR A 860 4.44 -8.04 0.10
N VAL A 861 4.83 -8.99 0.92
CA VAL A 861 3.90 -10.03 1.32
C VAL A 861 2.74 -9.44 2.11
N ARG A 862 3.02 -8.52 3.02
CA ARG A 862 1.95 -7.95 3.82
C ARG A 862 0.92 -7.24 2.96
N ILE A 863 1.36 -6.48 1.96
CA ILE A 863 0.38 -5.77 1.16
C ILE A 863 -0.28 -6.67 0.13
N ALA A 864 0.40 -7.67 -0.41
CA ALA A 864 -0.28 -8.55 -1.35
C ALA A 864 -1.38 -9.36 -0.65
N HIS A 865 -1.14 -9.80 0.58
CA HIS A 865 -2.18 -10.49 1.32
C HIS A 865 -3.13 -9.55 2.04
N LEU A 866 -2.91 -8.25 2.00
CA LEU A 866 -3.99 -7.34 2.34
C LEU A 866 -4.91 -7.13 1.14
N VAL A 867 -4.32 -7.01 -0.04
CA VAL A 867 -5.11 -6.74 -1.25
C VAL A 867 -5.97 -7.94 -1.61
N GLN A 868 -5.39 -9.15 -1.60
CA GLN A 868 -6.19 -10.33 -1.93
C GLN A 868 -7.37 -10.48 -0.97
N TYR A 869 -7.09 -10.36 0.32
CA TYR A 869 -8.12 -10.57 1.33
C TYR A 869 -9.18 -9.49 1.33
N PHE A 870 -8.85 -8.26 0.95
CA PHE A 870 -9.89 -7.23 0.94
C PHE A 870 -10.99 -7.52 -0.08
N PHE A 871 -10.67 -8.21 -1.14
CA PHE A 871 -11.66 -8.61 -2.12
C PHE A 871 -12.29 -9.94 -1.76
N TYR A 872 -11.51 -10.86 -1.23
CA TYR A 872 -12.07 -12.11 -0.73
C TYR A 872 -13.22 -11.82 0.22
N LYS A 873 -12.98 -11.01 1.24
CA LYS A 873 -13.98 -10.87 2.30
C LYS A 873 -15.28 -10.29 1.76
N ASN A 874 -15.22 -9.48 0.72
CA ASN A 874 -16.41 -8.84 0.16
C ASN A 874 -17.15 -9.72 -0.83
N LEU A 875 -16.46 -10.49 -1.67
CA LEU A 875 -17.17 -11.50 -2.44
C LEU A 875 -17.87 -12.50 -1.53
N CYS A 876 -17.24 -12.83 -0.41
CA CYS A 876 -17.89 -13.70 0.57
C CYS A 876 -19.13 -13.05 1.16
N PHE A 877 -19.03 -11.78 1.50
CA PHE A 877 -20.19 -11.00 1.96
C PHE A 877 -21.36 -11.13 0.99
N ILE A 878 -21.10 -10.86 -0.28
CA ILE A 878 -22.16 -10.54 -1.23
C ILE A 878 -22.61 -11.73 -2.04
N LEU A 879 -21.95 -12.87 -1.96
CA LEU A 879 -22.53 -13.98 -2.72
C LEU A 879 -23.79 -14.55 -2.09
N PRO A 880 -23.89 -14.69 -0.78
CA PRO A 880 -25.19 -15.03 -0.19
C PRO A 880 -26.32 -14.09 -0.55
N GLN A 881 -26.08 -12.79 -0.62
CA GLN A 881 -27.16 -11.87 -0.95
C GLN A 881 -27.54 -11.93 -2.41
N PHE A 882 -26.67 -12.41 -3.27
CA PHE A 882 -27.02 -12.63 -4.67
C PHE A 882 -27.77 -13.92 -4.83
N LEU A 883 -27.38 -14.96 -4.11
CA LEU A 883 -28.07 -16.22 -4.22
C LEU A 883 -29.45 -16.15 -3.61
N TYR A 884 -29.65 -15.29 -2.62
CA TYR A 884 -30.96 -15.14 -2.01
C TYR A 884 -31.98 -14.59 -2.96
N GLN A 885 -31.57 -14.06 -4.11
CA GLN A 885 -32.54 -13.42 -4.97
C GLN A 885 -33.37 -14.43 -5.71
N PHE A 886 -32.92 -15.66 -5.80
CA PHE A 886 -33.72 -16.70 -6.43
C PHE A 886 -34.80 -17.20 -5.49
N PHE A 887 -34.43 -17.37 -4.22
CA PHE A 887 -35.33 -17.84 -3.13
C PHE A 887 -36.16 -16.66 -2.60
N CYS A 888 -36.20 -15.63 -3.44
CA CYS A 888 -36.89 -14.34 -3.33
C CYS A 888 -37.54 -14.09 -4.70
N GLY A 889 -38.56 -13.25 -4.76
CA GLY A 889 -39.08 -13.02 -6.12
C GLY A 889 -38.10 -12.16 -6.88
N PHE A 890 -36.78 -12.46 -6.81
CA PHE A 890 -35.80 -11.58 -7.44
C PHE A 890 -36.04 -10.13 -7.08
N SER A 891 -36.72 -9.90 -5.97
CA SER A 891 -37.23 -8.61 -5.57
C SER A 891 -36.23 -7.76 -4.91
N GLN A 892 -34.95 -8.09 -5.01
CA GLN A 892 -33.87 -7.33 -4.39
C GLN A 892 -34.19 -6.98 -2.94
N GLN A 893 -34.32 -8.02 -2.14
CA GLN A 893 -34.56 -7.90 -0.71
C GLN A 893 -33.26 -8.20 0.02
N PRO A 894 -32.69 -7.27 0.76
CA PRO A 894 -31.41 -7.54 1.39
C PRO A 894 -31.49 -8.74 2.31
N LEU A 895 -30.48 -9.61 2.21
CA LEU A 895 -30.39 -10.75 3.10
C LEU A 895 -30.05 -10.32 4.52
N TYR A 896 -29.14 -9.36 4.65
CA TYR A 896 -28.63 -8.90 5.93
C TYR A 896 -29.30 -7.61 6.36
N ASP A 897 -29.29 -7.39 7.67
CA ASP A 897 -29.84 -6.18 8.27
C ASP A 897 -29.07 -4.98 7.80
N ALA A 898 -29.43 -3.78 8.24
CA ALA A 898 -28.73 -2.58 7.80
C ALA A 898 -27.51 -2.29 8.64
N ALA A 899 -27.60 -2.43 9.95
CA ALA A 899 -26.42 -2.25 10.78
C ALA A 899 -25.30 -3.14 10.30
N TYR A 900 -25.61 -4.36 9.92
CA TYR A 900 -24.58 -5.29 9.46
C TYR A 900 -23.95 -4.81 8.17
N LEU A 901 -24.75 -4.30 7.25
CA LEU A 901 -24.25 -3.83 5.97
C LEU A 901 -23.28 -2.68 6.13
N THR A 902 -23.58 -1.73 7.02
CA THR A 902 -22.64 -0.64 7.22
C THR A 902 -21.39 -1.13 7.95
N MET A 903 -21.57 -1.89 9.03
CA MET A 903 -20.48 -2.20 9.94
C MET A 903 -19.47 -3.17 9.33
N TYR A 904 -19.92 -4.17 8.57
CA TYR A 904 -19.00 -5.23 8.16
C TYR A 904 -17.62 -4.73 7.83
N ASN A 905 -17.52 -3.65 7.06
CA ASN A 905 -16.22 -3.24 6.55
C ASN A 905 -15.47 -2.35 7.53
N ILE A 906 -16.18 -1.49 8.26
CA ILE A 906 -15.55 -0.47 9.05
C ILE A 906 -15.45 -0.83 10.52
N CYS A 907 -16.07 -1.93 10.94
CA CYS A 907 -15.99 -2.31 12.34
C CYS A 907 -15.64 -3.77 12.53
N PHE A 908 -16.30 -4.65 11.79
CA PHE A 908 -16.22 -6.08 12.08
C PHE A 908 -15.01 -6.74 11.45
N THR A 909 -14.46 -6.16 10.39
CA THR A 909 -13.39 -6.79 9.64
C THR A 909 -12.26 -5.83 9.32
N SER A 910 -12.23 -4.65 9.91
CA SER A 910 -11.30 -3.61 9.52
C SER A 910 -9.94 -3.75 10.17
N LEU A 911 -9.88 -4.08 11.45
CA LEU A 911 -8.62 -4.08 12.18
C LEU A 911 -7.77 -5.31 11.89
N PRO A 912 -8.30 -6.51 12.06
CA PRO A 912 -7.47 -7.71 11.91
C PRO A 912 -6.51 -7.66 10.74
N ILE A 913 -6.97 -7.26 9.56
CA ILE A 913 -6.06 -7.23 8.42
C ILE A 913 -5.07 -6.08 8.53
N LEU A 914 -5.42 -4.98 9.18
CA LEU A 914 -4.43 -3.92 9.36
C LEU A 914 -3.33 -4.37 10.30
N ALA A 915 -3.70 -4.94 11.44
CA ALA A 915 -2.69 -5.48 12.35
C ALA A 915 -1.84 -6.54 11.67
N TYR A 916 -2.44 -7.36 10.81
CA TYR A 916 -1.66 -8.35 10.09
C TYR A 916 -0.68 -7.69 9.14
N SER A 917 -1.13 -6.74 8.34
CA SER A 917 -0.28 -6.09 7.37
C SER A 917 0.83 -5.28 8.02
N LEU A 918 0.67 -4.92 9.29
CA LEU A 918 1.77 -4.24 9.97
C LEU A 918 2.71 -5.22 10.66
N LEU A 919 2.22 -5.98 11.63
CA LEU A 919 3.08 -6.84 12.43
C LEU A 919 2.99 -8.28 11.97
N GLU A 920 3.60 -8.62 10.85
CA GLU A 920 3.51 -10.01 10.47
C GLU A 920 4.69 -10.45 9.64
N GLN A 921 5.24 -11.61 9.99
CA GLN A 921 6.36 -12.22 9.29
C GLN A 921 6.01 -13.65 8.97
N HIS A 922 5.67 -13.93 7.71
CA HIS A 922 5.35 -15.29 7.35
C HIS A 922 6.58 -16.17 7.34
N ILE A 923 7.76 -15.58 7.16
CA ILE A 923 9.03 -16.23 7.43
C ILE A 923 9.77 -15.33 8.40
N ASN A 924 10.17 -15.89 9.54
CA ASN A 924 10.88 -15.11 10.53
C ASN A 924 11.93 -14.23 9.87
N ILE A 925 12.04 -12.98 10.31
CA ILE A 925 12.89 -12.00 9.65
C ILE A 925 14.35 -12.33 9.76
N ASP A 926 14.70 -13.40 10.47
CA ASP A 926 16.07 -13.88 10.59
C ASP A 926 16.38 -14.97 9.59
N THR A 927 15.49 -15.95 9.47
CA THR A 927 15.60 -16.90 8.37
C THR A 927 15.44 -16.24 7.02
N LEU A 928 14.72 -15.12 6.95
CA LEU A 928 14.56 -14.40 5.69
C LEU A 928 15.89 -13.94 5.13
N THR A 929 16.75 -13.36 5.99
CA THR A 929 18.08 -12.92 5.57
C THR A 929 19.08 -14.06 5.54
N SER A 930 18.93 -15.05 6.43
CA SER A 930 19.82 -16.20 6.39
C SER A 930 19.63 -17.03 5.13
N ASP A 931 18.46 -16.99 4.51
CA ASP A 931 18.19 -17.78 3.30
C ASP A 931 17.62 -16.88 2.21
N PRO A 932 18.44 -16.43 1.27
CA PRO A 932 17.89 -15.80 0.08
C PRO A 932 17.58 -16.77 -1.04
N ARG A 933 18.22 -17.94 -0.97
CA ARG A 933 18.28 -18.92 -2.07
C ARG A 933 16.94 -18.96 -2.76
N LEU A 934 15.91 -18.92 -2.01
CA LEU A 934 14.63 -18.85 -2.64
C LEU A 934 13.75 -17.78 -2.05
N TYR A 935 13.73 -17.65 -0.73
CA TYR A 935 12.62 -17.02 -0.06
C TYR A 935 12.20 -15.76 -0.79
N MET A 936 13.15 -15.11 -1.46
CA MET A 936 12.91 -13.94 -2.27
C MET A 936 12.60 -14.32 -3.70
N LYS A 937 13.26 -15.33 -4.25
CA LYS A 937 12.96 -15.78 -5.60
C LYS A 937 11.55 -16.30 -5.70
N ILE A 938 10.89 -16.50 -4.56
CA ILE A 938 9.59 -17.13 -4.53
C ILE A 938 8.48 -16.21 -4.98
N SER A 939 8.66 -14.89 -4.91
CA SER A 939 7.58 -13.96 -5.23
C SER A 939 8.04 -12.90 -6.24
N GLY A 940 8.16 -13.28 -7.51
CA GLY A 940 8.45 -12.34 -8.58
C GLY A 940 7.19 -11.64 -9.07
N ASN A 941 6.43 -11.10 -8.12
CA ASN A 941 5.03 -10.65 -8.18
C ASN A 941 4.05 -11.81 -8.06
N ALA A 942 4.52 -13.01 -7.79
CA ALA A 942 3.68 -14.19 -7.93
C ALA A 942 2.50 -14.15 -6.99
N MET A 943 2.58 -13.38 -5.93
CA MET A 943 1.55 -13.44 -4.91
C MET A 943 0.31 -12.65 -5.27
N LEU A 944 0.27 -12.01 -6.44
CA LEU A 944 -0.84 -11.15 -6.84
C LEU A 944 -1.17 -11.34 -8.31
N GLN A 945 -0.88 -12.52 -8.86
CA GLN A 945 -1.04 -12.81 -10.27
C GLN A 945 -2.46 -13.25 -10.56
N LEU A 946 -2.68 -13.88 -11.72
CA LEU A 946 -3.99 -14.46 -12.00
C LEU A 946 -4.22 -15.71 -11.16
N GLY A 947 -3.27 -16.63 -11.17
CA GLY A 947 -3.36 -17.85 -10.39
C GLY A 947 -3.87 -17.62 -8.98
N PRO A 948 -3.13 -16.88 -8.18
CA PRO A 948 -3.60 -16.62 -6.81
C PRO A 948 -4.89 -15.82 -6.75
N PHE A 949 -5.08 -14.87 -7.66
CA PHE A 949 -6.31 -14.09 -7.65
C PHE A 949 -7.51 -15.00 -7.82
N LEU A 950 -7.46 -15.88 -8.81
CA LEU A 950 -8.63 -16.78 -9.05
C LEU A 950 -8.73 -17.85 -7.94
N TYR A 951 -7.61 -18.32 -7.38
CA TYR A 951 -7.75 -19.17 -6.22
C TYR A 951 -8.57 -18.48 -5.15
N TRP A 952 -8.26 -17.23 -4.86
CA TRP A 952 -8.98 -16.51 -3.82
C TRP A 952 -10.42 -16.26 -4.20
N THR A 953 -10.68 -15.92 -5.46
CA THR A 953 -12.05 -15.67 -5.90
C THR A 953 -12.88 -16.95 -5.88
N PHE A 954 -12.30 -18.07 -6.27
CA PHE A 954 -13.01 -19.32 -6.20
C PHE A 954 -13.20 -19.81 -4.78
N LEU A 955 -12.26 -19.55 -3.89
CA LEU A 955 -12.49 -19.85 -2.49
C LEU A 955 -13.62 -19.01 -1.91
N ALA A 956 -13.71 -17.74 -2.29
CA ALA A 956 -14.78 -16.88 -1.80
C ALA A 956 -16.12 -17.29 -2.37
N ALA A 957 -16.16 -17.69 -3.64
CA ALA A 957 -17.39 -18.24 -4.21
C ALA A 957 -17.80 -19.52 -3.50
N PHE A 958 -16.87 -20.44 -3.28
CA PHE A 958 -17.16 -21.66 -2.55
C PHE A 958 -17.70 -21.35 -1.16
N GLU A 959 -17.08 -20.42 -0.46
CA GLU A 959 -17.52 -20.12 0.89
C GLU A 959 -18.86 -19.43 0.92
N GLY A 960 -19.14 -18.54 -0.03
CA GLY A 960 -20.46 -17.93 -0.09
C GLY A 960 -21.54 -18.93 -0.42
N THR A 961 -21.27 -19.84 -1.35
CA THR A 961 -22.21 -20.92 -1.63
C THR A 961 -22.45 -21.78 -0.41
N VAL A 962 -21.41 -22.11 0.34
CA VAL A 962 -21.58 -22.93 1.53
C VAL A 962 -22.42 -22.21 2.57
N PHE A 963 -22.10 -20.95 2.86
CA PHE A 963 -22.90 -20.20 3.81
C PHE A 963 -24.36 -20.23 3.41
N PHE A 964 -24.67 -19.78 2.20
CA PHE A 964 -26.07 -19.69 1.83
C PHE A 964 -26.72 -21.05 1.87
N PHE A 965 -26.25 -21.99 1.06
CA PHE A 965 -26.91 -23.28 0.94
C PHE A 965 -26.63 -24.22 2.09
N GLY A 966 -26.02 -23.78 3.17
CA GLY A 966 -26.07 -24.59 4.35
C GLY A 966 -27.17 -24.05 5.21
N THR A 967 -27.32 -22.73 5.28
CA THR A 967 -28.45 -22.20 6.02
C THR A 967 -29.77 -22.52 5.33
N TYR A 968 -29.75 -22.57 4.01
CA TYR A 968 -30.94 -22.93 3.25
C TYR A 968 -31.40 -24.32 3.63
N PHE A 969 -30.50 -25.30 3.63
CA PHE A 969 -30.81 -26.68 3.98
C PHE A 969 -31.09 -26.85 5.46
N LEU A 970 -30.56 -25.99 6.30
CA LEU A 970 -30.91 -26.04 7.71
C LEU A 970 -32.30 -25.50 7.97
N PHE A 971 -32.78 -24.60 7.12
CA PHE A 971 -34.08 -23.99 7.34
C PHE A 971 -35.24 -24.79 6.75
N GLN A 972 -35.01 -26.04 6.34
CA GLN A 972 -36.06 -26.96 5.93
C GLN A 972 -36.65 -27.72 7.12
N THR A 973 -36.66 -27.14 8.31
CA THR A 973 -36.78 -27.97 9.50
C THR A 973 -38.18 -28.00 10.10
N ALA A 974 -38.92 -26.92 10.00
CA ALA A 974 -40.14 -26.64 10.74
C ALA A 974 -39.83 -26.12 12.12
N SER A 975 -38.60 -26.23 12.60
CA SER A 975 -38.18 -25.61 13.85
C SER A 975 -36.71 -25.90 14.03
N LEU A 976 -35.99 -25.01 14.68
CA LEU A 976 -34.61 -25.25 15.09
C LEU A 976 -34.45 -25.12 16.59
N GLU A 977 -35.51 -24.83 17.32
CA GLU A 977 -35.53 -24.80 18.76
C GLU A 977 -36.06 -26.12 19.28
N GLU A 978 -36.30 -26.19 20.58
CA GLU A 978 -37.00 -27.32 21.18
C GLU A 978 -38.36 -26.95 21.73
N ASN A 979 -38.74 -25.68 21.66
CA ASN A 979 -40.11 -25.25 21.87
C ASN A 979 -40.85 -25.09 20.57
N GLY A 980 -40.20 -25.38 19.45
CA GLY A 980 -40.84 -25.46 18.16
C GLY A 980 -41.24 -24.14 17.56
N LYS A 981 -40.44 -23.11 17.75
CA LYS A 981 -40.73 -21.80 17.19
C LYS A 981 -39.89 -21.59 15.93
N VAL A 982 -40.44 -20.85 15.00
CA VAL A 982 -39.93 -20.74 13.64
C VAL A 982 -39.16 -19.45 13.49
N TYR A 983 -38.21 -19.44 12.57
CA TYR A 983 -37.29 -18.33 12.40
C TYR A 983 -37.60 -17.61 11.08
N GLY A 984 -37.61 -16.29 11.13
CA GLY A 984 -37.97 -15.48 9.99
C GLY A 984 -36.87 -15.40 8.96
N ASN A 985 -36.80 -14.27 8.28
CA ASN A 985 -35.75 -14.00 7.32
C ASN A 985 -34.69 -13.07 7.86
N TRP A 986 -34.89 -12.54 9.05
CA TRP A 986 -33.83 -11.80 9.71
C TRP A 986 -32.93 -12.73 10.46
N THR A 987 -33.46 -13.84 10.97
CA THR A 987 -32.66 -14.88 11.56
C THR A 987 -31.98 -15.77 10.55
N PHE A 988 -32.39 -15.73 9.29
CA PHE A 988 -31.65 -16.37 8.21
C PHE A 988 -30.45 -15.53 7.85
N GLY A 989 -30.63 -14.23 7.79
CA GLY A 989 -29.53 -13.34 7.48
C GLY A 989 -28.51 -13.23 8.58
N THR A 990 -28.93 -13.24 9.84
CA THR A 990 -27.93 -13.19 10.90
C THR A 990 -27.19 -14.50 11.03
N ILE A 991 -27.79 -15.64 10.72
CA ILE A 991 -27.03 -16.88 10.67
C ILE A 991 -25.99 -16.82 9.56
N VAL A 992 -26.39 -16.41 8.36
CA VAL A 992 -25.41 -16.32 7.29
C VAL A 992 -24.33 -15.31 7.61
N PHE A 993 -24.67 -14.23 8.32
CA PHE A 993 -23.67 -13.22 8.66
C PHE A 993 -22.73 -13.71 9.76
N THR A 994 -23.23 -14.42 10.75
CA THR A 994 -22.36 -15.01 11.76
C THR A 994 -21.36 -15.95 11.11
N VAL A 995 -21.85 -16.84 10.27
CA VAL A 995 -20.94 -17.75 9.58
C VAL A 995 -19.94 -16.98 8.75
N LEU A 996 -20.36 -15.90 8.11
CA LEU A 996 -19.46 -15.12 7.26
C LEU A 996 -18.38 -14.43 8.08
N VAL A 997 -18.78 -13.71 9.12
CA VAL A 997 -17.83 -13.01 9.97
C VAL A 997 -16.80 -13.97 10.52
N PHE A 998 -17.25 -15.09 11.09
CA PHE A 998 -16.30 -16.02 11.68
C PHE A 998 -15.42 -16.68 10.64
N THR A 999 -15.94 -17.01 9.47
CA THR A 999 -15.09 -17.67 8.50
C THR A 999 -14.03 -16.73 7.96
N VAL A 1000 -14.35 -15.46 7.75
CA VAL A 1000 -13.31 -14.57 7.24
C VAL A 1000 -12.28 -14.27 8.32
N THR A 1001 -12.72 -14.02 9.55
CA THR A 1001 -11.78 -13.83 10.63
C THR A 1001 -10.85 -15.02 10.82
N LEU A 1002 -11.38 -16.24 10.76
CA LEU A 1002 -10.55 -17.42 10.97
C LEU A 1002 -9.78 -17.83 9.73
N LYS A 1003 -10.18 -17.44 8.54
CA LYS A 1003 -9.29 -17.58 7.41
C LYS A 1003 -8.07 -16.69 7.56
N LEU A 1004 -8.18 -15.56 8.25
CA LEU A 1004 -6.98 -14.78 8.55
C LEU A 1004 -6.21 -15.34 9.75
N ALA A 1005 -6.92 -15.86 10.75
CA ALA A 1005 -6.25 -16.48 11.87
C ALA A 1005 -5.52 -17.76 11.48
N LEU A 1006 -5.91 -18.39 10.40
CA LEU A 1006 -5.14 -19.50 9.85
C LEU A 1006 -3.99 -19.06 8.97
N ASP A 1007 -3.92 -17.77 8.64
CA ASP A 1007 -2.83 -17.26 7.84
C ASP A 1007 -1.71 -16.66 8.68
N THR A 1008 -2.05 -16.06 9.81
CA THR A 1008 -1.01 -15.47 10.64
C THR A 1008 -0.10 -16.56 11.17
N ARG A 1009 1.20 -16.45 10.86
CA ARG A 1009 2.22 -17.31 11.43
C ARG A 1009 3.04 -16.61 12.51
N PHE A 1010 2.65 -15.41 12.90
CA PHE A 1010 3.44 -14.62 13.85
C PHE A 1010 2.45 -13.92 14.76
N TRP A 1011 2.19 -14.50 15.93
CA TRP A 1011 1.05 -14.11 16.76
C TRP A 1011 1.48 -13.21 17.90
N THR A 1012 1.62 -11.93 17.61
CA THR A 1012 1.89 -10.98 18.66
C THR A 1012 0.64 -10.76 19.52
N TRP A 1013 0.82 -10.15 20.68
CA TRP A 1013 -0.34 -9.87 21.50
C TRP A 1013 -1.31 -8.98 20.77
N ILE A 1014 -0.83 -8.22 19.80
CA ILE A 1014 -1.71 -7.34 19.03
C ILE A 1014 -2.54 -8.12 18.04
N ASN A 1015 -1.98 -9.18 17.45
CA ASN A 1015 -2.79 -10.07 16.61
C ASN A 1015 -3.84 -10.76 17.45
N HIS A 1016 -3.45 -11.33 18.56
CA HIS A 1016 -4.46 -11.90 19.46
C HIS A 1016 -5.55 -10.89 19.74
N PHE A 1017 -5.16 -9.68 20.12
CA PHE A 1017 -6.12 -8.65 20.48
C PHE A 1017 -7.07 -8.37 19.34
N VAL A 1018 -6.57 -7.95 18.17
CA VAL A 1018 -7.45 -7.51 17.09
C VAL A 1018 -8.33 -8.65 16.63
N ILE A 1019 -7.80 -9.87 16.46
CA ILE A 1019 -8.61 -10.95 15.94
C ILE A 1019 -9.70 -11.37 16.92
N TRP A 1020 -9.31 -11.78 18.12
CA TRP A 1020 -10.35 -12.20 19.04
C TRP A 1020 -11.22 -11.04 19.49
N GLY A 1021 -10.78 -9.80 19.38
CA GLY A 1021 -11.61 -8.70 19.76
C GLY A 1021 -12.54 -8.26 18.66
N SER A 1022 -12.17 -8.43 17.40
CA SER A 1022 -13.14 -8.26 16.32
C SER A 1022 -14.27 -9.27 16.44
N LEU A 1023 -13.94 -10.52 16.76
CA LEU A 1023 -15.00 -11.50 16.96
C LEU A 1023 -15.86 -11.15 18.17
N ALA A 1024 -15.25 -10.79 19.29
CA ALA A 1024 -16.05 -10.44 20.45
C ALA A 1024 -16.81 -9.15 20.28
N PHE A 1025 -16.36 -8.23 19.42
CA PHE A 1025 -17.17 -7.05 19.17
C PHE A 1025 -18.33 -7.36 18.26
N TYR A 1026 -18.15 -8.19 17.23
CA TYR A 1026 -19.32 -8.63 16.51
C TYR A 1026 -20.34 -9.20 17.49
N VAL A 1027 -19.91 -10.10 18.36
CA VAL A 1027 -20.85 -10.75 19.26
C VAL A 1027 -21.41 -9.83 20.34
N PHE A 1028 -20.73 -8.74 20.71
CA PHE A 1028 -21.29 -7.83 21.70
C PHE A 1028 -22.13 -6.75 21.07
N PHE A 1029 -21.72 -6.23 19.91
CA PHE A 1029 -22.56 -5.30 19.19
C PHE A 1029 -23.87 -5.93 18.80
N SER A 1030 -23.86 -7.20 18.43
CA SER A 1030 -25.09 -7.81 17.98
C SER A 1030 -26.08 -7.97 19.12
N PHE A 1031 -25.62 -8.27 20.33
CA PHE A 1031 -26.50 -8.30 21.48
C PHE A 1031 -26.95 -6.90 21.89
N PHE A 1032 -26.05 -5.92 21.80
CA PHE A 1032 -26.40 -4.55 22.17
C PHE A 1032 -27.43 -3.96 21.23
N TRP A 1033 -27.30 -4.24 19.94
CA TRP A 1033 -28.25 -3.79 18.93
C TRP A 1033 -29.56 -4.60 18.96
N GLY A 1034 -29.50 -5.89 19.25
CA GLY A 1034 -30.71 -6.61 19.57
C GLY A 1034 -31.49 -5.95 20.69
N GLY A 1035 -30.85 -5.64 21.79
CA GLY A 1035 -31.59 -5.04 22.89
C GLY A 1035 -32.05 -3.64 22.50
N ILE A 1036 -32.40 -2.80 23.46
CA ILE A 1036 -32.92 -1.48 23.15
C ILE A 1036 -32.02 -0.58 22.31
N ILE A 1037 -32.37 -0.43 21.03
CA ILE A 1037 -31.85 0.57 20.10
C ILE A 1037 -33.03 1.25 19.40
N TRP A 1038 -34.08 1.45 20.15
CA TRP A 1038 -35.41 1.67 19.62
C TRP A 1038 -35.68 3.07 19.11
N PRO A 1039 -35.75 4.06 20.01
CA PRO A 1039 -36.52 5.28 19.69
C PRO A 1039 -36.26 5.86 18.32
N PHE A 1040 -35.03 5.91 17.86
CA PHE A 1040 -34.72 6.61 16.62
C PHE A 1040 -34.89 5.75 15.39
N LEU A 1041 -35.39 4.53 15.53
CA LEU A 1041 -35.49 3.59 14.43
C LEU A 1041 -36.90 3.53 13.90
N LYS A 1042 -37.02 3.05 12.67
CA LYS A 1042 -38.30 2.89 12.01
C LYS A 1042 -38.63 1.43 11.73
N GLN A 1043 -37.84 0.50 12.27
CA GLN A 1043 -37.79 -0.89 11.84
C GLN A 1043 -38.04 -1.89 12.97
N GLN A 1044 -37.36 -1.75 14.11
CA GLN A 1044 -37.30 -2.80 15.13
C GLN A 1044 -37.19 -4.17 14.49
N ARG A 1045 -36.38 -4.31 13.46
CA ARG A 1045 -36.39 -5.54 12.69
C ARG A 1045 -35.46 -6.61 13.24
N MET A 1046 -34.44 -6.24 13.99
CA MET A 1046 -33.50 -7.17 14.58
C MET A 1046 -33.54 -7.10 16.09
N TYR A 1047 -34.72 -7.05 16.67
CA TYR A 1047 -34.81 -6.73 18.09
C TYR A 1047 -34.29 -7.86 18.98
N PHE A 1048 -34.46 -9.11 18.59
CA PHE A 1048 -33.87 -10.18 19.39
C PHE A 1048 -33.36 -11.29 18.51
N VAL A 1049 -33.01 -10.96 17.27
CA VAL A 1049 -32.73 -12.00 16.31
C VAL A 1049 -31.50 -12.78 16.71
N PHE A 1050 -30.47 -12.11 17.22
CA PHE A 1050 -29.23 -12.78 17.63
C PHE A 1050 -29.43 -13.60 18.89
N ALA A 1051 -30.02 -13.02 19.91
CA ALA A 1051 -30.22 -13.73 21.15
C ALA A 1051 -31.22 -14.85 21.04
N GLN A 1052 -32.05 -14.91 20.00
CA GLN A 1052 -32.87 -16.09 19.77
C GLN A 1052 -32.18 -17.08 18.85
N MET A 1053 -31.46 -16.61 17.84
CA MET A 1053 -30.69 -17.51 17.01
C MET A 1053 -29.70 -18.32 17.81
N LEU A 1054 -29.18 -17.75 18.89
CA LEU A 1054 -28.18 -18.44 19.71
C LEU A 1054 -28.79 -19.29 20.81
N SER A 1055 -30.11 -19.39 20.88
CA SER A 1055 -30.75 -20.29 21.83
C SER A 1055 -31.08 -21.63 21.22
N SER A 1056 -30.42 -22.01 20.14
CA SER A 1056 -30.70 -23.27 19.46
C SER A 1056 -29.38 -24.01 19.29
N VAL A 1057 -29.27 -25.16 19.97
CA VAL A 1057 -28.12 -26.01 19.80
C VAL A 1057 -27.95 -26.34 18.33
N SER A 1058 -29.04 -26.42 17.60
CA SER A 1058 -28.97 -26.82 16.20
C SER A 1058 -28.30 -25.74 15.36
N THR A 1059 -28.59 -24.46 15.64
CA THR A 1059 -27.90 -23.40 14.94
C THR A 1059 -26.45 -23.30 15.37
N TRP A 1060 -26.15 -23.57 16.63
CA TRP A 1060 -24.75 -23.61 17.04
C TRP A 1060 -23.97 -24.65 16.26
N LEU A 1061 -24.50 -25.87 16.19
CA LEU A 1061 -23.81 -26.94 15.45
C LEU A 1061 -23.73 -26.63 13.97
N ALA A 1062 -24.76 -26.04 13.40
CA ALA A 1062 -24.72 -25.65 12.00
C ALA A 1062 -23.68 -24.59 11.75
N ILE A 1063 -23.55 -23.60 12.63
CA ILE A 1063 -22.55 -22.56 12.45
C ILE A 1063 -21.16 -23.17 12.53
N ILE A 1064 -20.93 -24.02 13.52
CA ILE A 1064 -19.62 -24.67 13.65
C ILE A 1064 -19.30 -25.48 12.39
N LEU A 1065 -20.25 -26.28 11.92
CA LEU A 1065 -20.01 -27.12 10.76
C LEU A 1065 -19.81 -26.32 9.50
N LEU A 1066 -20.48 -25.18 9.34
CA LEU A 1066 -20.32 -24.40 8.13
C LEU A 1066 -19.03 -23.60 8.14
N ILE A 1067 -18.63 -23.07 9.30
CA ILE A 1067 -17.30 -22.50 9.41
C ILE A 1067 -16.25 -23.54 9.03
N PHE A 1068 -16.41 -24.78 9.50
CA PHE A 1068 -15.42 -25.80 9.19
C PHE A 1068 -15.44 -26.20 7.72
N ILE A 1069 -16.62 -26.41 7.14
CA ILE A 1069 -16.68 -26.79 5.73
C ILE A 1069 -16.14 -25.67 4.86
N SER A 1070 -16.26 -24.42 5.30
CA SER A 1070 -15.77 -23.31 4.52
C SER A 1070 -14.26 -23.15 4.64
N LEU A 1071 -13.69 -23.47 5.79
CA LEU A 1071 -12.25 -23.39 5.94
C LEU A 1071 -11.53 -24.66 5.49
N PHE A 1072 -12.25 -25.73 5.20
CA PHE A 1072 -11.59 -26.96 4.77
C PHE A 1072 -10.68 -26.79 3.56
N PRO A 1073 -11.08 -26.13 2.49
CA PRO A 1073 -10.19 -26.08 1.31
C PRO A 1073 -8.90 -25.34 1.57
N GLU A 1074 -8.73 -24.86 2.81
CA GLU A 1074 -7.55 -24.15 3.25
C GLU A 1074 -6.71 -24.94 4.23
N ILE A 1075 -7.35 -25.53 5.23
CA ILE A 1075 -6.73 -26.56 6.06
C ILE A 1075 -6.27 -27.75 5.23
N LEU A 1076 -6.71 -27.85 3.99
CA LEU A 1076 -6.21 -28.91 3.12
C LEU A 1076 -4.91 -28.52 2.43
N LEU A 1077 -4.81 -27.27 1.96
CA LEU A 1077 -3.54 -26.82 1.40
C LEU A 1077 -2.46 -26.78 2.47
N ILE A 1078 -2.81 -26.34 3.68
CA ILE A 1078 -1.84 -26.35 4.76
C ILE A 1078 -1.18 -27.71 4.85
N VAL A 1079 -1.98 -28.76 4.85
CA VAL A 1079 -1.49 -30.13 5.04
C VAL A 1079 -0.77 -30.63 3.80
N LEU A 1080 -1.31 -30.36 2.61
CA LEU A 1080 -0.62 -30.78 1.40
C LEU A 1080 0.72 -30.10 1.24
N LYS A 1081 0.94 -28.96 1.89
CA LYS A 1081 2.26 -28.34 1.84
C LYS A 1081 3.17 -28.83 2.97
N ASN A 1082 2.63 -28.99 4.18
CA ASN A 1082 3.39 -29.59 5.26
C ASN A 1082 3.89 -30.99 4.89
N VAL A 1083 3.16 -31.68 4.02
CA VAL A 1083 3.58 -32.99 3.53
C VAL A 1083 4.24 -32.82 2.17
N ARG A 1084 5.34 -33.53 1.96
CA ARG A 1084 6.13 -33.44 0.73
C ARG A 1084 6.61 -32.01 0.49
N ARG B 27 21.86 3.03 18.66
CA ARG B 27 21.21 4.34 18.77
C ARG B 27 19.75 4.28 18.36
N PRO B 28 19.45 3.75 17.17
CA PRO B 28 18.07 3.67 16.73
C PRO B 28 17.23 3.02 17.83
N ASP B 29 15.99 3.46 17.96
CA ASP B 29 15.23 3.04 19.12
C ASP B 29 15.15 1.52 19.15
N ASN B 30 15.82 0.92 20.11
CA ASN B 30 15.90 -0.53 20.21
C ASN B 30 14.88 -1.06 21.22
N THR B 31 13.61 -0.85 20.90
CA THR B 31 12.53 -1.44 21.65
C THR B 31 12.01 -2.66 20.90
N ALA B 32 11.20 -3.44 21.60
CA ALA B 32 10.70 -4.68 21.03
C ALA B 32 9.92 -4.42 19.74
N PHE B 33 9.14 -3.34 19.72
CA PHE B 33 8.20 -3.13 18.63
C PHE B 33 8.85 -2.49 17.41
N LYS B 34 9.67 -1.47 17.60
CA LYS B 34 10.28 -0.79 16.46
C LYS B 34 11.20 -1.70 15.69
N GLN B 35 11.71 -2.74 16.34
CA GLN B 35 12.67 -3.64 15.74
C GLN B 35 12.02 -4.86 15.14
N GLN B 36 10.70 -4.89 15.09
CA GLN B 36 9.99 -6.00 14.47
C GLN B 36 10.41 -7.32 15.10
N ARG B 37 10.58 -7.30 16.42
CA ARG B 37 10.90 -8.50 17.17
C ARG B 37 10.08 -8.51 18.44
N LEU B 38 8.79 -8.32 18.31
CA LEU B 38 7.90 -8.53 19.43
C LEU B 38 7.91 -10.01 19.81
N PRO B 39 7.53 -10.34 21.04
CA PRO B 39 7.33 -11.75 21.41
C PRO B 39 6.09 -12.32 20.72
N ALA B 40 6.30 -13.38 19.94
CA ALA B 40 5.28 -13.95 19.08
C ALA B 40 5.23 -15.45 19.29
N TRP B 41 4.23 -16.09 18.68
CA TRP B 41 4.04 -17.54 18.80
C TRP B 41 4.54 -18.32 17.59
N GLN B 42 4.21 -17.91 16.39
CA GLN B 42 4.77 -18.60 15.24
C GLN B 42 4.49 -20.10 15.22
N PRO B 43 3.29 -20.53 14.85
CA PRO B 43 3.00 -21.97 14.83
C PRO B 43 3.87 -22.69 13.83
N ILE B 44 4.48 -23.78 14.29
CA ILE B 44 5.19 -24.71 13.41
C ILE B 44 4.19 -25.76 12.97
N LEU B 45 3.98 -25.87 11.67
CA LEU B 45 3.05 -26.84 11.12
C LEU B 45 3.85 -27.97 10.48
N THR B 46 4.04 -29.06 11.20
CA THR B 46 4.75 -30.22 10.69
C THR B 46 3.86 -31.45 10.81
N ALA B 47 4.14 -32.45 9.99
CA ALA B 47 3.26 -33.61 9.83
C ALA B 47 2.64 -34.03 11.16
N GLY B 48 3.47 -34.48 12.09
CA GLY B 48 3.01 -34.87 13.41
C GLY B 48 2.31 -33.75 14.14
N THR B 49 2.19 -32.60 13.50
CA THR B 49 1.40 -31.49 14.00
C THR B 49 0.23 -31.15 13.09
N VAL B 50 0.06 -31.89 11.99
CA VAL B 50 -0.98 -31.57 11.02
C VAL B 50 -1.90 -32.74 10.69
N LEU B 51 -1.53 -33.98 10.97
CA LEU B 51 -2.39 -35.13 10.68
C LEU B 51 -3.38 -35.43 11.81
N PRO B 52 -2.92 -35.48 13.05
CA PRO B 52 -3.84 -35.70 14.17
C PRO B 52 -4.99 -34.72 14.15
N ILE B 53 -4.86 -33.63 13.40
CA ILE B 53 -5.99 -32.72 13.18
C ILE B 53 -7.08 -33.42 12.37
N PHE B 54 -6.74 -33.90 11.18
CA PHE B 54 -7.73 -34.61 10.39
C PHE B 54 -8.36 -35.72 11.20
N PHE B 55 -7.54 -36.47 11.94
CA PHE B 55 -8.12 -37.59 12.68
C PHE B 55 -9.00 -37.12 13.82
N ILE B 56 -8.64 -36.03 14.50
CA ILE B 56 -9.45 -35.59 15.61
C ILE B 56 -10.78 -35.08 15.14
N ILE B 57 -10.82 -34.34 14.03
CA ILE B 57 -12.12 -33.84 13.59
C ILE B 57 -12.95 -34.98 13.03
N GLY B 58 -12.35 -35.92 12.30
CA GLY B 58 -13.10 -37.08 11.90
C GLY B 58 -13.78 -37.77 13.07
N LEU B 59 -13.01 -38.07 14.12
CA LEU B 59 -13.54 -38.80 15.26
C LEU B 59 -14.47 -37.99 16.13
N ILE B 60 -14.39 -36.66 16.08
CA ILE B 60 -15.34 -35.87 16.86
C ILE B 60 -16.61 -35.59 16.08
N PHE B 61 -16.56 -35.64 14.75
CA PHE B 61 -17.74 -35.37 13.96
C PHE B 61 -18.59 -36.61 13.81
N ILE B 62 -18.02 -37.73 13.37
CA ILE B 62 -18.85 -38.89 13.09
C ILE B 62 -19.71 -39.27 14.29
N PRO B 63 -19.21 -39.27 15.51
CA PRO B 63 -20.10 -39.46 16.66
C PRO B 63 -21.20 -38.41 16.76
N ILE B 64 -20.89 -37.14 16.52
CA ILE B 64 -21.93 -36.11 16.57
C ILE B 64 -22.92 -36.30 15.44
N GLY B 65 -22.42 -36.49 14.23
CA GLY B 65 -23.25 -36.75 13.08
C GLY B 65 -23.96 -38.07 13.09
N ILE B 66 -23.80 -38.88 14.12
CA ILE B 66 -24.63 -40.05 14.31
C ILE B 66 -25.64 -39.85 15.42
N GLY B 67 -25.25 -39.23 16.53
CA GLY B 67 -26.22 -38.85 17.52
C GLY B 67 -27.30 -37.96 16.95
N ILE B 68 -26.91 -37.03 16.08
CA ILE B 68 -27.86 -36.11 15.47
C ILE B 68 -28.76 -36.82 14.47
N PHE B 69 -28.16 -37.57 13.56
CA PHE B 69 -28.93 -38.36 12.61
C PHE B 69 -29.96 -39.21 13.30
N VAL B 70 -29.59 -39.83 14.43
CA VAL B 70 -30.51 -40.71 15.12
C VAL B 70 -31.61 -39.91 15.82
N THR B 71 -31.25 -38.82 16.50
CA THR B 71 -32.27 -37.99 17.13
C THR B 71 -33.28 -37.49 16.10
N SER B 72 -32.82 -37.14 14.91
CA SER B 72 -33.73 -36.75 13.84
C SER B 72 -34.62 -37.91 13.44
N ASN B 73 -34.03 -38.98 12.92
CA ASN B 73 -34.85 -40.09 12.44
C ASN B 73 -35.80 -40.61 13.50
N ASN B 74 -35.61 -40.28 14.77
CA ASN B 74 -36.55 -40.71 15.78
C ASN B 74 -37.68 -39.72 16.00
N ILE B 75 -37.89 -38.80 15.08
CA ILE B 75 -38.89 -37.74 15.21
C ILE B 75 -40.03 -38.08 14.26
N ARG B 76 -41.20 -38.30 14.83
CA ARG B 76 -42.36 -38.72 14.07
C ARG B 76 -43.15 -37.50 13.63
N GLU B 77 -43.39 -37.39 12.33
CA GLU B 77 -44.14 -36.28 11.78
C GLU B 77 -45.02 -36.75 10.64
N ILE B 78 -46.08 -36.02 10.38
CA ILE B 78 -46.97 -36.32 9.27
C ILE B 78 -47.50 -35.01 8.72
N GLU B 79 -47.50 -34.87 7.40
CA GLU B 79 -47.95 -33.66 6.73
C GLU B 79 -49.05 -34.00 5.73
N ILE B 80 -50.19 -33.33 5.85
CA ILE B 80 -51.33 -33.54 4.98
C ILE B 80 -51.51 -32.30 4.12
N ASP B 81 -51.37 -32.45 2.81
CA ASP B 81 -51.57 -31.35 1.88
C ASP B 81 -53.05 -31.23 1.55
N TYR B 82 -53.72 -30.26 2.15
CA TYR B 82 -55.16 -30.11 2.00
C TYR B 82 -55.53 -28.91 1.15
N THR B 83 -54.82 -28.69 0.05
CA THR B 83 -55.14 -27.54 -0.77
C THR B 83 -56.35 -27.78 -1.66
N GLY B 84 -56.66 -29.03 -1.97
CA GLY B 84 -57.65 -29.32 -3.00
C GLY B 84 -56.93 -29.61 -4.30
N THR B 85 -57.51 -29.22 -5.44
CA THR B 85 -56.90 -29.34 -6.75
C THR B 85 -56.80 -30.77 -7.25
N GLU B 86 -57.10 -31.77 -6.44
CA GLU B 86 -57.12 -33.15 -6.88
C GLU B 86 -58.57 -33.58 -6.95
N PRO B 87 -59.14 -33.77 -8.14
CA PRO B 87 -60.59 -33.96 -8.28
C PRO B 87 -61.22 -34.82 -7.20
N SER B 88 -60.49 -35.80 -6.69
CA SER B 88 -61.02 -36.73 -5.70
C SER B 88 -60.85 -36.24 -4.26
N SER B 89 -60.25 -35.08 -4.06
CA SER B 89 -59.93 -34.65 -2.71
C SER B 89 -61.16 -34.12 -2.00
N PRO B 90 -61.26 -34.32 -0.69
CA PRO B 90 -62.45 -33.83 0.03
C PRO B 90 -62.59 -32.33 -0.01
N CYS B 91 -61.50 -31.61 -0.22
CA CYS B 91 -61.49 -30.16 -0.13
C CYS B 91 -61.62 -29.48 -1.49
N ASN B 92 -61.91 -30.24 -2.54
CA ASN B 92 -62.10 -29.61 -3.84
C ASN B 92 -63.45 -28.91 -3.96
N LYS B 93 -64.33 -29.08 -2.98
CA LYS B 93 -65.60 -28.39 -2.97
C LYS B 93 -65.47 -26.94 -2.53
N CYS B 94 -64.32 -26.53 -2.00
CA CYS B 94 -64.05 -25.12 -1.74
C CYS B 94 -62.72 -24.68 -2.31
N LEU B 95 -62.13 -25.46 -3.20
CA LEU B 95 -60.99 -24.98 -3.97
C LEU B 95 -61.34 -23.70 -4.71
N SER B 96 -62.56 -23.61 -5.21
CA SER B 96 -63.02 -22.42 -5.91
C SER B 96 -63.59 -21.40 -4.93
N PRO B 97 -63.90 -20.19 -5.39
CA PRO B 97 -64.55 -19.22 -4.51
C PRO B 97 -65.98 -19.61 -4.22
N ASP B 98 -66.20 -20.18 -3.03
CA ASP B 98 -67.50 -20.70 -2.65
C ASP B 98 -68.03 -19.96 -1.44
N VAL B 99 -69.24 -20.35 -1.00
CA VAL B 99 -69.88 -19.71 0.14
C VAL B 99 -68.87 -19.57 1.26
N THR B 100 -68.63 -18.33 1.70
CA THR B 100 -67.50 -17.99 2.54
C THR B 100 -67.07 -19.09 3.50
N PRO B 101 -67.95 -19.70 4.29
CA PRO B 101 -67.54 -20.75 5.23
C PRO B 101 -67.58 -22.15 4.62
N CYS B 102 -66.60 -22.47 3.78
CA CYS B 102 -66.44 -23.87 3.41
C CYS B 102 -66.16 -24.71 4.65
N PHE B 103 -66.19 -26.02 4.45
CA PHE B 103 -65.87 -26.97 5.51
C PHE B 103 -65.49 -28.26 4.80
N CYS B 104 -64.21 -28.59 4.76
CA CYS B 104 -63.83 -29.89 4.25
C CYS B 104 -63.23 -30.70 5.39
N THR B 105 -63.01 -31.98 5.15
CA THR B 105 -62.32 -32.81 6.13
C THR B 105 -61.54 -33.88 5.39
N ILE B 106 -60.34 -34.14 5.90
CA ILE B 106 -59.43 -35.12 5.33
C ILE B 106 -59.18 -36.19 6.38
N ASN B 107 -58.99 -37.42 5.94
CA ASN B 107 -58.74 -38.53 6.84
C ASN B 107 -57.26 -38.88 6.80
N PHE B 108 -56.60 -38.81 7.96
CA PHE B 108 -55.24 -39.31 8.03
C PHE B 108 -55.18 -40.38 9.10
N THR B 109 -54.09 -41.13 9.10
CA THR B 109 -53.89 -42.22 10.03
C THR B 109 -52.50 -42.13 10.63
N LEU B 110 -52.43 -42.21 11.95
CA LEU B 110 -51.16 -42.23 12.66
C LEU B 110 -50.82 -43.68 12.94
N GLU B 111 -49.87 -44.22 12.18
CA GLU B 111 -49.46 -45.60 12.37
C GLU B 111 -48.70 -45.77 13.69
N LYS B 112 -47.75 -44.88 13.96
CA LYS B 112 -46.92 -44.96 15.15
C LYS B 112 -47.19 -43.76 16.03
N SER B 113 -47.65 -44.00 17.25
CA SER B 113 -48.11 -42.94 18.12
C SER B 113 -47.05 -41.86 18.31
N PHE B 114 -47.51 -40.65 18.60
CA PHE B 114 -46.65 -39.52 18.90
C PHE B 114 -46.49 -39.43 20.42
N GLU B 115 -45.24 -39.32 20.88
CA GLU B 115 -44.94 -39.50 22.29
C GLU B 115 -44.91 -38.20 23.07
N GLY B 116 -44.02 -37.28 22.72
CA GLY B 116 -43.81 -36.11 23.55
C GLY B 116 -44.98 -35.17 23.49
N ASN B 117 -44.73 -33.87 23.67
CA ASN B 117 -45.73 -32.87 23.31
C ASN B 117 -45.54 -32.51 21.85
N VAL B 118 -46.65 -32.37 21.14
CA VAL B 118 -46.64 -32.28 19.70
C VAL B 118 -46.90 -30.84 19.29
N PHE B 119 -46.44 -30.49 18.09
CA PHE B 119 -46.58 -29.15 17.54
C PHE B 119 -47.23 -29.26 16.18
N MET B 120 -48.34 -28.55 15.98
CA MET B 120 -49.02 -28.49 14.70
C MET B 120 -48.67 -27.19 14.00
N TYR B 121 -48.15 -27.29 12.79
CA TYR B 121 -47.77 -26.18 11.95
C TYR B 121 -48.75 -26.04 10.82
N TYR B 122 -48.54 -25.05 9.96
CA TYR B 122 -49.21 -24.97 8.67
C TYR B 122 -48.21 -24.46 7.67
N GLY B 123 -48.12 -25.12 6.55
CA GLY B 123 -47.16 -24.76 5.55
C GLY B 123 -47.79 -23.95 4.45
N LEU B 124 -46.94 -23.39 3.61
CA LEU B 124 -47.42 -22.66 2.45
C LEU B 124 -46.31 -22.68 1.42
N SER B 125 -46.66 -22.99 0.19
CA SER B 125 -45.68 -23.02 -0.88
C SER B 125 -45.98 -21.88 -1.83
N ASN B 126 -45.00 -21.56 -2.67
CA ASN B 126 -45.13 -20.45 -3.58
C ASN B 126 -45.76 -19.24 -2.91
N PHE B 127 -45.40 -18.99 -1.65
CA PHE B 127 -45.90 -17.83 -0.92
C PHE B 127 -44.66 -17.09 -0.46
N TYR B 128 -44.36 -15.97 -1.12
CA TYR B 128 -43.15 -15.19 -0.85
C TYR B 128 -43.45 -14.17 0.23
N GLN B 129 -43.39 -14.61 1.48
CA GLN B 129 -43.39 -13.66 2.57
C GLN B 129 -42.09 -12.88 2.64
N ASN B 130 -41.07 -13.30 1.92
CA ASN B 130 -39.76 -12.67 1.84
C ASN B 130 -39.62 -11.83 0.59
N HIS B 131 -40.56 -10.93 0.31
CA HIS B 131 -40.55 -10.12 -0.90
C HIS B 131 -40.34 -8.69 -0.45
N ARG B 132 -39.41 -7.99 -1.09
CA ARG B 132 -39.04 -6.66 -0.59
C ARG B 132 -40.27 -5.81 -0.34
N ARG B 133 -41.17 -5.75 -1.31
CA ARG B 133 -42.37 -4.95 -1.20
C ARG B 133 -43.27 -5.41 -0.08
N TYR B 134 -43.15 -6.67 0.31
CA TYR B 134 -43.99 -7.32 1.31
C TYR B 134 -43.41 -7.22 2.69
N VAL B 135 -42.08 -7.28 2.82
CA VAL B 135 -41.47 -7.11 4.12
C VAL B 135 -41.51 -5.65 4.55
N LYS B 136 -41.34 -4.71 3.62
CA LYS B 136 -41.45 -3.31 3.97
C LYS B 136 -42.78 -2.96 4.61
N SER B 137 -43.79 -3.77 4.42
CA SER B 137 -45.19 -3.34 4.49
C SER B 137 -45.77 -3.44 5.88
N ARG B 138 -45.01 -3.15 6.91
CA ARG B 138 -45.51 -3.08 8.26
C ARG B 138 -45.26 -1.71 8.83
N ASP B 139 -45.75 -1.48 10.04
CA ASP B 139 -45.49 -0.22 10.74
C ASP B 139 -45.14 -0.54 12.19
N ASP B 140 -43.86 -0.78 12.45
CA ASP B 140 -43.44 -1.24 13.77
C ASP B 140 -43.78 -0.23 14.86
N SER B 141 -43.73 1.05 14.55
CA SER B 141 -44.06 2.08 15.53
C SER B 141 -45.49 1.98 16.01
N GLN B 142 -46.37 1.40 15.21
CA GLN B 142 -47.79 1.26 15.54
C GLN B 142 -48.09 -0.01 16.29
N LEU B 143 -47.55 -1.13 15.81
CA LEU B 143 -47.67 -2.39 16.50
C LEU B 143 -46.97 -2.37 17.84
N ASN B 144 -46.06 -1.42 18.05
CA ASN B 144 -45.40 -1.23 19.33
C ASN B 144 -46.15 -0.28 20.24
N GLY B 145 -47.40 0.05 19.93
CA GLY B 145 -48.25 0.79 20.82
C GLY B 145 -48.07 2.29 20.83
N ASP B 146 -47.38 2.85 19.84
CA ASP B 146 -47.12 4.28 19.80
C ASP B 146 -48.40 4.99 19.42
N SER B 147 -49.03 5.67 20.37
CA SER B 147 -50.31 6.32 20.11
C SER B 147 -50.24 7.29 18.95
N SER B 148 -49.05 7.83 18.67
CA SER B 148 -48.94 8.75 17.55
C SER B 148 -49.04 8.04 16.22
N ALA B 149 -48.47 6.84 16.12
CA ALA B 149 -48.49 6.09 14.88
C ALA B 149 -49.73 5.23 14.74
N LEU B 150 -50.50 5.05 15.81
CA LEU B 150 -51.77 4.35 15.69
C LEU B 150 -52.72 5.09 14.78
N LEU B 151 -52.90 6.39 15.03
CA LEU B 151 -53.88 7.20 14.30
C LEU B 151 -53.31 7.84 13.04
N ASN B 152 -52.11 7.47 12.63
CA ASN B 152 -51.67 7.82 11.28
C ASN B 152 -50.56 6.88 10.86
N PRO B 153 -50.90 5.67 10.44
CA PRO B 153 -49.88 4.69 10.06
C PRO B 153 -48.88 5.21 9.05
N SER B 154 -47.75 4.52 8.94
CA SER B 154 -46.67 4.99 8.10
C SER B 154 -47.10 4.91 6.64
N LYS B 155 -46.16 5.21 5.75
CA LYS B 155 -46.41 5.15 4.33
C LYS B 155 -45.62 4.04 3.66
N GLU B 156 -44.99 3.18 4.45
CA GLU B 156 -44.45 1.93 3.92
C GLU B 156 -45.54 0.90 3.74
N CYS B 157 -46.45 0.81 4.70
CA CYS B 157 -47.60 -0.06 4.54
C CYS B 157 -48.57 0.54 3.54
N GLU B 158 -48.18 0.62 2.28
CA GLU B 158 -48.85 1.63 1.47
C GLU B 158 -50.26 1.35 0.99
N PRO B 159 -50.51 0.36 0.14
CA PRO B 159 -51.83 0.28 -0.47
C PRO B 159 -52.85 -0.05 0.59
N TYR B 160 -52.42 -0.49 1.76
CA TYR B 160 -53.29 -0.86 2.86
C TYR B 160 -53.06 0.05 4.06
N ARG B 161 -52.86 1.33 3.80
CA ARG B 161 -52.58 2.32 4.84
C ARG B 161 -53.77 3.16 5.22
N ARG B 162 -54.70 3.40 4.30
CA ARG B 162 -55.96 4.06 4.63
C ARG B 162 -57.03 3.55 3.70
N ASN B 163 -58.24 3.37 4.22
CA ASN B 163 -59.39 3.09 3.39
C ASN B 163 -60.62 3.59 4.12
N GLU B 164 -61.65 3.91 3.36
CA GLU B 164 -62.85 4.50 3.93
C GLU B 164 -62.47 5.73 4.76
N ASP B 165 -61.52 6.49 4.24
CA ASP B 165 -61.12 7.76 4.85
C ASP B 165 -60.79 7.58 6.32
N LYS B 166 -60.00 6.55 6.62
CA LYS B 166 -59.57 6.29 7.98
C LYS B 166 -58.22 5.59 7.91
N PRO B 167 -57.52 5.48 9.03
CA PRO B 167 -56.29 4.70 9.08
C PRO B 167 -56.52 3.29 9.58
N ILE B 168 -55.91 2.33 8.90
CA ILE B 168 -56.09 0.92 9.23
C ILE B 168 -55.27 0.56 10.45
N ALA B 169 -55.84 -0.24 11.34
CA ALA B 169 -55.17 -0.54 12.59
C ALA B 169 -53.89 -1.31 12.33
N PRO B 170 -53.93 -2.59 11.94
CA PRO B 170 -52.67 -3.20 11.47
C PRO B 170 -52.45 -2.92 9.98
N CYS B 171 -51.96 -1.73 9.69
CA CYS B 171 -51.69 -1.38 8.31
C CYS B 171 -50.75 -2.39 7.68
N GLY B 172 -50.66 -2.36 6.37
CA GLY B 172 -49.66 -3.09 5.62
C GLY B 172 -50.23 -4.27 4.89
N ALA B 173 -49.39 -4.84 4.03
CA ALA B 173 -49.71 -6.11 3.40
C ALA B 173 -49.56 -7.26 4.38
N ILE B 174 -48.48 -7.26 5.15
CA ILE B 174 -48.18 -8.39 6.02
C ILE B 174 -49.36 -8.69 6.92
N MET B 175 -49.98 -7.66 7.48
CA MET B 175 -51.03 -7.85 8.45
C MET B 175 -52.37 -8.09 7.80
N ASN B 176 -52.49 -7.75 6.53
CA ASN B 176 -53.75 -7.87 5.82
C ASN B 176 -53.94 -9.28 5.30
N SER B 177 -52.90 -9.84 4.72
CA SER B 177 -52.93 -11.18 4.13
C SER B 177 -52.63 -12.25 5.15
N MET B 178 -53.26 -12.18 6.30
CA MET B 178 -52.97 -13.06 7.41
C MET B 178 -53.73 -14.37 7.26
N PHE B 179 -53.02 -15.49 7.39
CA PHE B 179 -53.62 -16.81 7.27
C PHE B 179 -54.81 -16.94 8.20
N ASN B 180 -55.95 -17.37 7.65
CA ASN B 180 -57.17 -17.30 8.45
C ASN B 180 -58.11 -18.49 8.30
N ASP B 181 -57.63 -19.70 8.04
CA ASP B 181 -58.54 -20.83 8.04
C ASP B 181 -58.25 -21.74 9.22
N THR B 182 -59.32 -22.25 9.82
CA THR B 182 -59.27 -22.93 11.10
C THR B 182 -59.16 -24.43 10.87
N LEU B 183 -58.08 -25.02 11.37
CA LEU B 183 -57.88 -26.46 11.30
C LEU B 183 -58.20 -27.07 12.65
N GLU B 184 -58.91 -28.21 12.64
CA GLU B 184 -59.21 -28.93 13.86
C GLU B 184 -58.95 -30.41 13.65
N LEU B 185 -58.63 -31.10 14.74
CA LEU B 185 -58.27 -32.50 14.71
C LEU B 185 -59.25 -33.29 15.54
N PHE B 186 -59.59 -34.49 15.07
CA PHE B 186 -60.44 -35.40 15.81
C PHE B 186 -59.88 -36.81 15.68
N LEU B 187 -60.03 -37.59 16.75
CA LEU B 187 -59.65 -38.99 16.75
C LEU B 187 -60.89 -39.85 16.60
N ILE B 188 -60.74 -41.02 16.00
CA ILE B 188 -61.87 -41.91 15.78
C ILE B 188 -61.65 -43.13 16.66
N GLY B 189 -62.34 -43.18 17.79
CA GLY B 189 -62.12 -44.23 18.78
C GLY B 189 -62.62 -45.61 18.39
N GLN B 190 -62.82 -46.48 19.37
CA GLN B 190 -63.38 -47.79 19.07
C GLN B 190 -64.78 -47.67 18.50
N ASP B 191 -65.49 -46.61 18.85
CA ASP B 191 -66.70 -46.22 18.15
C ASP B 191 -66.27 -45.49 16.87
N SER B 192 -67.20 -44.79 16.25
CA SER B 192 -66.83 -43.83 15.23
C SER B 192 -66.91 -42.39 15.74
N TYR B 193 -67.40 -42.17 16.94
CA TYR B 193 -67.54 -40.83 17.46
C TYR B 193 -66.19 -40.13 17.45
N PRO B 194 -66.14 -38.84 17.15
CA PRO B 194 -64.85 -38.14 17.16
C PRO B 194 -64.50 -37.61 18.53
N ILE B 195 -63.34 -38.02 19.03
CA ILE B 195 -62.78 -37.46 20.26
C ILE B 195 -62.02 -36.19 19.88
N PRO B 196 -62.42 -35.03 20.37
CA PRO B 196 -61.84 -33.76 19.93
C PRO B 196 -60.52 -33.48 20.62
N ILE B 197 -59.43 -33.55 19.86
CA ILE B 197 -58.11 -33.29 20.41
C ILE B 197 -58.00 -31.82 20.79
N ALA B 198 -57.36 -31.56 21.94
CA ALA B 198 -57.35 -30.23 22.52
C ALA B 198 -56.09 -29.49 22.13
N LEU B 199 -56.25 -28.39 21.40
CA LEU B 199 -55.14 -27.59 20.92
C LEU B 199 -55.02 -26.33 21.75
N LYS B 200 -53.79 -25.83 21.86
CA LYS B 200 -53.48 -24.69 22.71
C LYS B 200 -52.87 -23.57 21.88
N LYS B 201 -53.35 -22.34 22.11
CA LYS B 201 -52.94 -21.19 21.31
C LYS B 201 -51.88 -20.34 21.98
N LYS B 202 -51.88 -20.25 23.30
CA LYS B 202 -50.93 -19.39 23.99
C LYS B 202 -49.52 -19.94 23.86
N GLY B 203 -48.57 -19.04 23.64
CA GLY B 203 -47.17 -19.40 23.71
C GLY B 203 -46.58 -19.99 22.45
N ILE B 204 -46.95 -19.44 21.30
CA ILE B 204 -46.41 -19.89 20.03
C ILE B 204 -45.54 -18.84 19.36
N ALA B 205 -45.42 -17.65 19.93
CA ALA B 205 -44.62 -16.56 19.38
C ALA B 205 -43.47 -16.21 20.30
N TRP B 206 -42.34 -15.82 19.72
CA TRP B 206 -41.16 -15.46 20.50
C TRP B 206 -41.59 -14.71 21.75
N TRP B 207 -41.01 -15.05 22.89
CA TRP B 207 -41.45 -14.39 24.11
C TRP B 207 -41.23 -12.91 24.03
N THR B 208 -40.07 -12.49 23.52
CA THR B 208 -39.76 -11.08 23.42
C THR B 208 -40.81 -10.36 22.60
N ASP B 209 -40.94 -10.75 21.34
CA ASP B 209 -41.77 -9.98 20.42
C ASP B 209 -43.24 -10.24 20.58
N LYS B 210 -43.65 -10.80 21.70
CA LYS B 210 -45.02 -10.67 22.16
C LYS B 210 -45.11 -9.89 23.44
N ASN B 211 -44.12 -9.97 24.31
CA ASN B 211 -44.10 -9.22 25.54
C ASN B 211 -43.30 -7.93 25.46
N VAL B 212 -42.58 -7.70 24.37
CA VAL B 212 -41.90 -6.43 24.21
C VAL B 212 -42.28 -5.75 22.90
N LYS B 213 -41.99 -6.40 21.78
CA LYS B 213 -42.03 -5.72 20.49
C LYS B 213 -43.42 -5.49 19.95
N PHE B 214 -44.46 -5.99 20.60
CA PHE B 214 -45.84 -5.89 20.14
C PHE B 214 -46.69 -5.51 21.34
N ARG B 215 -47.19 -4.29 21.41
CA ARG B 215 -48.06 -3.90 22.50
C ARG B 215 -49.32 -3.25 21.94
N ASN B 216 -50.32 -3.10 22.77
CA ASN B 216 -51.55 -2.44 22.35
C ASN B 216 -51.48 -0.95 22.60
N PRO B 217 -52.33 -0.18 21.91
CA PRO B 217 -52.34 1.24 22.11
C PRO B 217 -52.36 1.59 23.59
N PRO B 218 -51.99 2.81 23.92
CA PRO B 218 -51.45 3.06 25.27
C PRO B 218 -52.40 2.75 26.40
N GLY B 219 -53.52 3.47 26.48
CA GLY B 219 -54.28 3.51 27.72
C GLY B 219 -55.75 3.35 27.45
N GLY B 220 -56.43 2.79 28.44
CA GLY B 220 -57.86 2.54 28.34
C GLY B 220 -58.22 1.26 29.05
N ASP B 221 -59.53 1.10 29.27
CA ASP B 221 -60.07 -0.06 29.94
C ASP B 221 -60.52 -1.15 28.98
N ASN B 222 -61.38 -0.80 28.02
CA ASN B 222 -61.79 -1.74 26.99
C ASN B 222 -60.99 -1.47 25.73
N LEU B 223 -60.59 -2.53 25.05
CA LEU B 223 -59.65 -2.43 23.96
C LEU B 223 -60.26 -1.90 22.67
N GLU B 224 -61.58 -1.75 22.61
CA GLU B 224 -62.19 -1.12 21.44
C GLU B 224 -62.21 0.39 21.53
N GLU B 225 -62.00 0.95 22.73
CA GLU B 225 -61.86 2.39 22.84
C GLU B 225 -60.52 2.85 22.29
N ARG B 226 -59.43 2.17 22.69
CA ARG B 226 -58.10 2.55 22.20
C ARG B 226 -58.05 2.57 20.69
N PHE B 227 -58.58 1.54 20.03
CA PHE B 227 -58.67 1.52 18.58
C PHE B 227 -59.91 2.33 18.17
N LYS B 228 -59.80 3.65 18.31
CA LYS B 228 -60.95 4.52 18.13
C LYS B 228 -61.05 5.11 16.72
N GLY B 229 -60.00 5.77 16.25
CA GLY B 229 -60.09 6.38 14.94
C GLY B 229 -59.50 5.54 13.84
N THR B 230 -59.59 4.22 13.96
CA THR B 230 -58.97 3.30 13.03
C THR B 230 -60.02 2.39 12.41
N THR B 231 -59.58 1.55 11.49
CA THR B 231 -60.43 0.56 10.84
C THR B 231 -59.83 -0.84 10.98
N LYS B 232 -60.39 -1.76 10.31
CA LYS B 232 -59.87 -3.09 10.17
C LYS B 232 -59.27 -3.26 8.78
N PRO B 233 -58.20 -4.02 8.59
CA PRO B 233 -57.63 -4.11 7.26
C PRO B 233 -58.67 -4.53 6.23
N VAL B 234 -58.30 -4.38 4.97
CA VAL B 234 -59.25 -4.62 3.89
C VAL B 234 -59.80 -6.04 3.97
N ASN B 235 -58.91 -7.04 3.89
CA ASN B 235 -59.29 -8.43 3.74
C ASN B 235 -59.76 -9.07 5.02
N TRP B 236 -59.52 -8.47 6.16
CA TRP B 236 -59.91 -9.15 7.38
C TRP B 236 -61.42 -9.27 7.45
N LEU B 237 -61.93 -9.76 8.57
CA LEU B 237 -63.36 -9.91 8.76
C LEU B 237 -63.86 -9.28 10.03
N LYS B 238 -63.04 -9.19 11.05
CA LYS B 238 -63.33 -8.52 12.30
C LYS B 238 -62.18 -7.59 12.62
N PRO B 239 -62.40 -6.61 13.44
CA PRO B 239 -61.32 -5.68 13.78
C PRO B 239 -60.17 -6.40 14.46
N VAL B 240 -59.10 -5.67 14.78
CA VAL B 240 -58.02 -6.27 15.56
C VAL B 240 -58.45 -6.49 16.99
N TYR B 241 -59.29 -5.63 17.53
CA TYR B 241 -59.73 -5.72 18.90
C TYR B 241 -60.81 -6.76 19.09
N MET B 242 -60.96 -7.69 18.16
CA MET B 242 -61.90 -8.78 18.31
C MET B 242 -61.31 -10.07 17.76
N LEU B 243 -59.99 -10.23 17.93
CA LEU B 243 -59.31 -11.43 17.48
C LEU B 243 -59.36 -12.56 18.50
N ASP B 244 -59.60 -12.25 19.77
CA ASP B 244 -59.69 -13.28 20.79
C ASP B 244 -60.31 -12.68 22.04
N SER B 245 -60.92 -13.55 22.85
CA SER B 245 -61.75 -13.10 23.96
C SER B 245 -60.94 -12.80 25.21
N ASP B 246 -59.84 -13.51 25.43
CA ASP B 246 -59.03 -13.27 26.61
C ASP B 246 -58.18 -12.02 26.38
N PRO B 247 -58.36 -10.96 27.15
CA PRO B 247 -57.68 -9.70 26.85
C PRO B 247 -56.18 -9.84 26.65
N ASP B 248 -55.61 -10.95 27.11
CA ASP B 248 -54.19 -11.19 26.97
C ASP B 248 -53.83 -11.77 25.62
N ASN B 249 -54.78 -11.90 24.71
CA ASN B 249 -54.54 -12.41 23.37
C ASN B 249 -55.35 -11.65 22.35
N ASN B 250 -55.62 -10.37 22.58
CA ASN B 250 -56.70 -9.71 21.86
C ASN B 250 -56.27 -9.06 20.56
N GLY B 251 -55.33 -8.12 20.61
CA GLY B 251 -55.00 -7.45 19.37
C GLY B 251 -53.67 -6.74 19.38
N PHE B 252 -52.84 -6.98 18.38
CA PHE B 252 -51.45 -6.56 18.40
C PHE B 252 -50.68 -7.48 19.33
N ILE B 253 -51.43 -8.25 20.11
CA ILE B 253 -50.88 -9.24 21.03
C ILE B 253 -51.37 -10.64 20.71
N ASN B 254 -52.43 -10.77 19.93
CA ASN B 254 -52.83 -12.06 19.41
C ASN B 254 -51.62 -12.79 18.88
N GLU B 255 -51.37 -13.98 19.44
CA GLU B 255 -50.16 -14.71 19.07
C GLU B 255 -50.19 -15.20 17.64
N ASP B 256 -51.36 -15.54 17.10
CA ASP B 256 -51.44 -15.96 15.71
C ASP B 256 -51.11 -14.81 14.78
N PHE B 257 -51.56 -13.61 15.13
CA PHE B 257 -51.15 -12.40 14.43
C PHE B 257 -49.64 -12.23 14.48
N ILE B 258 -49.10 -12.18 15.69
CA ILE B 258 -47.66 -12.00 15.90
C ILE B 258 -46.86 -13.04 15.13
N VAL B 259 -47.39 -14.25 15.01
CA VAL B 259 -46.67 -15.34 14.36
C VAL B 259 -46.77 -15.25 12.86
N TRP B 260 -47.90 -14.80 12.33
CA TRP B 260 -47.97 -14.53 10.90
C TRP B 260 -47.03 -13.42 10.51
N MET B 261 -46.89 -12.40 11.38
CA MET B 261 -46.12 -11.21 11.04
C MET B 261 -44.61 -11.37 10.96
N ARG B 262 -44.07 -12.42 11.59
CA ARG B 262 -42.64 -12.74 11.48
C ARG B 262 -42.45 -13.43 10.12
N THR B 263 -41.80 -12.77 9.15
CA THR B 263 -41.71 -13.26 7.75
C THR B 263 -40.99 -14.62 7.62
N ALA B 264 -41.40 -15.41 6.63
CA ALA B 264 -40.98 -16.81 6.35
C ALA B 264 -39.52 -17.04 5.99
N ALA B 265 -38.90 -16.16 5.20
CA ALA B 265 -37.49 -16.19 4.71
C ALA B 265 -37.27 -17.10 3.48
N LEU B 266 -38.26 -17.91 3.10
CA LEU B 266 -38.16 -18.76 1.91
C LEU B 266 -39.58 -18.91 1.42
N PRO B 267 -39.82 -19.14 0.14
CA PRO B 267 -41.20 -19.27 -0.32
C PRO B 267 -41.96 -20.39 0.36
N THR B 268 -41.39 -21.59 0.42
CA THR B 268 -42.01 -22.72 1.11
C THR B 268 -41.68 -22.65 2.58
N PHE B 269 -42.64 -22.23 3.40
CA PHE B 269 -42.38 -22.04 4.82
C PHE B 269 -43.42 -22.75 5.64
N ARG B 270 -43.39 -22.58 6.95
CA ARG B 270 -44.49 -23.05 7.77
C ARG B 270 -44.40 -22.37 9.11
N LYS B 271 -45.55 -22.13 9.71
CA LYS B 271 -45.64 -21.30 10.89
C LYS B 271 -46.36 -22.07 11.99
N LEU B 272 -45.88 -21.94 13.20
CA LEU B 272 -46.47 -22.71 14.28
C LEU B 272 -47.92 -22.29 14.46
N TYR B 273 -48.81 -23.27 14.39
CA TYR B 273 -50.24 -23.02 14.54
C TYR B 273 -50.73 -23.33 15.93
N ARG B 274 -50.58 -24.56 16.40
CA ARG B 274 -51.02 -24.92 17.73
C ARG B 274 -49.99 -25.84 18.35
N LEU B 275 -50.09 -26.03 19.65
CA LEU B 275 -49.24 -26.97 20.35
C LEU B 275 -50.10 -27.81 21.28
N ILE B 276 -50.00 -29.12 21.13
CA ILE B 276 -50.73 -30.09 21.92
C ILE B 276 -49.80 -30.58 23.02
N GLU B 277 -50.16 -30.36 24.27
CA GLU B 277 -49.27 -30.65 25.38
C GLU B 277 -49.51 -32.05 25.92
N ARG B 278 -48.41 -32.78 26.16
CA ARG B 278 -48.51 -34.14 26.64
C ARG B 278 -49.34 -34.20 27.91
N LYS B 279 -50.25 -35.17 27.97
CA LYS B 279 -51.11 -35.34 29.12
C LYS B 279 -50.36 -36.05 30.24
N SER B 280 -50.48 -35.52 31.46
CA SER B 280 -49.70 -36.03 32.59
C SER B 280 -49.92 -37.52 32.80
N ASP B 281 -51.00 -38.08 32.30
CA ASP B 281 -51.16 -39.52 32.32
C ASP B 281 -50.05 -40.19 31.53
N LEU B 282 -50.02 -41.51 31.60
CA LEU B 282 -49.01 -42.30 30.91
C LEU B 282 -49.42 -42.66 29.49
N HIS B 283 -50.26 -41.83 28.86
CA HIS B 283 -50.85 -42.04 27.55
C HIS B 283 -50.21 -41.10 26.53
N PRO B 284 -49.94 -41.57 25.31
CA PRO B 284 -49.31 -40.70 24.33
C PRO B 284 -50.22 -39.52 24.01
N THR B 285 -49.62 -38.47 23.44
CA THR B 285 -50.42 -37.32 23.05
C THR B 285 -51.39 -37.68 21.93
N LEU B 286 -50.86 -38.20 20.85
CA LEU B 286 -51.66 -38.55 19.68
C LEU B 286 -51.65 -40.05 19.48
N PRO B 287 -52.52 -40.80 20.14
CA PRO B 287 -52.52 -42.26 19.98
C PRO B 287 -52.54 -42.64 18.53
N ALA B 288 -52.04 -43.82 18.19
CA ALA B 288 -52.18 -44.28 16.82
C ALA B 288 -53.65 -44.48 16.51
N GLY B 289 -53.97 -44.54 15.22
CA GLY B 289 -55.35 -44.69 14.83
C GLY B 289 -55.74 -43.80 13.67
N ARG B 290 -57.02 -43.50 13.55
CA ARG B 290 -57.52 -42.70 12.45
C ARG B 290 -58.02 -41.36 12.98
N TYR B 291 -57.72 -40.29 12.24
CA TYR B 291 -58.05 -38.94 12.63
C TYR B 291 -58.68 -38.22 11.46
N TRP B 292 -59.55 -37.29 11.80
CA TRP B 292 -60.08 -36.28 10.89
C TRP B 292 -59.30 -34.98 11.08
N LEU B 293 -58.91 -34.38 9.99
CA LEU B 293 -58.48 -32.98 9.99
C LEU B 293 -59.57 -32.23 9.24
N ASN B 294 -60.40 -31.49 9.95
CA ASN B 294 -61.43 -30.72 9.29
C ASN B 294 -61.03 -29.25 9.24
N VAL B 295 -61.13 -28.68 8.04
CA VAL B 295 -60.62 -27.36 7.71
C VAL B 295 -61.82 -26.47 7.42
N THR B 296 -61.85 -25.30 8.04
CA THR B 296 -62.76 -24.23 7.63
C THR B 296 -62.03 -23.42 6.56
N TYR B 297 -62.00 -23.98 5.37
CA TYR B 297 -61.21 -23.43 4.28
C TYR B 297 -61.64 -22.01 3.97
N ASN B 298 -60.81 -21.04 4.35
CA ASN B 298 -60.99 -19.61 4.14
C ASN B 298 -59.95 -19.02 3.21
N TYR B 299 -58.70 -19.40 3.38
CA TYR B 299 -57.58 -18.72 2.77
C TYR B 299 -57.37 -19.27 1.37
N PRO B 300 -57.48 -18.46 0.34
CA PRO B 300 -57.27 -18.97 -1.01
C PRO B 300 -55.84 -18.90 -1.48
N VAL B 301 -55.26 -20.03 -1.85
CA VAL B 301 -53.93 -20.09 -2.45
C VAL B 301 -53.96 -20.69 -3.83
N HIS B 302 -55.12 -21.08 -4.34
CA HIS B 302 -55.20 -21.65 -5.67
C HIS B 302 -54.69 -20.67 -6.71
N TYR B 303 -54.85 -19.37 -6.47
CA TYR B 303 -54.55 -18.35 -7.46
C TYR B 303 -53.08 -18.35 -7.83
N PHE B 304 -52.22 -18.03 -6.87
CA PHE B 304 -50.80 -17.95 -7.13
C PHE B 304 -50.14 -19.29 -7.11
N ASP B 305 -50.91 -20.38 -7.18
CA ASP B 305 -50.37 -21.72 -7.39
C ASP B 305 -49.63 -22.22 -6.15
N GLY B 306 -50.26 -22.07 -4.98
CA GLY B 306 -49.66 -22.47 -3.74
C GLY B 306 -50.30 -23.73 -3.19
N ARG B 307 -49.69 -24.24 -2.13
CA ARG B 307 -50.16 -25.39 -1.41
C ARG B 307 -50.44 -25.01 0.03
N LYS B 308 -51.33 -25.76 0.67
CA LYS B 308 -51.62 -25.59 2.09
C LYS B 308 -51.48 -26.95 2.73
N ARG B 309 -50.71 -27.05 3.80
CA ARG B 309 -50.44 -28.32 4.44
C ARG B 309 -50.56 -28.15 5.94
N MET B 310 -51.01 -29.20 6.61
CA MET B 310 -51.00 -29.25 8.07
C MET B 310 -50.02 -30.31 8.50
N ILE B 311 -49.12 -29.94 9.40
CA ILE B 311 -47.99 -30.76 9.78
C ILE B 311 -48.07 -30.99 11.27
N LEU B 312 -48.10 -32.24 11.69
CA LEU B 312 -48.01 -32.59 13.09
C LEU B 312 -46.64 -33.19 13.33
N SER B 313 -45.89 -32.64 14.27
CA SER B 313 -44.52 -33.05 14.45
C SER B 313 -44.17 -33.08 15.93
N THR B 314 -43.06 -33.73 16.24
CA THR B 314 -42.52 -33.82 17.58
C THR B 314 -41.13 -33.23 17.58
N ILE B 315 -40.76 -32.53 18.66
CA ILE B 315 -39.54 -31.74 18.69
C ILE B 315 -38.54 -32.42 19.61
N SER B 316 -37.27 -32.33 19.25
CA SER B 316 -36.17 -32.93 19.99
C SER B 316 -35.30 -31.83 20.58
N TRP B 317 -34.14 -32.21 21.12
CA TRP B 317 -33.22 -31.16 21.55
C TRP B 317 -32.74 -30.32 20.38
N MET B 318 -33.01 -30.74 19.16
CA MET B 318 -32.42 -30.12 17.99
C MET B 318 -33.43 -29.47 17.07
N GLY B 319 -34.71 -29.49 17.40
CA GLY B 319 -35.67 -28.89 16.52
C GLY B 319 -36.71 -29.86 16.00
N GLY B 320 -36.66 -30.15 14.72
CA GLY B 320 -37.57 -31.08 14.12
C GLY B 320 -36.84 -32.01 13.18
N LYS B 321 -37.60 -32.85 12.49
CA LYS B 321 -37.02 -33.80 11.57
C LYS B 321 -36.35 -33.07 10.43
N ASN B 322 -35.05 -33.10 10.40
CA ASN B 322 -34.26 -32.54 9.32
C ASN B 322 -32.94 -33.28 9.30
N PRO B 323 -32.67 -34.08 8.27
CA PRO B 323 -31.46 -34.92 8.28
C PRO B 323 -30.20 -34.19 7.89
N PHE B 324 -30.26 -32.96 7.41
CA PHE B 324 -29.07 -32.29 6.89
C PHE B 324 -27.96 -32.30 7.91
N LEU B 325 -28.26 -31.98 9.16
CA LEU B 325 -27.19 -31.87 10.14
C LEU B 325 -26.47 -33.19 10.33
N GLY B 326 -27.22 -34.27 10.54
CA GLY B 326 -26.63 -35.58 10.66
C GLY B 326 -25.83 -36.01 9.45
N ILE B 327 -26.44 -36.03 8.28
CA ILE B 327 -25.71 -36.50 7.11
C ILE B 327 -24.52 -35.62 6.82
N ALA B 328 -24.60 -34.32 7.10
CA ALA B 328 -23.51 -33.42 6.79
C ALA B 328 -22.35 -33.61 7.75
N TYR B 329 -22.64 -33.75 9.05
CA TYR B 329 -21.59 -34.07 10.00
C TYR B 329 -20.91 -35.38 9.65
N ILE B 330 -21.69 -36.39 9.28
CA ILE B 330 -21.10 -37.69 8.96
C ILE B 330 -20.27 -37.61 7.69
N ALA B 331 -20.74 -36.89 6.68
CA ALA B 331 -19.95 -36.78 5.45
C ALA B 331 -18.66 -36.01 5.69
N VAL B 332 -18.70 -34.96 6.50
CA VAL B 332 -17.49 -34.20 6.77
C VAL B 332 -16.52 -35.01 7.62
N GLY B 333 -17.01 -35.71 8.63
CA GLY B 333 -16.18 -36.54 9.45
C GLY B 333 -15.78 -37.87 8.86
N SER B 334 -16.30 -38.23 7.71
CA SER B 334 -15.80 -39.39 6.99
C SER B 334 -15.06 -39.01 5.73
N ILE B 335 -14.99 -37.72 5.40
CA ILE B 335 -14.03 -37.26 4.41
C ILE B 335 -12.75 -36.80 5.07
N SER B 336 -12.84 -36.12 6.23
CA SER B 336 -11.63 -35.79 6.95
C SER B 336 -10.87 -37.04 7.33
N PHE B 337 -11.58 -38.09 7.75
CA PHE B 337 -10.88 -39.31 8.13
C PHE B 337 -10.28 -40.02 6.94
N LEU B 338 -10.96 -40.02 5.80
CA LEU B 338 -10.35 -40.60 4.61
C LEU B 338 -9.08 -39.88 4.22
N LEU B 339 -9.08 -38.55 4.29
CA LEU B 339 -7.85 -37.82 3.99
C LEU B 339 -6.77 -38.12 5.02
N GLY B 340 -7.14 -38.19 6.30
CA GLY B 340 -6.16 -38.51 7.32
C GLY B 340 -5.53 -39.87 7.13
N VAL B 341 -6.31 -40.84 6.67
CA VAL B 341 -5.78 -42.16 6.40
C VAL B 341 -4.88 -42.14 5.17
N VAL B 342 -5.30 -41.45 4.12
CA VAL B 342 -4.43 -41.35 2.95
C VAL B 342 -3.09 -40.72 3.35
N LEU B 343 -3.12 -39.75 4.26
CA LEU B 343 -1.88 -39.07 4.64
C LEU B 343 -1.00 -39.93 5.54
N LEU B 344 -1.57 -40.56 6.55
CA LEU B 344 -0.79 -41.48 7.36
C LEU B 344 -0.17 -42.56 6.49
N VAL B 345 -0.94 -43.11 5.56
CA VAL B 345 -0.39 -44.08 4.61
C VAL B 345 0.80 -43.47 3.88
N ILE B 346 0.56 -42.39 3.13
CA ILE B 346 1.63 -41.78 2.32
C ILE B 346 2.90 -41.65 3.15
N ASN B 347 2.82 -40.95 4.29
CA ASN B 347 4.05 -40.63 4.99
C ASN B 347 4.60 -41.82 5.79
N HIS B 348 3.87 -42.27 6.82
CA HIS B 348 4.43 -43.31 7.67
C HIS B 348 4.74 -44.59 6.91
N LYS B 349 4.18 -44.77 5.70
CA LYS B 349 4.61 -45.83 4.81
C LYS B 349 5.73 -45.37 3.89
N TYR B 350 5.85 -44.06 3.67
CA TYR B 350 6.95 -43.53 2.86
C TYR B 350 7.90 -42.70 3.71
C1 NAG C . -59.80 -15.02 4.99
C2 NAG C . -61.03 -14.13 5.04
C3 NAG C . -61.49 -13.76 3.65
C4 NAG C . -60.34 -13.22 2.83
C5 NAG C . -59.29 -14.31 2.80
C6 NAG C . -58.15 -14.01 1.84
C7 NAG C . -62.45 -14.74 6.96
C8 NAG C . -61.77 -13.69 7.77
N2 NAG C . -62.13 -14.83 5.67
O3 NAG C . -62.50 -12.77 3.79
O4 NAG C . -60.76 -12.97 1.49
O5 NAG C . -58.82 -14.48 4.12
O6 NAG C . -57.11 -13.28 2.51
O7 NAG C . -63.27 -15.50 7.44
C1 NAG C . -60.89 -11.56 1.24
C2 NAG C . -61.10 -11.34 -0.26
C3 NAG C . -61.71 -9.98 -0.57
C4 NAG C . -62.94 -9.98 0.30
C5 NAG C . -62.46 -9.75 1.70
C6 NAG C . -63.63 -9.39 2.60
C7 NAG C . -59.56 -12.72 -1.52
C8 NAG C . -60.69 -13.71 -1.64
N2 NAG C . -59.86 -11.56 -0.98
O3 NAG C . -62.11 -9.92 -1.93
O4 NAG C . -63.95 -9.03 -0.04
O5 NAG C . -61.91 -11.00 2.07
O6 NAG C . -63.34 -9.79 3.94
O7 NAG C . -58.45 -12.99 -1.94
C1 MAN C . -61.41 -8.93 -2.70
C2 MAN C . -61.09 -7.64 -1.93
C3 MAN C . -62.32 -6.78 -1.66
C4 MAN C . -63.36 -6.79 -2.78
C5 MAN C . -63.46 -8.14 -3.48
C6 MAN C . -64.34 -8.02 -4.73
O2 MAN C . -60.14 -6.87 -2.68
O3 MAN C . -61.93 -5.43 -1.39
O4 MAN C . -64.64 -6.50 -2.21
O5 MAN C . -62.16 -8.58 -3.86
O6 MAN C . -63.99 -9.02 -5.70
AL ALF D . 31.78 5.44 -9.25
F1 ALF D . 30.77 6.03 -10.60
F2 ALF D . 32.80 4.80 -7.93
F3 ALF D . 30.95 6.55 -8.11
F4 ALF D . 32.61 4.32 -10.36
PB ADP E . 35.04 6.16 -9.80
O1B ADP E . 34.07 5.06 -9.47
O2B ADP E . 36.16 5.71 -10.69
O3B ADP E . 35.53 6.90 -8.60
PA ADP E . 34.42 8.81 -10.73
O1A ADP E . 33.54 9.33 -11.81
O2A ADP E . 34.33 9.40 -9.36
O3A ADP E . 34.19 7.24 -10.61
O5' ADP E . 35.92 8.86 -11.22
C5' ADP E . 36.10 8.45 -12.57
C4' ADP E . 37.56 8.54 -12.95
O4' ADP E . 38.02 9.90 -12.83
C3' ADP E . 38.54 7.74 -12.10
O3' ADP E . 38.64 6.38 -12.48
C2' ADP E . 39.85 8.48 -12.38
O2' ADP E . 40.38 8.05 -13.61
C1' ADP E . 39.38 9.93 -12.45
N9 ADP E . 39.49 10.69 -11.23
C8 ADP E . 38.76 10.55 -10.07
N7 ADP E . 39.05 11.43 -9.15
C5 ADP E . 40.01 12.24 -9.75
C6 ADP E . 40.71 13.37 -9.30
N6 ADP E . 40.52 13.91 -8.11
N1 ADP E . 41.58 13.94 -10.15
C2 ADP E . 41.75 13.40 -11.35
N3 ADP E . 41.15 12.35 -11.89
C4 ADP E . 40.28 11.79 -11.03
H5'1 ADP E . 35.57 9.01 -13.16
H5'2 ADP E . 35.79 7.52 -12.67
H4' ADP E . 37.65 8.25 -13.87
H3' ADP E . 38.31 7.82 -11.16
HO3' ADP E . 39.29 6.04 -12.05
H2' ADP E . 40.50 8.36 -11.65
HO2' ADP E . 40.51 7.22 -13.57
H1' ADP E . 39.89 10.37 -13.15
H8 ADP E . 38.14 9.87 -9.94
HN61 ADP E . 41.02 14.58 -7.86
HN62 ADP E . 39.88 13.61 -7.59
H2 ADP E . 42.38 13.82 -11.90
MG MG F . 25.64 2.98 -5.02
MG MG G . 35.43 9.43 -7.89
C1 NAG H . -64.97 -32.29 11.35
C2 NAG H . -66.08 -31.27 11.46
C3 NAG H . -67.33 -32.11 11.65
C4 NAG H . -67.51 -32.91 10.38
C5 NAG H . -66.25 -33.70 10.04
C6 NAG H . -66.48 -34.37 8.70
C7 NAG H . -66.79 -29.54 12.97
C8 NAG H . -66.79 -28.24 12.23
N2 NAG H . -65.85 -30.39 12.57
O3 NAG H . -68.50 -31.32 11.87
O4 NAG H . -68.59 -33.82 10.53
O5 NAG H . -65.05 -32.89 10.06
O6 NAG H . -67.87 -34.67 8.64
O7 NAG H . -67.57 -29.81 13.85
C1 NAG I . -62.45 -42.08 5.53
C2 NAG I . -63.74 -41.65 6.24
C3 NAG I . -64.94 -41.72 5.31
C4 NAG I . -64.64 -40.99 4.02
C5 NAG I . -63.38 -41.55 3.40
C6 NAG I . -63.07 -40.82 2.10
C7 NAG I . -64.25 -42.10 8.59
C8 NAG I . -65.52 -41.32 8.72
N2 NAG I . -63.96 -42.54 7.36
O3 NAG I . -66.06 -41.12 5.96
O5 NAG I . -62.29 -41.39 4.29
O6 NAG I . -62.03 -41.51 1.39
O7 NAG I . -63.53 -42.33 9.53
#